data_7KAK
#
_entry.id   7KAK
#
_cell.length_a   1.00
_cell.length_b   1.00
_cell.length_c   1.00
_cell.angle_alpha   90.00
_cell.angle_beta   90.00
_cell.angle_gamma   90.00
#
_symmetry.space_group_name_H-M   'P 1'
#
loop_
_entity.id
_entity.type
_entity.pdbx_description
1 polymer 'Protein transport channel Sec61 complex, alpha subunit (Sec61)'
2 polymer 'Protein transport channel Sec61 complex, gamma subunit (Sss1)'
3 polymer 'Protein transport channel Sec61 complex, beta subunit (Sbh1)'
4 polymer 'Protein transport protein Sec63'
5 polymer 'Protein transport protein Sec66/Sec71'
6 polymer 'Protein transport protein Sec72'
#
loop_
_entity_poly.entity_id
_entity_poly.type
_entity_poly.pdbx_seq_one_letter_code
_entity_poly.pdbx_strand_id
1 'polypeptide(L)'
;MSGLRFLDLIKPFTPLLPEVAAPETKVPFNQKLMWTGLTLLIFLVMSQMPLYGIVSSDTSDPLYWLRMMLASNRGTLMEL
GITPIISSGMVFQLLAGTHLIDVNLDLKTDRELYQTAQKLFAIILSFGQACVHVLTGLYGQPSDLGAGICVLLIVQLVVA
GLVVILLDELLQKGYGLGSGISLFIATNICESIVWKAFSPTTINTGRGPEFEGAIIALFHLLLTWPDKQRALREAFYRQS
LPNIMNLLATLLVFAAVIYLQGFRVEIPVKSARQRGVRGSYPVRLFYTSNMPIMLQSALCSNVFLISQMLYSRFSDNLLV
RLLGVWEPREGSAQLHAASGIAYYMSPPLNFKEALLDPVHTVVYITFMLVACALFSKTWIEVSGSSPRDVAKQLKDQGLV
MAGHREQSMYKELKRVIPTAAAFGGACIGALSVASDLLGALGSGTGILLAVTIIYGYFEMAAREGDFGQGLRGLVPGNGS
;
A
2 'polypeptide(L)' MSEQVQELLDIPRDFLKDGMQFIHKCQKPDRKEFKKVCQAVAIGFVAMGAIGYIVKLVHIPINNILVAGS C
3 'polypeptide(L)'
;MASSGAESGSESKSPNPGAGSGPGSASGSSAGVIRPSSPTPPGGPRAAIRRRAAADHKESLRNARPSSTRAAGAGGSSGT
MLKLYTDESPGLRVDPVVVLVLSLCFIFSVVGLHVIAKITRKFSS
;
B
4 'polypeptide(L)'
;GGSGGSGGSGGSGGSMSSREYNYDENGQFFPFFVLTLTGLVTLPLTYSLLKPPKKVESTAPRIKSDFKPQHDDIIQNQKR
KRLRKERRVKRAIAVVVGWAIIGYMVYLIIVTRRTAPKIWDPYEILGISRSADERAIARRYKRLSLLYHPDKVRPDPSKN
ETMEMLNQRFVELTKAYKALTDEEIRNNYLQYGHPDGKQSYSIGIALPKLIIEEGSGKYVLMLYASLLGILLPYIVGRWW
YGSQRYTREKVLAASAGNMFREYEGTMIGGPIVNALSTGEEYKEMLSGPKAEEGLAKVEKKVLALDEKILSAKDREVLRK
IDNPVRRKALALLWAYLNRIDLEDPVLNEEKYEAGSIALSLTESFTAIALAFGNLIPIIGAYRISQCIVQAISPGSSPLL
QLPYFTPKVVESVEGADVKTHLSVQKYLDMPEERRRSLTVGPGLLTEDQYNSAIAVAKQLPLFAISKAFFKVAGERVVTP
SSLVQLVIKGRIIPPGSTGVPDVTEKDLEDIDPDEADVNAIIGRKGATKPSGKSGDENDGDRVQPPLAHAPYLPRDHPPR
WHIFLADAKQGKIAVPPFTFTTFDKPIFDEQGKPTFNMQTLRMQFQAPPQVGNFSFVLHMISDSYMGFDVKQEITLQVED
PSKAAVLQEEDDISEPDEDSIAGQMQALKTGVPPKKKKVVESDDDESDTEGDEEDTSETDTETDTDEEGSGTGENLYFQ
;
D
5 'polypeptide(L)'
;MDWLTLVVPFAYLGVLIGCLATFSSLYRRRKAAKAASLEPWFPPHLQRDIYHSLLHLDQQQQNEKKTRVPETVLKAALLR
RAAEDIKRVMAIREQKQALALLLQRGSVGDELWQRFLRAEKEMEDEVRDVVAEANSYAPNWGQVIFQSAREMDANATYRA
RMEEYQATVAEERAWWDKKRASIQEGFMKELDAEKERPATAASTATNTTSTTSDDDAVLVEAEKEGTSSPAPGKKKKKGK
KGS
;
E
6 'polypeptide(L)'
;MSSDLDTYTHYPLHLDPSSKAVSLATTEGQTPAQTEAVEAELQQLNALHRSLISLDPPNVPPPPLPINPKRSAQITKLKE
TANTAYKRGNHGEAVRLYSYAIEMAAGRPGWEPVNLAREELSGLYANRAQAHMAQQMWPEGWVDAKCSVESKPVGNAKGW
WRGGKCLVEMGRYDEARAWIEQALGIEGPASDGGKELAALLEEIKAGSQRRQGS
;
F
#
# COMPACT_ATOMS: atom_id res chain seq x y z
N LEU A 9 -1.98 16.99 -38.05
CA LEU A 9 -3.12 16.98 -38.97
C LEU A 9 -4.31 16.26 -38.34
N ILE A 10 -4.08 15.65 -37.18
CA ILE A 10 -5.09 14.87 -36.49
C ILE A 10 -5.40 15.51 -35.14
N LYS A 11 -5.20 16.83 -35.04
CA LYS A 11 -5.48 17.53 -33.80
C LYS A 11 -6.96 17.58 -33.45
N PRO A 12 -7.88 17.94 -34.36
CA PRO A 12 -9.29 18.10 -33.93
C PRO A 12 -9.94 16.82 -33.43
N PHE A 13 -9.45 15.65 -33.81
CA PHE A 13 -10.02 14.39 -33.33
C PHE A 13 -9.61 14.07 -31.90
N THR A 14 -8.74 14.88 -31.28
CA THR A 14 -8.25 14.54 -29.95
C THR A 14 -9.32 14.70 -28.87
N PRO A 15 -10.00 15.84 -28.73
CA PRO A 15 -10.95 15.98 -27.61
C PRO A 15 -12.20 15.10 -27.74
N LEU A 16 -12.50 14.61 -28.95
CA LEU A 16 -13.73 13.84 -29.13
C LEU A 16 -13.59 12.42 -28.59
N LEU A 17 -12.44 11.78 -28.83
CA LEU A 17 -12.18 10.39 -28.50
C LEU A 17 -12.32 10.12 -27.00
N PRO A 18 -13.19 9.21 -26.59
CA PRO A 18 -13.24 8.82 -25.18
C PRO A 18 -12.00 8.03 -24.77
N GLU A 19 -11.57 8.25 -23.53
CA GLU A 19 -10.40 7.59 -22.97
C GLU A 19 -10.56 7.50 -21.46
N VAL A 20 -10.07 6.40 -20.88
CA VAL A 20 -10.18 6.21 -19.44
C VAL A 20 -9.30 7.22 -18.71
N ALA A 21 -9.73 7.61 -17.52
CA ALA A 21 -8.96 8.54 -16.71
C ALA A 21 -7.74 7.84 -16.12
N ALA A 22 -6.68 8.61 -15.92
CA ALA A 22 -5.45 8.08 -15.34
C ALA A 22 -5.62 7.86 -13.85
N PRO A 23 -4.94 6.86 -13.28
CA PRO A 23 -5.05 6.62 -11.84
C PRO A 23 -4.43 7.76 -11.05
N GLU A 24 -5.07 8.10 -9.93
CA GLU A 24 -4.57 9.17 -9.08
C GLU A 24 -3.22 8.80 -8.48
N THR A 25 -3.17 7.70 -7.74
CA THR A 25 -1.95 7.20 -7.12
C THR A 25 -1.68 5.78 -7.62
N LYS A 26 -0.59 5.20 -7.13
CA LYS A 26 -0.26 3.82 -7.46
C LYS A 26 -1.24 2.88 -6.76
N VAL A 27 -1.96 2.09 -7.54
CA VAL A 27 -2.99 1.20 -6.99
C VAL A 27 -2.33 -0.01 -6.36
N PRO A 28 -2.90 -0.58 -5.29
CA PRO A 28 -2.29 -1.76 -4.67
C PRO A 28 -2.40 -3.00 -5.54
N PHE A 29 -1.95 -4.14 -5.02
CA PHE A 29 -1.96 -5.36 -5.81
C PHE A 29 -3.33 -6.05 -5.78
N ASN A 30 -3.98 -6.06 -4.62
CA ASN A 30 -5.27 -6.74 -4.51
C ASN A 30 -6.33 -6.07 -5.38
N GLN A 31 -6.38 -4.74 -5.37
CA GLN A 31 -7.35 -4.03 -6.19
C GLN A 31 -7.07 -4.25 -7.68
N LYS A 32 -5.79 -4.29 -8.06
CA LYS A 32 -5.44 -4.56 -9.44
C LYS A 32 -5.89 -5.96 -9.87
N LEU A 33 -5.66 -6.95 -8.99
CA LEU A 33 -6.11 -8.30 -9.28
C LEU A 33 -7.63 -8.36 -9.40
N MET A 34 -8.34 -7.59 -8.56
CA MET A 34 -9.79 -7.56 -8.64
C MET A 34 -10.26 -6.95 -9.95
N TRP A 35 -9.62 -5.85 -10.38
CA TRP A 35 -9.96 -5.25 -11.67
C TRP A 35 -9.74 -6.25 -12.80
N THR A 36 -8.61 -6.96 -12.78
CA THR A 36 -8.32 -7.93 -13.83
C THR A 36 -9.36 -9.04 -13.84
N GLY A 37 -9.68 -9.60 -12.66
CA GLY A 37 -10.66 -10.67 -12.61
C GLY A 37 -12.03 -10.24 -13.07
N LEU A 38 -12.44 -9.02 -12.70
CA LEU A 38 -13.76 -8.54 -13.10
C LEU A 38 -13.82 -8.30 -14.60
N THR A 39 -12.76 -7.72 -15.18
CA THR A 39 -12.73 -7.52 -16.62
C THR A 39 -12.74 -8.87 -17.35
N LEU A 40 -12.04 -9.86 -16.82
CA LEU A 40 -12.04 -11.18 -17.45
C LEU A 40 -13.43 -11.81 -17.39
N LEU A 41 -14.10 -11.71 -16.25
CA LEU A 41 -15.45 -12.26 -16.14
C LEU A 41 -16.41 -11.55 -17.10
N ILE A 42 -16.28 -10.23 -17.23
CA ILE A 42 -17.13 -9.50 -18.16
C ILE A 42 -16.87 -9.96 -19.60
N PHE A 43 -15.60 -10.09 -19.97
CA PHE A 43 -15.27 -10.55 -21.31
C PHE A 43 -15.85 -11.92 -21.58
N LEU A 44 -15.74 -12.84 -20.62
CA LEU A 44 -16.23 -14.19 -20.83
C LEU A 44 -17.75 -14.22 -20.95
N VAL A 45 -18.45 -13.57 -20.02
CA VAL A 45 -19.91 -13.55 -20.06
C VAL A 45 -20.42 -12.83 -21.29
N MET A 46 -19.62 -11.92 -21.86
CA MET A 46 -20.03 -11.29 -23.11
C MET A 46 -19.78 -12.20 -24.30
N SER A 47 -18.68 -12.96 -24.27
CA SER A 47 -18.38 -13.89 -25.36
C SER A 47 -19.33 -15.08 -25.38
N GLN A 48 -20.00 -15.37 -24.26
CA GLN A 48 -20.95 -16.47 -24.21
C GLN A 48 -22.40 -16.02 -24.43
N MET A 49 -22.60 -14.90 -25.11
CA MET A 49 -23.94 -14.39 -25.37
C MET A 49 -24.18 -14.31 -26.87
N PRO A 50 -25.31 -14.81 -27.36
CA PRO A 50 -25.55 -14.84 -28.80
C PRO A 50 -26.10 -13.53 -29.34
N LEU A 51 -25.96 -13.37 -30.65
CA LEU A 51 -26.50 -12.21 -31.35
C LEU A 51 -28.00 -12.37 -31.54
N TYR A 52 -28.63 -11.45 -32.26
CA TYR A 52 -30.07 -11.48 -32.49
C TYR A 52 -30.44 -11.85 -33.92
N GLY A 53 -29.74 -11.29 -34.91
CA GLY A 53 -30.11 -11.52 -36.29
C GLY A 53 -29.66 -12.87 -36.85
N ILE A 54 -29.37 -13.82 -35.97
CA ILE A 54 -28.95 -15.14 -36.42
C ILE A 54 -30.16 -15.91 -36.91
N VAL A 55 -30.16 -16.26 -38.20
CA VAL A 55 -31.23 -17.02 -38.82
C VAL A 55 -30.74 -18.34 -39.40
N SER A 56 -29.54 -18.35 -39.97
CA SER A 56 -28.98 -19.54 -40.61
C SER A 56 -27.55 -19.73 -40.09
N SER A 57 -27.36 -20.76 -39.27
CA SER A 57 -26.05 -21.05 -38.69
C SER A 57 -25.43 -22.32 -39.26
N ASP A 58 -26.03 -22.91 -40.30
CA ASP A 58 -25.51 -24.13 -40.92
C ASP A 58 -24.72 -23.72 -42.16
N THR A 59 -23.47 -23.34 -41.93
CA THR A 59 -22.58 -22.90 -43.01
C THR A 59 -21.14 -23.12 -42.57
N SER A 60 -20.29 -23.50 -43.52
CA SER A 60 -18.88 -23.71 -43.21
C SER A 60 -18.27 -22.44 -42.61
N ASP A 61 -17.58 -22.61 -41.50
CA ASP A 61 -17.04 -21.49 -40.74
C ASP A 61 -15.84 -20.89 -41.46
N PRO A 62 -15.93 -19.64 -41.94
CA PRO A 62 -14.76 -19.03 -42.57
C PRO A 62 -13.73 -18.63 -41.53
N LEU A 63 -12.47 -18.59 -41.96
CA LEU A 63 -11.32 -18.34 -41.10
C LEU A 63 -11.43 -19.12 -39.80
N TYR A 64 -11.89 -20.37 -39.89
CA TYR A 64 -12.09 -21.19 -38.70
C TYR A 64 -10.80 -21.48 -37.97
N TRP A 65 -9.67 -21.49 -38.68
CA TRP A 65 -8.37 -21.71 -38.05
C TRP A 65 -7.80 -20.46 -37.40
N LEU A 66 -8.61 -19.40 -37.26
CA LEU A 66 -8.18 -18.18 -36.59
C LEU A 66 -8.86 -17.94 -35.25
N ARG A 67 -9.90 -18.73 -34.93
CA ARG A 67 -10.61 -18.53 -33.66
C ARG A 67 -9.69 -18.76 -32.47
N MET A 68 -8.84 -19.80 -32.54
CA MET A 68 -7.98 -20.12 -31.42
C MET A 68 -6.93 -19.04 -31.21
N MET A 69 -6.37 -18.50 -32.29
CA MET A 69 -5.32 -17.49 -32.16
C MET A 69 -5.89 -16.12 -31.81
N LEU A 70 -7.10 -15.80 -32.28
CA LEU A 70 -7.72 -14.52 -31.98
C LEU A 70 -8.63 -14.59 -30.76
N ALA A 71 -8.86 -15.77 -30.20
CA ALA A 71 -9.66 -15.95 -28.98
C ALA A 71 -11.05 -15.37 -29.15
N SER A 72 -11.71 -15.74 -30.23
CA SER A 72 -13.05 -15.27 -30.55
C SER A 72 -14.01 -16.45 -30.62
N ASN A 73 -15.25 -16.16 -30.99
CA ASN A 73 -16.29 -17.18 -31.11
C ASN A 73 -17.23 -16.77 -32.23
N ARG A 74 -17.77 -17.77 -32.92
CA ARG A 74 -18.65 -17.53 -34.06
C ARG A 74 -20.10 -17.45 -33.60
N GLY A 75 -20.81 -16.44 -34.08
CA GLY A 75 -22.21 -16.28 -33.75
C GLY A 75 -22.49 -15.69 -32.38
N THR A 76 -21.49 -15.05 -31.77
CA THR A 76 -21.65 -14.44 -30.46
C THR A 76 -21.29 -12.96 -30.54
N LEU A 77 -21.41 -12.28 -29.40
CA LEU A 77 -21.12 -10.84 -29.36
C LEU A 77 -19.65 -10.54 -29.55
N MET A 78 -18.77 -11.52 -29.40
CA MET A 78 -17.33 -11.31 -29.49
C MET A 78 -16.75 -11.86 -30.80
N GLU A 79 -17.48 -11.70 -31.91
CA GLU A 79 -17.02 -12.26 -33.18
C GLU A 79 -15.70 -11.63 -33.63
N LEU A 80 -15.56 -10.31 -33.46
CA LEU A 80 -14.40 -9.60 -33.98
C LEU A 80 -13.88 -8.60 -32.95
N GLY A 81 -14.06 -8.91 -31.67
CA GLY A 81 -13.63 -7.99 -30.63
C GLY A 81 -12.14 -7.79 -30.57
N ILE A 82 -11.38 -8.86 -30.81
CA ILE A 82 -9.93 -8.82 -30.60
C ILE A 82 -9.15 -8.27 -31.80
N THR A 83 -9.67 -8.44 -33.01
CA THR A 83 -8.90 -8.06 -34.19
C THR A 83 -8.52 -6.59 -34.26
N PRO A 84 -9.38 -5.62 -33.91
CA PRO A 84 -8.97 -4.21 -34.08
C PRO A 84 -7.86 -3.79 -33.14
N ILE A 85 -7.87 -4.27 -31.90
CA ILE A 85 -6.85 -3.86 -30.93
C ILE A 85 -5.47 -4.28 -31.41
N ILE A 86 -5.33 -5.52 -31.86
CA ILE A 86 -4.02 -6.00 -32.32
C ILE A 86 -3.67 -5.37 -33.67
N SER A 87 -4.67 -5.21 -34.54
CA SER A 87 -4.38 -4.71 -35.88
C SER A 87 -3.90 -3.26 -35.86
N SER A 88 -4.52 -2.43 -35.00
CA SER A 88 -4.10 -1.03 -34.91
C SER A 88 -2.63 -0.93 -34.52
N GLY A 89 -2.22 -1.65 -33.49
CA GLY A 89 -0.82 -1.63 -33.10
C GLY A 89 0.09 -2.21 -34.17
N MET A 90 -0.34 -3.30 -34.81
CA MET A 90 0.51 -3.95 -35.80
C MET A 90 0.74 -3.08 -37.01
N VAL A 91 -0.23 -2.23 -37.38
CA VAL A 91 -0.01 -1.33 -38.49
C VAL A 91 0.70 -0.04 -38.06
N PHE A 92 0.46 0.41 -36.82
CA PHE A 92 1.04 1.67 -36.40
C PHE A 92 2.53 1.52 -36.08
N GLN A 93 2.94 0.38 -35.51
CA GLN A 93 4.37 0.12 -35.35
C GLN A 93 5.08 0.13 -36.69
N LEU A 94 4.47 -0.46 -37.72
CA LEU A 94 5.09 -0.50 -39.04
C LEU A 94 5.17 0.90 -39.66
N LEU A 95 4.09 1.68 -39.57
CA LEU A 95 4.12 3.01 -40.16
C LEU A 95 5.05 3.94 -39.39
N ALA A 96 5.28 3.69 -38.09
CA ALA A 96 6.24 4.46 -37.34
C ALA A 96 7.67 4.07 -37.70
N GLY A 97 7.92 2.78 -37.89
CA GLY A 97 9.24 2.34 -38.30
C GLY A 97 9.60 2.76 -39.71
N THR A 98 8.60 2.88 -40.58
CA THR A 98 8.86 3.34 -41.95
C THR A 98 8.89 4.85 -42.04
N HIS A 99 8.07 5.55 -41.25
CA HIS A 99 8.00 7.00 -41.24
C HIS A 99 7.71 7.57 -42.63
N ASP A 106 9.19 11.22 -29.01
CA ASP A 106 8.75 12.56 -29.41
C ASP A 106 8.07 13.27 -28.25
N LEU A 107 7.44 14.40 -28.55
CA LEU A 107 6.75 15.18 -27.53
C LEU A 107 5.39 14.57 -27.22
N LYS A 108 4.87 14.92 -26.04
CA LYS A 108 3.56 14.41 -25.62
C LYS A 108 2.44 14.96 -26.49
N THR A 109 2.59 16.19 -26.99
CA THR A 109 1.58 16.77 -27.86
C THR A 109 1.45 16.00 -29.17
N ASP A 110 2.50 15.28 -29.58
CA ASP A 110 2.41 14.40 -30.74
C ASP A 110 1.99 12.98 -30.36
N ARG A 111 2.38 12.52 -29.17
CA ARG A 111 1.99 11.18 -28.73
C ARG A 111 0.49 11.09 -28.49
N GLU A 112 -0.13 12.16 -27.98
CA GLU A 112 -1.59 12.16 -27.83
C GLU A 112 -2.28 12.01 -29.18
N LEU A 113 -1.81 12.76 -30.18
CA LEU A 113 -2.37 12.63 -31.52
C LEU A 113 -2.13 11.24 -32.09
N TYR A 114 -0.96 10.66 -31.82
CA TYR A 114 -0.65 9.31 -32.27
C TYR A 114 -1.64 8.30 -31.68
N GLN A 115 -1.88 8.40 -30.38
CA GLN A 115 -2.83 7.50 -29.72
C GLN A 115 -4.23 7.68 -30.26
N THR A 116 -4.65 8.93 -30.49
CA THR A 116 -5.98 9.17 -31.04
C THR A 116 -6.12 8.57 -32.43
N ALA A 117 -5.10 8.74 -33.27
CA ALA A 117 -5.13 8.15 -34.61
C ALA A 117 -5.16 6.63 -34.54
N GLN A 118 -4.42 6.06 -33.58
CA GLN A 118 -4.44 4.60 -33.42
C GLN A 118 -5.84 4.11 -33.07
N LYS A 119 -6.49 4.76 -32.10
CA LYS A 119 -7.83 4.34 -31.71
C LYS A 119 -8.83 4.55 -32.84
N LEU A 120 -8.68 5.65 -33.59
CA LEU A 120 -9.57 5.90 -34.72
C LEU A 120 -9.41 4.83 -35.80
N PHE A 121 -8.17 4.45 -36.10
CA PHE A 121 -7.94 3.38 -37.05
C PHE A 121 -8.53 2.07 -36.54
N ALA A 122 -8.41 1.82 -35.23
CA ALA A 122 -8.96 0.60 -34.66
C ALA A 122 -10.47 0.54 -34.81
N ILE A 123 -11.15 1.66 -34.52
CA ILE A 123 -12.61 1.63 -34.57
C ILE A 123 -13.12 1.58 -36.00
N ILE A 124 -12.43 2.27 -36.93
CA ILE A 124 -12.88 2.21 -38.31
C ILE A 124 -12.61 0.83 -38.90
N LEU A 125 -11.52 0.18 -38.48
CA LEU A 125 -11.27 -1.18 -38.95
C LEU A 125 -12.29 -2.15 -38.35
N SER A 126 -12.70 -1.93 -37.10
CA SER A 126 -13.76 -2.74 -36.51
C SER A 126 -15.04 -2.61 -37.31
N PHE A 127 -15.43 -1.37 -37.65
CA PHE A 127 -16.63 -1.16 -38.45
C PHE A 127 -16.51 -1.85 -39.81
N GLY A 128 -15.37 -1.70 -40.47
CA GLY A 128 -15.20 -2.32 -41.78
C GLY A 128 -15.24 -3.83 -41.72
N GLN A 129 -14.63 -4.43 -40.69
CA GLN A 129 -14.64 -5.88 -40.56
C GLN A 129 -16.05 -6.38 -40.24
N ALA A 130 -16.80 -5.65 -39.42
CA ALA A 130 -18.19 -6.02 -39.18
C ALA A 130 -19.01 -5.97 -40.46
N CYS A 131 -18.77 -4.94 -41.28
CA CYS A 131 -19.49 -4.83 -42.55
C CYS A 131 -19.15 -5.99 -43.49
N VAL A 132 -17.86 -6.30 -43.63
CA VAL A 132 -17.47 -7.37 -44.53
C VAL A 132 -17.89 -8.73 -43.97
N HIS A 133 -18.12 -8.83 -42.66
CA HIS A 133 -18.62 -10.08 -42.08
C HIS A 133 -20.12 -10.25 -42.34
N VAL A 134 -20.89 -9.17 -42.20
CA VAL A 134 -22.33 -9.30 -42.38
C VAL A 134 -22.69 -9.38 -43.87
N LEU A 135 -21.88 -8.77 -44.74
CA LEU A 135 -22.26 -8.72 -46.15
C LEU A 135 -21.82 -9.96 -46.92
N THR A 136 -20.80 -10.67 -46.44
CA THR A 136 -20.33 -11.85 -47.15
C THR A 136 -21.31 -13.01 -47.10
N GLY A 137 -22.32 -12.95 -46.25
CA GLY A 137 -23.30 -14.01 -46.15
C GLY A 137 -23.11 -14.97 -45.00
N LEU A 138 -22.40 -14.56 -43.95
CA LEU A 138 -22.19 -15.46 -42.81
C LEU A 138 -23.50 -15.72 -42.06
N TYR A 139 -24.32 -14.69 -41.90
CA TYR A 139 -25.58 -14.80 -41.19
C TYR A 139 -26.78 -14.91 -42.12
N GLY A 140 -26.55 -15.21 -43.40
CA GLY A 140 -27.61 -15.38 -44.36
C GLY A 140 -27.54 -14.35 -45.48
N GLN A 141 -28.32 -14.62 -46.51
CA GLN A 141 -28.38 -13.73 -47.67
C GLN A 141 -28.96 -12.39 -47.27
N PRO A 142 -28.24 -11.28 -47.42
CA PRO A 142 -28.76 -9.98 -46.95
C PRO A 142 -30.10 -9.59 -47.55
N SER A 143 -30.44 -10.13 -48.72
CA SER A 143 -31.74 -9.82 -49.31
C SER A 143 -32.90 -10.44 -48.52
N ASP A 144 -32.63 -11.42 -47.67
CA ASP A 144 -33.66 -12.12 -46.94
C ASP A 144 -33.59 -11.92 -45.42
N LEU A 145 -32.61 -11.16 -44.93
CA LEU A 145 -32.51 -10.95 -43.49
C LEU A 145 -33.44 -9.83 -43.03
N GLY A 146 -33.44 -8.71 -43.73
CA GLY A 146 -34.25 -7.56 -43.37
C GLY A 146 -33.55 -6.27 -43.74
N ALA A 147 -34.36 -5.22 -43.92
CA ALA A 147 -33.80 -3.93 -44.33
C ALA A 147 -33.06 -3.26 -43.19
N GLY A 148 -33.57 -3.39 -41.97
CA GLY A 148 -32.96 -2.75 -40.82
C GLY A 148 -32.17 -3.68 -39.92
N ILE A 149 -32.41 -4.99 -40.05
CA ILE A 149 -31.71 -5.95 -39.22
C ILE A 149 -30.22 -5.92 -39.50
N CYS A 150 -29.84 -5.67 -40.75
CA CYS A 150 -28.42 -5.62 -41.09
C CYS A 150 -27.71 -4.48 -40.37
N VAL A 151 -28.30 -3.28 -40.41
CA VAL A 151 -27.67 -2.16 -39.73
C VAL A 151 -27.77 -2.31 -38.21
N LEU A 152 -28.80 -3.02 -37.73
CA LEU A 152 -28.87 -3.32 -36.31
C LEU A 152 -27.69 -4.18 -35.88
N LEU A 153 -27.41 -5.24 -36.64
CA LEU A 153 -26.26 -6.08 -36.35
C LEU A 153 -24.96 -5.29 -36.49
N ILE A 154 -24.90 -4.39 -37.46
CA ILE A 154 -23.73 -3.54 -37.61
C ILE A 154 -23.47 -2.73 -36.35
N VAL A 155 -24.48 -2.00 -35.87
CA VAL A 155 -24.27 -1.15 -34.71
C VAL A 155 -24.02 -1.99 -33.46
N GLN A 156 -24.62 -3.18 -33.38
CA GLN A 156 -24.40 -4.02 -32.21
C GLN A 156 -22.96 -4.54 -32.16
N LEU A 157 -22.44 -5.02 -33.29
CA LEU A 157 -21.05 -5.48 -33.32
C LEU A 157 -20.09 -4.33 -33.15
N VAL A 158 -20.42 -3.15 -33.66
CA VAL A 158 -19.55 -1.99 -33.50
C VAL A 158 -19.48 -1.58 -32.03
N VAL A 159 -20.61 -1.56 -31.33
CA VAL A 159 -20.56 -1.19 -29.92
C VAL A 159 -19.88 -2.29 -29.10
N ALA A 160 -20.01 -3.55 -29.51
CA ALA A 160 -19.25 -4.60 -28.84
C ALA A 160 -17.75 -4.39 -28.99
N GLY A 161 -17.30 -4.10 -30.21
CA GLY A 161 -15.88 -3.82 -30.41
C GLY A 161 -15.42 -2.59 -29.64
N LEU A 162 -16.26 -1.56 -29.58
CA LEU A 162 -15.89 -0.35 -28.86
C LEU A 162 -15.76 -0.62 -27.36
N VAL A 163 -16.71 -1.36 -26.79
CA VAL A 163 -16.65 -1.63 -25.36
C VAL A 163 -15.46 -2.54 -25.04
N VAL A 164 -15.14 -3.48 -25.92
CA VAL A 164 -14.02 -4.37 -25.62
C VAL A 164 -12.70 -3.63 -25.76
N ILE A 165 -12.59 -2.71 -26.72
CA ILE A 165 -11.34 -1.96 -26.83
C ILE A 165 -11.22 -0.96 -25.69
N LEU A 166 -12.35 -0.42 -25.20
CA LEU A 166 -12.29 0.47 -24.06
C LEU A 166 -11.88 -0.29 -22.80
N LEU A 167 -12.37 -1.53 -22.64
CA LEU A 167 -11.94 -2.35 -21.53
C LEU A 167 -10.45 -2.68 -21.62
N ASP A 168 -9.97 -2.96 -22.84
CA ASP A 168 -8.55 -3.23 -23.01
C ASP A 168 -7.72 -2.00 -22.66
N GLU A 169 -8.15 -0.82 -23.10
CA GLU A 169 -7.43 0.41 -22.78
C GLU A 169 -7.42 0.66 -21.28
N LEU A 170 -8.54 0.39 -20.60
CA LEU A 170 -8.56 0.53 -19.14
C LEU A 170 -7.58 -0.45 -18.49
N LEU A 171 -7.59 -1.71 -18.93
CA LEU A 171 -6.70 -2.70 -18.34
C LEU A 171 -5.24 -2.40 -18.62
N GLN A 172 -4.94 -1.68 -19.71
CA GLN A 172 -3.56 -1.37 -20.06
C GLN A 172 -3.07 -0.05 -19.47
N LYS A 173 -3.97 0.87 -19.16
CA LYS A 173 -3.57 2.19 -18.68
C LYS A 173 -2.85 2.15 -17.34
N GLY A 174 -3.03 1.07 -16.57
CA GLY A 174 -2.38 0.96 -15.29
C GLY A 174 -3.23 0.29 -14.23
N TYR A 175 -4.55 0.25 -14.47
CA TYR A 175 -5.44 -0.43 -13.54
C TYR A 175 -5.28 -1.94 -13.59
N GLY A 176 -4.66 -2.47 -14.64
CA GLY A 176 -4.43 -3.89 -14.76
C GLY A 176 -2.97 -4.27 -14.59
N LEU A 177 -2.71 -5.54 -14.29
CA LEU A 177 -1.34 -5.99 -14.05
C LEU A 177 -0.55 -6.17 -15.32
N GLY A 178 -1.21 -6.33 -16.45
CA GLY A 178 -0.52 -6.50 -17.73
C GLY A 178 -1.42 -6.06 -18.86
N SER A 179 -1.31 -6.74 -19.99
CA SER A 179 -2.14 -6.47 -21.15
C SER A 179 -3.33 -7.44 -21.18
N GLY A 180 -4.27 -7.14 -22.06
CA GLY A 180 -5.48 -7.95 -22.16
C GLY A 180 -5.39 -9.04 -23.20
N ILE A 181 -4.51 -8.86 -24.19
CA ILE A 181 -4.41 -9.82 -25.28
C ILE A 181 -3.97 -11.19 -24.76
N SER A 182 -2.97 -11.22 -23.88
CA SER A 182 -2.49 -12.50 -23.38
C SER A 182 -3.53 -13.17 -22.52
N LEU A 183 -4.22 -12.42 -21.65
CA LEU A 183 -5.27 -13.00 -20.83
C LEU A 183 -6.40 -13.55 -21.67
N PHE A 184 -6.79 -12.82 -22.72
CA PHE A 184 -7.88 -13.28 -23.57
C PHE A 184 -7.48 -14.52 -24.36
N ILE A 185 -6.21 -14.60 -24.78
CA ILE A 185 -5.77 -15.80 -25.49
C ILE A 185 -5.69 -16.99 -24.53
N ALA A 186 -5.32 -16.75 -23.27
CA ALA A 186 -5.14 -17.86 -22.34
C ALA A 186 -6.47 -18.37 -21.78
N THR A 187 -7.43 -17.49 -21.55
CA THR A 187 -8.67 -17.92 -20.91
C THR A 187 -9.48 -18.84 -21.83
N ASN A 188 -9.50 -18.55 -23.13
CA ASN A 188 -10.22 -19.42 -24.05
C ASN A 188 -9.59 -20.79 -24.13
N ILE A 189 -8.26 -20.85 -24.18
CA ILE A 189 -7.57 -22.14 -24.21
C ILE A 189 -7.83 -22.92 -22.93
N CYS A 190 -7.78 -22.25 -21.78
CA CYS A 190 -8.01 -22.94 -20.52
C CYS A 190 -9.45 -23.43 -20.41
N GLU A 191 -10.40 -22.64 -20.93
CA GLU A 191 -11.79 -23.07 -20.96
C GLU A 191 -11.96 -24.30 -21.84
N SER A 192 -11.33 -24.29 -23.02
CA SER A 192 -11.44 -25.44 -23.91
C SER A 192 -10.75 -26.67 -23.34
N ILE A 193 -9.72 -26.48 -22.53
CA ILE A 193 -9.00 -27.63 -21.95
C ILE A 193 -9.66 -28.16 -20.69
N VAL A 194 -10.45 -27.35 -19.99
CA VAL A 194 -11.15 -27.86 -18.81
C VAL A 194 -12.55 -28.35 -19.17
N TRP A 195 -13.15 -27.84 -20.24
CA TRP A 195 -14.43 -28.35 -20.69
C TRP A 195 -14.30 -29.77 -21.23
N LYS A 196 -13.15 -30.10 -21.82
CA LYS A 196 -12.94 -31.41 -22.40
C LYS A 196 -12.91 -32.52 -21.35
N ALA A 197 -12.87 -32.17 -20.07
CA ALA A 197 -12.74 -33.15 -18.99
C ALA A 197 -14.08 -33.50 -18.35
N PHE A 198 -14.89 -32.49 -18.02
CA PHE A 198 -16.18 -32.71 -17.38
C PHE A 198 -17.32 -32.22 -18.25
N SER A 199 -17.24 -32.50 -19.54
CA SER A 199 -18.29 -32.07 -20.46
C SER A 199 -19.58 -32.83 -20.16
N PRO A 200 -20.72 -32.14 -20.05
CA PRO A 200 -21.98 -32.85 -19.83
C PRO A 200 -22.63 -33.34 -21.11
N THR A 201 -22.18 -32.85 -22.27
CA THR A 201 -22.77 -33.26 -23.54
C THR A 201 -22.60 -34.75 -23.76
N THR A 202 -23.69 -35.43 -24.09
CA THR A 202 -23.66 -36.84 -24.46
C THR A 202 -23.85 -36.98 -25.96
N ILE A 203 -23.10 -37.90 -26.56
CA ILE A 203 -23.13 -38.12 -28.00
C ILE A 203 -23.54 -39.58 -28.22
N ASN A 204 -24.75 -39.80 -28.72
CA ASN A 204 -25.27 -41.13 -28.96
C ASN A 204 -25.03 -41.49 -30.42
N THR A 205 -23.98 -42.27 -30.68
CA THR A 205 -23.71 -42.82 -32.00
C THR A 205 -24.22 -44.24 -32.15
N GLY A 206 -25.24 -44.61 -31.39
CA GLY A 206 -25.71 -45.97 -31.33
C GLY A 206 -25.18 -46.69 -30.10
N ARG A 207 -25.75 -47.86 -29.84
CA ARG A 207 -25.37 -48.77 -28.76
C ARG A 207 -25.72 -48.19 -27.39
N GLY A 208 -26.14 -46.94 -27.32
CA GLY A 208 -26.37 -46.29 -26.05
C GLY A 208 -25.50 -45.07 -25.89
N PRO A 209 -26.09 -43.95 -25.49
CA PRO A 209 -25.33 -42.69 -25.40
C PRO A 209 -24.28 -42.74 -24.30
N GLU A 210 -23.14 -42.13 -24.57
CA GLU A 210 -22.04 -42.00 -23.63
C GLU A 210 -21.72 -40.52 -23.44
N PHE A 211 -20.91 -40.23 -22.44
CA PHE A 211 -20.57 -38.85 -22.11
C PHE A 211 -19.32 -38.40 -22.85
N GLU A 212 -19.26 -37.11 -23.15
CA GLU A 212 -18.08 -36.54 -23.79
C GLU A 212 -16.98 -36.25 -22.77
N GLY A 213 -17.35 -35.78 -21.59
CA GLY A 213 -16.36 -35.54 -20.56
C GLY A 213 -15.66 -36.82 -20.14
N ALA A 214 -14.36 -36.70 -19.86
CA ALA A 214 -13.54 -37.87 -19.59
C ALA A 214 -13.93 -38.54 -18.28
N ILE A 215 -13.90 -37.79 -17.18
CA ILE A 215 -14.22 -38.35 -15.87
C ILE A 215 -15.66 -38.82 -15.83
N ILE A 216 -16.57 -38.05 -16.41
CA ILE A 216 -17.98 -38.44 -16.45
C ILE A 216 -18.13 -39.74 -17.21
N ALA A 217 -17.41 -39.88 -18.33
CA ALA A 217 -17.50 -41.11 -19.11
C ALA A 217 -16.96 -42.29 -18.32
N LEU A 218 -15.83 -42.11 -17.64
CA LEU A 218 -15.29 -43.20 -16.82
C LEU A 218 -16.30 -43.63 -15.77
N PHE A 219 -16.87 -42.66 -15.04
CA PHE A 219 -17.81 -43.01 -13.97
C PHE A 219 -19.04 -43.71 -14.52
N HIS A 220 -19.59 -43.18 -15.62
CA HIS A 220 -20.81 -43.77 -16.18
C HIS A 220 -20.55 -45.18 -16.70
N LEU A 221 -19.47 -45.38 -17.45
CA LEU A 221 -19.17 -46.72 -17.97
C LEU A 221 -18.87 -47.69 -16.83
N LEU A 222 -18.21 -47.22 -15.77
CA LEU A 222 -17.92 -48.10 -14.65
C LEU A 222 -19.18 -48.47 -13.89
N LEU A 223 -20.17 -47.58 -13.86
CA LEU A 223 -21.33 -47.84 -13.02
C LEU A 223 -22.46 -48.57 -13.75
N THR A 224 -22.67 -48.29 -15.04
CA THR A 224 -23.82 -48.84 -15.73
C THR A 224 -23.52 -50.10 -16.55
N TRP A 225 -22.25 -50.35 -16.88
CA TRP A 225 -21.98 -51.52 -17.69
C TRP A 225 -21.79 -52.76 -16.82
N PRO A 226 -22.21 -53.93 -17.32
CA PRO A 226 -22.20 -55.14 -16.48
C PRO A 226 -20.82 -55.71 -16.22
N ASP A 227 -19.79 -55.29 -16.97
CA ASP A 227 -18.44 -55.81 -16.81
C ASP A 227 -17.50 -54.67 -16.49
N LYS A 228 -16.88 -54.71 -15.32
CA LYS A 228 -15.95 -53.65 -14.93
C LYS A 228 -14.67 -53.69 -15.76
N GLN A 229 -14.22 -54.89 -16.14
CA GLN A 229 -13.04 -55.00 -16.99
C GLN A 229 -13.26 -54.30 -18.33
N ARG A 230 -14.37 -54.63 -19.00
CA ARG A 230 -14.69 -53.95 -20.26
C ARG A 230 -14.96 -52.47 -20.03
N ALA A 231 -15.53 -52.11 -18.88
CA ALA A 231 -15.77 -50.70 -18.58
C ALA A 231 -14.46 -49.91 -18.55
N LEU A 232 -13.44 -50.45 -17.87
CA LEU A 232 -12.16 -49.76 -17.81
C LEU A 232 -11.45 -49.81 -19.15
N ARG A 233 -11.54 -50.94 -19.86
CA ARG A 233 -10.93 -51.02 -21.19
C ARG A 233 -11.56 -50.04 -22.16
N GLU A 234 -12.82 -49.66 -21.92
CA GLU A 234 -13.45 -48.63 -22.73
C GLU A 234 -13.07 -47.23 -22.26
N ALA A 235 -13.02 -47.02 -20.95
CA ALA A 235 -12.68 -45.70 -20.41
C ALA A 235 -11.27 -45.30 -20.82
N PHE A 236 -10.36 -46.26 -20.90
CA PHE A 236 -9.02 -45.99 -21.41
C PHE A 236 -8.95 -46.32 -22.89
N TYR A 237 -8.22 -45.48 -23.64
CA TYR A 237 -8.00 -45.67 -25.07
C TYR A 237 -9.32 -45.71 -25.83
N ARG A 238 -10.06 -44.58 -25.76
CA ARG A 238 -11.30 -44.47 -26.52
C ARG A 238 -11.02 -44.27 -28.01
N GLN A 239 -9.97 -43.54 -28.33
CA GLN A 239 -9.49 -43.34 -29.70
C GLN A 239 -10.47 -42.56 -30.56
N SER A 240 -11.62 -42.19 -30.00
CA SER A 240 -12.61 -41.44 -30.76
C SER A 240 -13.12 -40.24 -29.96
N LEU A 241 -13.05 -40.34 -28.64
CA LEU A 241 -13.50 -39.29 -27.73
C LEU A 241 -12.48 -39.12 -26.63
N PRO A 242 -12.43 -37.95 -26.00
CA PRO A 242 -11.44 -37.72 -24.94
C PRO A 242 -11.54 -38.75 -23.83
N ASN A 243 -10.38 -39.25 -23.39
CA ASN A 243 -10.32 -40.27 -22.36
C ASN A 243 -9.41 -39.83 -21.21
N ILE A 244 -9.13 -40.75 -20.29
CA ILE A 244 -8.29 -40.40 -19.14
C ILE A 244 -6.81 -40.38 -19.52
N MET A 245 -6.40 -41.23 -20.47
CA MET A 245 -4.99 -41.27 -20.86
C MET A 245 -4.57 -39.94 -21.48
N ASN A 246 -5.44 -39.32 -22.27
CA ASN A 246 -5.12 -38.01 -22.83
C ASN A 246 -4.99 -36.95 -21.75
N LEU A 247 -5.85 -37.01 -20.73
CA LEU A 247 -5.73 -36.08 -19.61
C LEU A 247 -4.41 -36.27 -18.88
N LEU A 248 -4.01 -37.53 -18.67
CA LEU A 248 -2.75 -37.78 -17.99
C LEU A 248 -1.56 -37.31 -18.82
N ALA A 249 -1.63 -37.49 -20.15
CA ALA A 249 -0.57 -37.00 -21.01
C ALA A 249 -0.50 -35.47 -20.98
N THR A 250 -1.65 -34.81 -20.97
CA THR A 250 -1.67 -33.36 -20.86
C THR A 250 -1.05 -32.90 -19.55
N LEU A 251 -1.39 -33.57 -18.45
CA LEU A 251 -0.82 -33.21 -17.15
C LEU A 251 0.69 -33.42 -17.14
N LEU A 252 1.16 -34.50 -17.76
CA LEU A 252 2.60 -34.75 -17.81
C LEU A 252 3.32 -33.69 -18.64
N VAL A 253 2.75 -33.31 -19.78
CA VAL A 253 3.34 -32.26 -20.59
C VAL A 253 3.37 -30.94 -19.82
N PHE A 254 2.28 -30.64 -19.09
CA PHE A 254 2.23 -29.44 -18.28
C PHE A 254 3.34 -29.42 -17.25
N ALA A 255 3.50 -30.51 -16.50
CA ALA A 255 4.54 -30.57 -15.48
C ALA A 255 5.92 -30.47 -16.11
N ALA A 256 6.12 -31.11 -17.26
CA ALA A 256 7.43 -31.05 -17.92
C ALA A 256 7.76 -29.63 -18.35
N VAL A 257 6.79 -28.91 -18.91
CA VAL A 257 7.04 -27.54 -19.34
C VAL A 257 7.31 -26.65 -18.14
N ILE A 258 6.55 -26.84 -17.05
CA ILE A 258 6.77 -26.03 -15.85
C ILE A 258 8.17 -26.25 -15.30
N TYR A 259 8.61 -27.52 -15.25
CA TYR A 259 9.95 -27.80 -14.73
C TYR A 259 11.02 -27.26 -15.66
N LEU A 260 10.81 -27.38 -16.97
CA LEU A 260 11.82 -26.97 -17.94
C LEU A 260 11.96 -25.46 -18.06
N GLN A 261 10.90 -24.70 -17.75
CA GLN A 261 10.99 -23.24 -17.82
C GLN A 261 11.99 -22.67 -16.82
N GLY A 262 12.31 -23.40 -15.76
CA GLY A 262 13.17 -22.88 -14.72
C GLY A 262 14.64 -23.18 -14.89
N PHE A 263 15.13 -23.18 -16.14
CA PHE A 263 16.55 -23.33 -16.43
C PHE A 263 17.11 -21.95 -16.76
N ARG A 264 17.99 -21.44 -15.90
CA ARG A 264 18.61 -20.14 -16.08
C ARG A 264 20.10 -20.23 -15.81
N VAL A 265 20.89 -19.57 -16.64
CA VAL A 265 22.34 -19.53 -16.49
C VAL A 265 22.70 -18.20 -15.86
N GLU A 266 23.01 -18.21 -14.57
CA GLU A 266 23.34 -16.99 -13.86
C GLU A 266 24.78 -16.61 -14.13
N ILE A 267 24.99 -15.45 -14.75
CA ILE A 267 26.31 -14.93 -15.02
C ILE A 267 26.70 -13.95 -13.91
N PRO A 268 27.88 -14.08 -13.30
CA PRO A 268 28.27 -13.15 -12.24
C PRO A 268 28.57 -11.77 -12.80
N VAL A 269 27.99 -10.75 -12.18
CA VAL A 269 28.18 -9.37 -12.63
C VAL A 269 28.16 -8.46 -11.41
N LYS A 270 29.08 -7.51 -11.38
CA LYS A 270 29.12 -6.49 -10.34
C LYS A 270 29.28 -5.12 -10.98
N SER A 271 28.58 -4.13 -10.44
CA SER A 271 28.57 -2.81 -11.05
C SER A 271 29.94 -2.14 -10.88
N ALA A 272 30.14 -1.07 -11.63
CA ALA A 272 31.36 -0.28 -11.57
C ALA A 272 31.12 1.18 -11.23
N ARG A 273 29.87 1.65 -11.27
CA ARG A 273 29.58 3.02 -10.85
C ARG A 273 29.55 3.13 -9.34
N GLN A 274 29.02 2.12 -8.65
CA GLN A 274 29.04 2.05 -7.20
C GLN A 274 29.61 0.71 -6.80
N ARG A 275 30.73 0.73 -6.07
CA ARG A 275 31.44 -0.48 -5.74
C ARG A 275 30.62 -1.35 -4.78
N GLY A 276 30.97 -2.64 -4.74
CA GLY A 276 30.45 -3.56 -3.77
C GLY A 276 29.16 -4.27 -4.16
N VAL A 277 28.25 -3.58 -4.84
CA VAL A 277 26.94 -4.15 -5.14
C VAL A 277 27.10 -5.28 -6.13
N ARG A 278 26.58 -6.46 -5.77
CA ARG A 278 26.63 -7.63 -6.63
C ARG A 278 25.31 -7.81 -7.37
N GLY A 279 25.18 -8.93 -8.07
CA GLY A 279 23.96 -9.21 -8.80
C GLY A 279 24.17 -10.37 -9.75
N SER A 280 23.16 -10.58 -10.60
CA SER A 280 23.19 -11.63 -11.59
C SER A 280 22.30 -11.25 -12.76
N TYR A 281 22.60 -11.80 -13.93
CA TYR A 281 21.84 -11.54 -15.16
C TYR A 281 21.45 -12.87 -15.75
N PRO A 282 20.24 -13.36 -15.46
CA PRO A 282 19.85 -14.69 -15.93
C PRO A 282 19.55 -14.70 -17.42
N VAL A 283 19.81 -15.85 -18.04
CA VAL A 283 19.46 -16.12 -19.42
C VAL A 283 18.76 -17.47 -19.46
N ARG A 284 17.44 -17.45 -19.64
CA ARG A 284 16.64 -18.66 -19.56
C ARG A 284 16.83 -19.53 -20.80
N LEU A 285 16.60 -20.83 -20.63
CA LEU A 285 16.61 -21.75 -21.75
C LEU A 285 15.51 -21.44 -22.75
N PHE A 286 14.43 -20.79 -22.31
CA PHE A 286 13.30 -20.43 -23.16
C PHE A 286 13.38 -18.98 -23.63
N TYR A 287 14.58 -18.50 -23.93
CA TYR A 287 14.75 -17.15 -24.48
C TYR A 287 13.74 -16.90 -25.59
N THR A 288 13.06 -15.75 -25.52
CA THR A 288 11.89 -15.46 -26.36
C THR A 288 10.82 -16.54 -26.17
N SER A 289 10.26 -16.53 -24.95
CA SER A 289 9.45 -17.63 -24.43
C SER A 289 8.39 -18.15 -25.42
N ASN A 290 7.43 -17.30 -25.79
CA ASN A 290 6.25 -17.77 -26.52
C ASN A 290 6.16 -17.19 -27.93
N MET A 291 7.23 -16.61 -28.44
CA MET A 291 7.20 -16.04 -29.78
C MET A 291 7.35 -17.10 -30.88
N PRO A 292 8.34 -17.99 -30.81
CA PRO A 292 8.52 -18.94 -31.92
C PRO A 292 7.37 -19.92 -32.08
N ILE A 293 6.58 -20.13 -31.03
CA ILE A 293 5.39 -20.98 -31.14
C ILE A 293 4.22 -20.19 -31.71
N MET A 294 3.99 -18.98 -31.20
CA MET A 294 2.88 -18.17 -31.64
C MET A 294 3.00 -17.83 -33.12
N LEU A 295 4.18 -17.36 -33.55
CA LEU A 295 4.32 -16.94 -34.94
C LEU A 295 4.28 -18.15 -35.88
N GLN A 296 4.85 -19.27 -35.46
CA GLN A 296 4.81 -20.47 -36.29
C GLN A 296 3.37 -20.98 -36.45
N SER A 297 2.61 -20.98 -35.36
CA SER A 297 1.21 -21.38 -35.45
C SER A 297 0.41 -20.42 -36.33
N ALA A 298 0.72 -19.12 -36.24
CA ALA A 298 0.04 -18.15 -37.09
C ALA A 298 0.36 -18.40 -38.57
N LEU A 299 1.63 -18.70 -38.87
CA LEU A 299 2.02 -19.00 -40.24
C LEU A 299 1.31 -20.25 -40.75
N CYS A 300 1.27 -21.30 -39.93
CA CYS A 300 0.57 -22.52 -40.33
C CYS A 300 -0.92 -22.27 -40.55
N SER A 301 -1.53 -21.46 -39.68
CA SER A 301 -2.95 -21.15 -39.82
C SER A 301 -3.21 -20.35 -41.10
N ASN A 302 -2.33 -19.40 -41.42
CA ASN A 302 -2.49 -18.63 -42.64
C ASN A 302 -2.34 -19.52 -43.87
N VAL A 303 -1.37 -20.44 -43.85
CA VAL A 303 -1.21 -21.35 -44.96
C VAL A 303 -2.45 -22.22 -45.12
N PHE A 304 -2.98 -22.74 -44.02
CA PHE A 304 -4.18 -23.56 -44.09
C PHE A 304 -5.38 -22.78 -44.63
N LEU A 305 -5.53 -21.53 -44.18
CA LEU A 305 -6.64 -20.70 -44.65
C LEU A 305 -6.53 -20.42 -46.14
N ILE A 306 -5.33 -20.06 -46.60
CA ILE A 306 -5.13 -19.82 -48.03
C ILE A 306 -5.41 -21.09 -48.82
N SER A 307 -4.96 -22.23 -48.30
CA SER A 307 -5.20 -23.50 -48.99
C SER A 307 -6.70 -23.77 -49.13
N GLN A 308 -7.45 -23.58 -48.03
CA GLN A 308 -8.88 -23.81 -48.10
C GLN A 308 -9.56 -22.85 -49.06
N MET A 309 -9.20 -21.56 -48.99
CA MET A 309 -9.86 -20.57 -49.84
C MET A 309 -9.54 -20.79 -51.32
N LEU A 310 -8.35 -21.29 -51.63
CA LEU A 310 -7.99 -21.54 -53.01
C LEU A 310 -8.46 -22.90 -53.50
N TYR A 311 -8.71 -23.85 -52.59
CA TYR A 311 -9.28 -25.13 -52.98
C TYR A 311 -10.78 -25.06 -53.16
N SER A 312 -11.44 -24.13 -52.46
CA SER A 312 -12.88 -23.97 -52.64
C SER A 312 -13.21 -23.46 -54.03
N ARG A 313 -12.51 -22.42 -54.49
CA ARG A 313 -12.78 -21.84 -55.80
C ARG A 313 -12.18 -22.72 -56.91
N PHE A 314 -10.86 -22.85 -56.92
CA PHE A 314 -10.17 -23.64 -57.94
C PHE A 314 -10.16 -25.11 -57.49
N SER A 315 -11.26 -25.80 -57.78
CA SER A 315 -11.41 -27.17 -57.33
C SER A 315 -10.55 -28.13 -58.15
N ASP A 316 -10.40 -27.87 -59.44
CA ASP A 316 -9.67 -28.77 -60.35
C ASP A 316 -8.50 -28.01 -60.96
N ASN A 317 -7.29 -28.31 -60.48
CA ASN A 317 -6.07 -27.73 -61.02
C ASN A 317 -4.89 -28.50 -60.42
N LEU A 318 -3.72 -28.32 -61.03
CA LEU A 318 -2.53 -29.01 -60.56
C LEU A 318 -1.92 -28.32 -59.33
N LEU A 319 -1.85 -26.99 -59.36
CA LEU A 319 -1.26 -26.28 -58.23
C LEU A 319 -2.09 -26.46 -56.96
N VAL A 320 -3.42 -26.46 -57.10
CA VAL A 320 -4.27 -26.69 -55.93
C VAL A 320 -4.17 -28.14 -55.47
N ARG A 321 -3.94 -29.07 -56.40
CA ARG A 321 -3.80 -30.46 -56.01
C ARG A 321 -2.51 -30.70 -55.24
N LEU A 322 -1.42 -30.07 -55.67
CA LEU A 322 -0.14 -30.25 -54.97
C LEU A 322 -0.09 -29.45 -53.68
N LEU A 323 -0.73 -28.27 -53.65
CA LEU A 323 -0.64 -27.41 -52.48
C LEU A 323 -1.43 -27.99 -51.30
N GLY A 324 -2.68 -28.37 -51.55
CA GLY A 324 -3.49 -28.95 -50.49
C GLY A 324 -4.85 -29.42 -50.96
N VAL A 325 -5.23 -30.63 -50.56
CA VAL A 325 -6.54 -31.20 -50.84
C VAL A 325 -7.24 -31.46 -49.51
N TRP A 326 -8.53 -31.15 -49.46
CA TRP A 326 -9.31 -31.27 -48.24
C TRP A 326 -10.43 -32.28 -48.44
N GLU A 327 -10.84 -32.91 -47.34
CA GLU A 327 -11.89 -33.91 -47.36
C GLU A 327 -12.42 -34.10 -45.95
N PRO A 328 -13.73 -34.32 -45.76
CA PRO A 328 -14.31 -34.51 -44.43
C PRO A 328 -13.90 -35.84 -43.80
N LEU A 335 -13.19 -29.95 -41.77
CA LEU A 335 -12.48 -30.66 -42.82
C LEU A 335 -11.13 -31.15 -42.33
N HIS A 336 -10.41 -31.86 -43.21
CA HIS A 336 -9.09 -32.38 -42.88
C HIS A 336 -8.25 -32.41 -44.14
N ALA A 337 -7.12 -31.71 -44.12
CA ALA A 337 -6.24 -31.68 -45.28
C ALA A 337 -5.58 -33.04 -45.48
N ALA A 338 -5.55 -33.49 -46.73
CA ALA A 338 -4.95 -34.77 -47.06
C ALA A 338 -4.33 -34.69 -48.44
N SER A 339 -3.21 -35.41 -48.62
CA SER A 339 -2.49 -35.49 -49.89
C SER A 339 -2.18 -34.10 -50.45
N GLY A 340 -1.36 -33.37 -49.70
CA GLY A 340 -0.92 -32.05 -50.13
C GLY A 340 0.18 -31.56 -49.22
N ILE A 341 0.70 -30.38 -49.56
CA ILE A 341 1.68 -29.75 -48.69
C ILE A 341 1.09 -29.48 -47.32
N ALA A 342 -0.11 -28.91 -47.28
CA ALA A 342 -0.77 -28.65 -46.00
C ALA A 342 -1.01 -29.92 -45.22
N TYR A 343 -1.16 -31.06 -45.91
CA TYR A 343 -1.28 -32.33 -45.22
C TYR A 343 0.02 -32.68 -44.49
N TYR A 344 1.16 -32.39 -45.11
CA TYR A 344 2.43 -32.58 -44.44
C TYR A 344 2.60 -31.61 -43.28
N MET A 345 2.15 -30.36 -43.46
CA MET A 345 2.26 -29.39 -42.38
C MET A 345 1.33 -29.70 -41.22
N SER A 346 0.24 -30.42 -41.48
CA SER A 346 -0.72 -30.71 -40.42
C SER A 346 -0.15 -31.77 -39.47
N PRO A 347 -0.34 -31.59 -38.17
CA PRO A 347 0.17 -32.58 -37.21
C PRO A 347 -0.60 -33.88 -37.34
N PRO A 348 0.00 -35.00 -36.95
CA PRO A 348 -0.74 -36.27 -36.98
C PRO A 348 -1.92 -36.25 -36.04
N LEU A 349 -2.96 -37.00 -36.41
CA LEU A 349 -4.19 -37.01 -35.62
C LEU A 349 -3.96 -37.65 -34.26
N ASN A 350 -3.47 -38.87 -34.23
CA ASN A 350 -3.23 -39.59 -32.98
C ASN A 350 -2.04 -40.51 -33.19
N PHE A 351 -1.86 -41.45 -32.26
CA PHE A 351 -0.74 -42.38 -32.36
C PHE A 351 -0.94 -43.41 -33.47
N LYS A 352 -2.20 -43.79 -33.73
CA LYS A 352 -2.47 -44.74 -34.81
C LYS A 352 -2.11 -44.14 -36.15
N GLU A 353 -2.63 -42.94 -36.45
CA GLU A 353 -2.29 -42.26 -37.69
C GLU A 353 -0.80 -41.94 -37.74
N ALA A 354 -0.15 -41.79 -36.58
CA ALA A 354 1.28 -41.56 -36.57
C ALA A 354 2.05 -42.81 -36.99
N LEU A 355 1.61 -43.98 -36.53
CA LEU A 355 2.29 -45.21 -36.91
C LEU A 355 1.92 -45.70 -38.30
N LEU A 356 0.79 -45.23 -38.85
CA LEU A 356 0.42 -45.61 -40.21
C LEU A 356 1.37 -45.00 -41.24
N ASP A 357 1.56 -43.68 -41.19
CA ASP A 357 2.40 -42.97 -42.16
C ASP A 357 3.66 -42.47 -41.47
N PRO A 358 4.78 -43.21 -41.54
CA PRO A 358 5.99 -42.74 -40.85
C PRO A 358 6.66 -41.57 -41.53
N VAL A 359 6.66 -41.54 -42.87
CA VAL A 359 7.35 -40.47 -43.59
C VAL A 359 6.72 -39.12 -43.29
N HIS A 360 5.39 -39.07 -43.20
CA HIS A 360 4.71 -37.82 -42.85
C HIS A 360 5.12 -37.36 -41.45
N THR A 361 5.17 -38.29 -40.50
CA THR A 361 5.59 -37.94 -39.15
C THR A 361 7.01 -37.39 -39.16
N VAL A 362 7.92 -38.02 -39.89
CA VAL A 362 9.32 -37.60 -39.89
C VAL A 362 9.47 -36.21 -40.52
N VAL A 363 8.79 -35.98 -41.65
CA VAL A 363 8.93 -34.68 -42.28
C VAL A 363 8.30 -33.60 -41.40
N TYR A 364 7.22 -33.91 -40.68
CA TYR A 364 6.65 -32.94 -39.76
C TYR A 364 7.61 -32.63 -38.63
N ILE A 365 8.22 -33.67 -38.04
CA ILE A 365 9.23 -33.47 -37.00
C ILE A 365 10.29 -32.50 -37.47
N THR A 366 10.93 -32.82 -38.60
CA THR A 366 12.06 -32.01 -39.03
C THR A 366 11.62 -30.60 -39.40
N PHE A 367 10.48 -30.45 -40.07
CA PHE A 367 10.00 -29.12 -40.43
C PHE A 367 9.80 -28.28 -39.19
N MET A 368 9.05 -28.80 -38.21
CA MET A 368 8.72 -27.97 -37.04
C MET A 368 9.97 -27.65 -36.23
N LEU A 369 10.87 -28.62 -36.06
CA LEU A 369 12.11 -28.34 -35.34
C LEU A 369 12.91 -27.24 -36.00
N VAL A 370 13.22 -27.41 -37.30
CA VAL A 370 14.05 -26.43 -38.00
C VAL A 370 13.35 -25.07 -38.03
N ALA A 371 12.03 -25.07 -38.21
CA ALA A 371 11.29 -23.82 -38.28
C ALA A 371 11.35 -23.07 -36.97
N CYS A 372 11.09 -23.76 -35.85
CA CYS A 372 11.15 -23.10 -34.55
C CYS A 372 12.55 -22.57 -34.27
N ALA A 373 13.58 -23.37 -34.57
CA ALA A 373 14.95 -22.93 -34.32
C ALA A 373 15.28 -21.68 -35.14
N LEU A 374 15.04 -21.72 -36.45
CA LEU A 374 15.36 -20.59 -37.31
C LEU A 374 14.55 -19.36 -36.93
N PHE A 375 13.29 -19.56 -36.57
CA PHE A 375 12.44 -18.43 -36.21
C PHE A 375 12.91 -17.75 -34.93
N SER A 376 13.31 -18.54 -33.93
CA SER A 376 13.86 -17.94 -32.73
C SER A 376 15.16 -17.20 -33.04
N LYS A 377 16.02 -17.81 -33.86
CA LYS A 377 17.32 -17.21 -34.13
C LYS A 377 17.21 -15.96 -34.99
N THR A 378 16.14 -15.82 -35.77
CA THR A 378 15.94 -14.58 -36.52
C THR A 378 15.08 -13.57 -35.77
N TRP A 379 14.32 -14.00 -34.77
CA TRP A 379 13.54 -13.07 -33.98
C TRP A 379 14.37 -12.44 -32.87
N ILE A 380 15.42 -13.13 -32.41
CA ILE A 380 16.29 -12.55 -31.39
C ILE A 380 17.02 -11.34 -31.93
N GLU A 381 17.24 -11.28 -33.25
CA GLU A 381 17.94 -10.15 -33.84
C GLU A 381 17.04 -8.94 -34.02
N VAL A 382 15.73 -9.16 -34.16
CA VAL A 382 14.82 -8.04 -34.40
C VAL A 382 14.17 -7.55 -33.10
N SER A 383 14.04 -8.42 -32.10
CA SER A 383 13.40 -8.01 -30.86
C SER A 383 14.25 -7.05 -30.05
N GLY A 384 15.54 -6.94 -30.36
CA GLY A 384 16.43 -6.05 -29.65
C GLY A 384 17.29 -6.70 -28.58
N SER A 385 17.17 -8.02 -28.39
CA SER A 385 17.94 -8.74 -27.39
C SER A 385 19.22 -9.34 -27.95
N SER A 386 19.78 -8.75 -28.99
CA SER A 386 21.00 -9.29 -29.59
C SER A 386 22.19 -9.04 -28.66
N PRO A 387 23.20 -9.92 -28.71
CA PRO A 387 24.40 -9.68 -27.89
C PRO A 387 25.06 -8.35 -28.17
N ARG A 388 25.21 -7.98 -29.45
CA ARG A 388 25.80 -6.70 -29.81
C ARG A 388 25.03 -5.53 -29.23
N ASP A 389 23.74 -5.70 -28.93
CA ASP A 389 22.91 -4.63 -28.39
C ASP A 389 22.83 -4.67 -26.87
N VAL A 390 22.58 -5.84 -26.29
CA VAL A 390 22.44 -5.91 -24.84
C VAL A 390 23.79 -5.74 -24.15
N ALA A 391 24.88 -6.11 -24.82
CA ALA A 391 26.21 -5.85 -24.26
C ALA A 391 26.45 -4.34 -24.15
N LYS A 392 26.13 -3.60 -25.21
CA LYS A 392 26.25 -2.14 -25.16
C LYS A 392 25.31 -1.55 -24.11
N GLN A 393 24.12 -2.13 -23.97
CA GLN A 393 23.17 -1.65 -22.97
C GLN A 393 23.73 -1.82 -21.56
N LEU A 394 24.30 -2.99 -21.27
CA LEU A 394 24.87 -3.23 -19.94
C LEU A 394 26.12 -2.37 -19.73
N LYS A 395 26.91 -2.14 -20.78
CA LYS A 395 28.08 -1.28 -20.64
C LYS A 395 27.66 0.16 -20.35
N ASP A 396 26.56 0.61 -20.96
CA ASP A 396 26.07 1.96 -20.70
C ASP A 396 25.44 2.06 -19.32
N GLN A 397 24.80 0.99 -18.85
CA GLN A 397 24.25 1.02 -17.49
C GLN A 397 25.36 1.02 -16.44
N GLY A 398 26.52 0.46 -16.77
CA GLY A 398 27.67 0.47 -15.89
C GLY A 398 28.09 -0.89 -15.38
N LEU A 399 27.38 -1.95 -15.74
CA LEU A 399 27.70 -3.27 -15.22
C LEU A 399 28.93 -3.85 -15.92
N VAL A 400 29.77 -4.52 -15.15
CA VAL A 400 31.00 -5.12 -15.64
C VAL A 400 31.07 -6.56 -15.12
N MET A 401 31.72 -7.42 -15.90
CA MET A 401 31.86 -8.82 -15.51
C MET A 401 32.57 -8.94 -14.17
N ALA A 402 32.07 -9.84 -13.32
CA ALA A 402 32.62 -10.06 -12.00
C ALA A 402 33.53 -11.29 -11.94
N GLY A 403 33.98 -11.79 -13.09
CA GLY A 403 34.83 -12.95 -13.11
C GLY A 403 36.22 -12.66 -12.55
N HIS A 404 36.91 -13.74 -12.20
CA HIS A 404 38.26 -13.65 -11.65
C HIS A 404 39.23 -13.29 -12.76
N ARG A 405 39.55 -11.99 -12.85
CA ARG A 405 40.47 -11.44 -13.85
C ARG A 405 39.99 -11.65 -15.29
N GLU A 406 38.74 -12.07 -15.48
CA GLU A 406 38.17 -12.28 -16.80
C GLU A 406 37.26 -11.09 -17.12
N GLN A 407 37.87 -10.01 -17.59
CA GLN A 407 37.14 -8.79 -17.92
C GLN A 407 36.83 -8.82 -19.41
N SER A 408 35.88 -9.67 -19.79
CA SER A 408 35.44 -9.81 -21.17
C SER A 408 33.95 -10.15 -21.16
N MET A 409 33.12 -9.10 -21.30
CA MET A 409 31.67 -9.29 -21.23
C MET A 409 31.11 -9.73 -22.59
N TYR A 410 31.52 -9.04 -23.66
CA TYR A 410 30.93 -9.32 -24.96
C TYR A 410 31.27 -10.72 -25.44
N LYS A 411 32.48 -11.19 -25.17
CA LYS A 411 32.86 -12.53 -25.60
C LYS A 411 31.95 -13.59 -24.99
N GLU A 412 31.85 -13.61 -23.65
CA GLU A 412 31.00 -14.59 -22.98
C GLU A 412 29.54 -14.42 -23.40
N LEU A 413 29.10 -13.17 -23.56
CA LEU A 413 27.69 -12.93 -23.88
C LEU A 413 27.35 -13.45 -25.26
N LYS A 414 28.21 -13.19 -26.25
CA LYS A 414 28.00 -13.68 -27.60
C LYS A 414 28.25 -15.18 -27.71
N ARG A 415 28.97 -15.77 -26.75
CA ARG A 415 29.13 -17.22 -26.74
C ARG A 415 27.97 -17.93 -26.04
N VAL A 416 27.22 -17.24 -25.20
CA VAL A 416 26.13 -17.84 -24.44
C VAL A 416 24.78 -17.61 -25.11
N ILE A 417 24.43 -16.37 -25.42
CA ILE A 417 23.06 -16.03 -25.82
C ILE A 417 22.63 -16.70 -27.13
N PRO A 418 23.38 -16.58 -28.23
CA PRO A 418 22.88 -17.14 -29.50
C PRO A 418 22.64 -18.63 -29.45
N THR A 419 23.59 -19.40 -28.91
CA THR A 419 23.39 -20.85 -28.77
C THR A 419 22.20 -21.14 -27.87
N ALA A 420 22.04 -20.39 -26.78
CA ALA A 420 20.91 -20.59 -25.89
C ALA A 420 19.59 -20.42 -26.62
N ALA A 421 19.47 -19.35 -27.41
CA ALA A 421 18.22 -19.09 -28.12
C ALA A 421 17.97 -20.15 -29.19
N ALA A 422 18.99 -20.46 -29.99
CA ALA A 422 18.84 -21.43 -31.07
C ALA A 422 18.60 -22.84 -30.54
N PHE A 423 18.94 -23.12 -29.30
CA PHE A 423 18.61 -24.40 -28.70
C PHE A 423 17.23 -24.39 -28.05
N GLY A 424 16.86 -23.29 -27.41
CA GLY A 424 15.56 -23.21 -26.77
C GLY A 424 14.42 -23.23 -27.78
N GLY A 425 14.63 -22.62 -28.94
CA GLY A 425 13.62 -22.70 -29.98
C GLY A 425 13.32 -24.13 -30.39
N ALA A 426 14.37 -24.90 -30.70
CA ALA A 426 14.18 -26.30 -31.06
C ALA A 426 13.61 -27.09 -29.91
N CYS A 427 14.00 -26.77 -28.68
CA CYS A 427 13.50 -27.51 -27.53
C CYS A 427 12.00 -27.32 -27.36
N ILE A 428 11.53 -26.06 -27.44
CA ILE A 428 10.10 -25.82 -27.27
C ILE A 428 9.32 -26.36 -28.46
N GLY A 429 9.91 -26.34 -29.66
CA GLY A 429 9.26 -26.98 -30.79
C GLY A 429 9.08 -28.47 -30.59
N ALA A 430 10.13 -29.14 -30.10
CA ALA A 430 10.03 -30.57 -29.84
C ALA A 430 9.02 -30.86 -28.73
N LEU A 431 8.93 -29.96 -27.73
CA LEU A 431 7.93 -30.14 -26.69
C LEU A 431 6.52 -30.05 -27.27
N SER A 432 6.26 -29.05 -28.11
CA SER A 432 4.95 -28.93 -28.74
C SER A 432 4.64 -30.16 -29.60
N VAL A 433 5.65 -30.65 -30.33
CA VAL A 433 5.44 -31.84 -31.17
C VAL A 433 5.10 -33.04 -30.31
N ALA A 434 5.84 -33.26 -29.22
CA ALA A 434 5.58 -34.39 -28.35
C ALA A 434 4.20 -34.29 -27.72
N SER A 435 3.78 -33.07 -27.36
CA SER A 435 2.45 -32.90 -26.78
C SER A 435 1.36 -33.20 -27.81
N ASP A 436 1.54 -32.75 -29.05
CA ASP A 436 0.53 -32.99 -30.08
C ASP A 436 0.53 -34.43 -30.56
N LEU A 437 1.63 -35.16 -30.37
CA LEU A 437 1.72 -36.53 -30.84
C LEU A 437 1.30 -37.55 -29.78
N LEU A 438 1.65 -37.31 -28.52
CA LEU A 438 1.30 -38.24 -27.45
C LEU A 438 -0.21 -38.36 -27.26
N GLY A 439 -0.96 -37.36 -27.66
CA GLY A 439 -2.40 -37.35 -27.52
C GLY A 439 -2.95 -36.37 -26.50
N ALA A 440 -2.19 -35.34 -26.13
CA ALA A 440 -2.65 -34.38 -25.15
C ALA A 440 -3.90 -33.65 -25.65
N LEU A 441 -4.85 -33.44 -24.76
CA LEU A 441 -6.08 -32.76 -25.12
C LEU A 441 -5.79 -31.33 -25.57
N GLY A 442 -6.51 -30.88 -26.59
CA GLY A 442 -6.26 -29.58 -27.17
C GLY A 442 -4.95 -29.54 -27.94
N SER A 443 -4.81 -28.57 -28.83
CA SER A 443 -3.58 -28.42 -29.58
C SER A 443 -2.45 -27.99 -28.64
N GLY A 444 -1.27 -28.58 -28.84
CA GLY A 444 -0.14 -28.25 -27.99
C GLY A 444 0.21 -26.78 -28.02
N THR A 445 -0.04 -26.11 -29.16
CA THR A 445 0.15 -24.67 -29.23
C THR A 445 -0.64 -23.95 -28.15
N GLY A 446 -1.91 -24.34 -27.97
CA GLY A 446 -2.72 -23.73 -26.92
C GLY A 446 -2.18 -24.01 -25.53
N ILE A 447 -1.75 -25.25 -25.28
CA ILE A 447 -1.20 -25.59 -23.97
C ILE A 447 0.01 -24.73 -23.66
N LEU A 448 0.91 -24.58 -24.63
CA LEU A 448 2.11 -23.77 -24.40
C LEU A 448 1.75 -22.30 -24.23
N LEU A 449 0.85 -21.77 -25.07
CA LEU A 449 0.46 -20.38 -24.94
C LEU A 449 -0.22 -20.10 -23.61
N ALA A 450 -0.85 -21.11 -23.03
CA ALA A 450 -1.46 -20.92 -21.71
C ALA A 450 -0.41 -20.99 -20.61
N VAL A 451 0.44 -22.03 -20.64
CA VAL A 451 1.39 -22.25 -19.55
C VAL A 451 2.40 -21.11 -19.49
N THR A 452 2.97 -20.73 -20.63
CA THR A 452 3.98 -19.68 -20.64
C THR A 452 3.41 -18.35 -20.16
N ILE A 453 2.22 -18.00 -20.62
CA ILE A 453 1.62 -16.72 -20.23
C ILE A 453 1.28 -16.71 -18.74
N ILE A 454 0.70 -17.81 -18.24
CA ILE A 454 0.37 -17.87 -16.82
C ILE A 454 1.63 -17.81 -15.97
N TYR A 455 2.70 -18.47 -16.41
CA TYR A 455 3.94 -18.43 -15.64
C TYR A 455 4.55 -17.04 -15.63
N GLY A 456 4.54 -16.37 -16.79
CA GLY A 456 5.04 -15.00 -16.85
C GLY A 456 4.26 -14.07 -15.94
N TYR A 457 2.93 -14.18 -15.96
CA TYR A 457 2.13 -13.32 -15.11
C TYR A 457 2.32 -13.67 -13.64
N PHE A 458 2.53 -14.95 -13.32
CA PHE A 458 2.79 -15.33 -11.93
C PHE A 458 4.08 -14.73 -11.43
N GLU A 459 5.15 -14.80 -12.22
CA GLU A 459 6.41 -14.24 -11.77
C GLU A 459 6.34 -12.72 -11.71
N MET A 460 5.58 -12.09 -12.63
CA MET A 460 5.40 -10.65 -12.55
C MET A 460 4.66 -10.25 -11.28
N ALA A 461 3.65 -11.04 -10.88
CA ALA A 461 2.93 -10.74 -9.66
C ALA A 461 3.79 -10.96 -8.43
N ALA A 462 4.51 -12.08 -8.39
CA ALA A 462 5.37 -12.39 -7.25
C ALA A 462 6.55 -11.43 -7.14
N ARG A 463 6.89 -10.74 -8.22
CA ARG A 463 7.92 -9.70 -8.18
C ARG A 463 7.35 -8.33 -7.85
N GLU A 464 6.06 -8.25 -7.51
CA GLU A 464 5.39 -6.97 -7.33
C GLU A 464 4.94 -6.74 -5.89
N GLY A 465 4.16 -7.65 -5.31
CA GLY A 465 3.57 -7.39 -4.01
C GLY A 465 3.87 -8.40 -2.94
N ASP A 466 4.26 -9.61 -3.32
CA ASP A 466 4.56 -10.66 -2.35
C ASP A 466 5.49 -11.72 -2.92
N PRO B 12 24.28 -30.86 -37.99
CA PRO B 12 24.89 -32.19 -37.76
C PRO B 12 24.90 -32.58 -36.30
N ARG B 13 26.07 -32.92 -35.78
CA ARG B 13 26.22 -33.29 -34.38
C ARG B 13 26.85 -32.19 -33.53
N ASP B 14 27.52 -31.23 -34.14
CA ASP B 14 28.12 -30.14 -33.39
C ASP B 14 27.05 -29.28 -32.71
N PHE B 15 25.92 -29.07 -33.38
CA PHE B 15 24.83 -28.31 -32.78
C PHE B 15 24.29 -29.01 -31.55
N LEU B 16 24.06 -30.32 -31.64
CA LEU B 16 23.57 -31.07 -30.48
C LEU B 16 24.59 -31.09 -29.36
N LYS B 17 25.88 -31.20 -29.71
CA LYS B 17 26.91 -31.18 -28.67
C LYS B 17 26.95 -29.84 -27.96
N ASP B 18 26.86 -28.75 -28.71
CA ASP B 18 26.85 -27.42 -28.09
C ASP B 18 25.62 -27.22 -27.23
N GLY B 19 24.46 -27.71 -27.69
CA GLY B 19 23.26 -27.61 -26.89
C GLY B 19 23.36 -28.38 -25.59
N MET B 20 23.88 -29.60 -25.64
CA MET B 20 24.05 -30.39 -24.42
C MET B 20 25.07 -29.76 -23.49
N GLN B 21 26.12 -29.14 -24.06
CA GLN B 21 27.09 -28.43 -23.23
C GLN B 21 26.45 -27.25 -22.52
N PHE B 22 25.62 -26.49 -23.24
CA PHE B 22 24.91 -25.38 -22.60
C PHE B 22 23.97 -25.88 -21.53
N ILE B 23 23.31 -27.00 -21.77
CA ILE B 23 22.40 -27.57 -20.78
C ILE B 23 23.15 -27.95 -19.52
N HIS B 24 24.29 -28.65 -19.68
CA HIS B 24 25.09 -29.03 -18.52
C HIS B 24 25.73 -27.81 -17.86
N LYS B 25 25.87 -26.69 -18.57
CA LYS B 25 26.37 -25.48 -17.96
C LYS B 25 25.31 -24.78 -17.11
N CYS B 26 24.04 -24.98 -17.45
CA CYS B 26 22.95 -24.38 -16.69
C CYS B 26 22.85 -25.00 -15.31
N GLN B 27 22.08 -24.35 -14.45
CA GLN B 27 21.83 -24.84 -13.10
C GLN B 27 20.38 -25.32 -13.00
N LYS B 28 20.18 -26.43 -12.30
CA LYS B 28 18.84 -27.01 -12.22
C LYS B 28 18.12 -26.53 -10.98
N PRO B 29 16.81 -26.28 -11.07
CA PRO B 29 16.05 -25.86 -9.89
C PRO B 29 15.85 -27.03 -8.94
N ASP B 30 15.65 -26.68 -7.67
CA ASP B 30 15.50 -27.67 -6.61
C ASP B 30 14.08 -28.23 -6.62
N ARG B 31 13.74 -28.99 -5.57
CA ARG B 31 12.41 -29.58 -5.46
C ARG B 31 11.40 -28.64 -4.82
N LYS B 32 11.82 -27.85 -3.83
CA LYS B 32 10.88 -26.99 -3.13
C LYS B 32 10.38 -25.86 -4.01
N GLU B 33 11.30 -25.18 -4.71
CA GLU B 33 10.89 -24.10 -5.60
C GLU B 33 10.02 -24.62 -6.74
N PHE B 34 10.37 -25.79 -7.28
CA PHE B 34 9.57 -26.38 -8.33
C PHE B 34 8.17 -26.71 -7.83
N LYS B 35 8.06 -27.31 -6.64
CA LYS B 35 6.76 -27.61 -6.08
C LYS B 35 5.93 -26.35 -5.87
N LYS B 36 6.58 -25.28 -5.38
CA LYS B 36 5.85 -24.05 -5.12
C LYS B 36 5.34 -23.43 -6.42
N VAL B 37 6.20 -23.34 -7.44
CA VAL B 37 5.77 -22.75 -8.70
C VAL B 37 4.71 -23.62 -9.38
N CYS B 38 4.81 -24.94 -9.25
CA CYS B 38 3.79 -25.81 -9.82
C CYS B 38 2.45 -25.61 -9.12
N GLN B 39 2.47 -25.51 -7.79
CA GLN B 39 1.24 -25.28 -7.05
C GLN B 39 0.61 -23.94 -7.44
N ALA B 40 1.42 -22.89 -7.59
CA ALA B 40 0.89 -21.59 -7.94
C ALA B 40 0.27 -21.60 -9.33
N VAL B 41 0.99 -22.14 -10.32
CA VAL B 41 0.45 -22.18 -11.68
C VAL B 41 -0.78 -23.07 -11.74
N ALA B 42 -0.81 -24.15 -10.97
CA ALA B 42 -1.98 -25.01 -10.95
C ALA B 42 -3.17 -24.31 -10.32
N ILE B 43 -2.95 -23.52 -9.27
CA ILE B 43 -4.04 -22.75 -8.68
C ILE B 43 -4.62 -21.78 -9.70
N GLY B 44 -3.75 -21.04 -10.38
CA GLY B 44 -4.24 -20.11 -11.40
C GLY B 44 -5.01 -20.82 -12.50
N PHE B 45 -4.46 -21.92 -13.00
CA PHE B 45 -5.09 -22.65 -14.10
C PHE B 45 -6.45 -23.21 -13.67
N VAL B 46 -6.52 -23.80 -12.48
CA VAL B 46 -7.78 -24.37 -12.02
C VAL B 46 -8.81 -23.27 -11.78
N ALA B 47 -8.37 -22.11 -11.30
CA ALA B 47 -9.31 -21.00 -11.12
C ALA B 47 -9.91 -20.56 -12.45
N MET B 48 -9.04 -20.33 -13.45
CA MET B 48 -9.54 -19.92 -14.75
C MET B 48 -10.44 -20.99 -15.36
N GLY B 49 -10.07 -22.25 -15.21
CA GLY B 49 -10.87 -23.33 -15.77
C GLY B 49 -12.23 -23.45 -15.11
N ALA B 50 -12.27 -23.36 -13.78
CA ALA B 50 -13.55 -23.43 -13.09
C ALA B 50 -14.46 -22.27 -13.48
N ILE B 51 -13.89 -21.07 -13.58
CA ILE B 51 -14.69 -19.91 -14.00
C ILE B 51 -15.27 -20.14 -15.39
N GLY B 52 -14.42 -20.54 -16.34
CA GLY B 52 -14.90 -20.77 -17.69
C GLY B 52 -15.95 -21.86 -17.77
N TYR B 53 -15.73 -22.95 -17.04
CA TYR B 53 -16.66 -24.07 -17.07
C TYR B 53 -18.01 -23.68 -16.48
N ILE B 54 -18.01 -22.95 -15.37
CA ILE B 54 -19.27 -22.53 -14.77
C ILE B 54 -20.00 -21.56 -15.70
N VAL B 55 -19.28 -20.64 -16.34
CA VAL B 55 -19.92 -19.69 -17.25
C VAL B 55 -20.58 -20.43 -18.40
N LYS B 56 -19.86 -21.39 -18.99
CA LYS B 56 -20.43 -22.13 -20.12
C LYS B 56 -21.61 -22.99 -19.69
N LEU B 57 -21.51 -23.64 -18.52
CA LEU B 57 -22.59 -24.50 -18.06
C LEU B 57 -23.82 -23.70 -17.69
N VAL B 58 -23.66 -22.46 -17.24
CA VAL B 58 -24.82 -21.65 -16.92
C VAL B 58 -25.38 -20.92 -18.14
N HIS B 59 -24.57 -20.76 -19.19
CA HIS B 59 -25.08 -20.10 -20.40
C HIS B 59 -25.59 -21.07 -21.46
N ILE B 60 -25.36 -22.37 -21.33
CA ILE B 60 -26.00 -23.31 -22.26
C ILE B 60 -27.52 -23.26 -22.12
N PRO B 61 -28.10 -23.50 -20.93
CA PRO B 61 -29.57 -23.53 -20.87
C PRO B 61 -30.20 -22.16 -21.04
N ILE B 62 -29.58 -21.11 -20.53
CA ILE B 62 -30.13 -19.76 -20.70
C ILE B 62 -30.17 -19.40 -22.17
N ASN B 63 -29.11 -19.71 -22.92
CA ASN B 63 -29.13 -19.46 -24.36
C ASN B 63 -30.19 -20.32 -25.06
N ASN B 64 -30.26 -21.61 -24.70
CA ASN B 64 -31.25 -22.48 -25.34
C ASN B 64 -32.67 -22.00 -25.08
N ILE B 65 -32.91 -21.33 -23.95
CA ILE B 65 -34.22 -20.77 -23.68
C ILE B 65 -34.42 -19.46 -24.43
N LEU B 66 -33.38 -18.63 -24.49
CA LEU B 66 -33.51 -17.30 -25.07
C LEU B 66 -33.75 -17.38 -26.58
N VAL B 67 -32.90 -18.13 -27.29
CA VAL B 67 -33.03 -18.16 -28.75
C VAL B 67 -34.27 -18.92 -29.18
N ALA B 68 -34.76 -19.84 -28.36
CA ALA B 68 -35.95 -20.64 -28.64
C ALA B 68 -35.83 -21.37 -29.98
N LEU C 92 -12.21 14.62 -23.37
CA LEU C 92 -13.23 13.83 -22.70
C LEU C 92 -12.64 12.58 -22.06
N ARG C 93 -12.79 12.47 -20.74
CA ARG C 93 -12.30 11.33 -19.97
C ARG C 93 -13.44 10.68 -19.21
N VAL C 94 -13.26 9.41 -18.88
CA VAL C 94 -14.32 8.59 -18.31
C VAL C 94 -13.76 7.87 -17.08
N ASP C 95 -14.63 7.64 -16.08
CA ASP C 95 -14.25 6.95 -14.86
C ASP C 95 -14.22 5.43 -15.10
N PRO C 96 -13.40 4.70 -14.32
CA PRO C 96 -13.27 3.26 -14.57
C PRO C 96 -14.54 2.47 -14.29
N VAL C 97 -15.42 2.94 -13.40
CA VAL C 97 -16.64 2.20 -13.12
C VAL C 97 -17.66 2.38 -14.24
N VAL C 98 -17.52 3.45 -15.02
CA VAL C 98 -18.49 3.74 -16.09
C VAL C 98 -18.40 2.70 -17.19
N VAL C 99 -17.19 2.24 -17.52
CA VAL C 99 -17.07 1.22 -18.57
C VAL C 99 -17.66 -0.10 -18.11
N LEU C 100 -17.54 -0.42 -16.82
CA LEU C 100 -18.14 -1.66 -16.32
C LEU C 100 -19.66 -1.56 -16.31
N VAL C 101 -20.21 -0.43 -15.89
CA VAL C 101 -21.66 -0.29 -15.90
C VAL C 101 -22.17 -0.27 -17.34
N LEU C 102 -21.37 0.25 -18.28
CA LEU C 102 -21.75 0.22 -19.68
C LEU C 102 -21.76 -1.22 -20.22
N SER C 103 -20.73 -2.00 -19.86
CA SER C 103 -20.72 -3.41 -20.26
C SER C 103 -21.93 -4.14 -19.72
N LEU C 104 -22.28 -3.89 -18.45
CA LEU C 104 -23.42 -4.58 -17.87
C LEU C 104 -24.73 -4.15 -18.51
N CYS C 105 -24.88 -2.84 -18.77
CA CYS C 105 -26.10 -2.37 -19.42
C CYS C 105 -26.22 -2.92 -20.83
N PHE C 106 -25.10 -3.08 -21.52
CA PHE C 106 -25.12 -3.66 -22.87
C PHE C 106 -25.50 -5.13 -22.82
N ILE C 107 -24.92 -5.89 -21.89
CA ILE C 107 -25.25 -7.30 -21.74
C ILE C 107 -26.74 -7.46 -21.43
N PHE C 108 -27.28 -6.58 -20.59
CA PHE C 108 -28.70 -6.67 -20.29
C PHE C 108 -29.58 -6.19 -21.43
N SER C 109 -29.11 -5.22 -22.22
CA SER C 109 -29.89 -4.73 -23.35
C SER C 109 -30.00 -5.79 -24.43
N VAL C 110 -28.96 -6.60 -24.61
CA VAL C 110 -29.02 -7.67 -25.61
C VAL C 110 -30.12 -8.66 -25.25
N VAL C 111 -30.13 -9.14 -24.00
CA VAL C 111 -31.13 -10.12 -23.60
C VAL C 111 -32.52 -9.47 -23.55
N GLY C 112 -32.60 -8.18 -23.24
CA GLY C 112 -33.89 -7.51 -23.30
C GLY C 112 -34.44 -7.46 -24.71
N LEU C 113 -33.59 -7.14 -25.68
CA LEU C 113 -34.02 -7.16 -27.07
C LEU C 113 -34.46 -8.56 -27.49
N HIS C 114 -33.70 -9.58 -27.07
CA HIS C 114 -34.07 -10.95 -27.41
C HIS C 114 -35.44 -11.31 -26.85
N VAL C 115 -35.67 -11.00 -25.58
CA VAL C 115 -36.94 -11.41 -24.95
C VAL C 115 -38.09 -10.58 -25.50
N ILE C 116 -37.85 -9.32 -25.88
CA ILE C 116 -38.90 -8.52 -26.50
C ILE C 116 -39.27 -9.09 -27.86
N ALA C 117 -38.27 -9.49 -28.65
CA ALA C 117 -38.57 -10.12 -29.93
C ALA C 117 -39.30 -11.45 -29.74
N LYS C 118 -38.93 -12.20 -28.70
CA LYS C 118 -39.63 -13.45 -28.42
C LYS C 118 -41.08 -13.19 -28.06
N ILE C 119 -41.34 -12.15 -27.26
CA ILE C 119 -42.72 -11.82 -26.89
C ILE C 119 -43.51 -11.39 -28.12
N THR C 120 -42.88 -10.60 -29.01
CA THR C 120 -43.56 -10.18 -30.21
C THR C 120 -43.87 -11.36 -31.13
N ARG C 121 -42.96 -12.33 -31.21
CA ARG C 121 -43.19 -13.49 -32.06
C ARG C 121 -44.28 -14.39 -31.48
N LYS C 122 -44.27 -14.58 -30.15
CA LYS C 122 -45.24 -15.46 -29.52
C LYS C 122 -46.66 -14.93 -29.64
N PHE C 123 -46.83 -13.62 -29.84
CA PHE C 123 -48.15 -13.03 -29.99
C PHE C 123 -48.31 -12.38 -31.37
N GLU D 20 -30.08 -27.10 -30.91
CA GLU D 20 -29.84 -28.35 -31.63
C GLU D 20 -29.54 -29.49 -30.66
N TYR D 21 -29.93 -29.31 -29.40
CA TYR D 21 -29.73 -30.31 -28.37
C TYR D 21 -31.06 -30.95 -27.99
N ASN D 22 -30.95 -32.13 -27.38
CA ASN D 22 -32.12 -32.89 -26.93
C ASN D 22 -31.93 -33.19 -25.44
N TYR D 23 -32.64 -32.45 -24.59
CA TYR D 23 -32.52 -32.62 -23.15
C TYR D 23 -33.02 -34.00 -22.72
N ASP D 24 -32.61 -34.40 -21.53
CA ASP D 24 -33.03 -35.67 -20.94
C ASP D 24 -34.25 -35.44 -20.07
N GLU D 25 -35.39 -36.00 -20.46
CA GLU D 25 -36.63 -35.83 -19.72
C GLU D 25 -37.00 -37.04 -18.87
N ASN D 26 -36.49 -38.22 -19.20
CA ASN D 26 -36.82 -39.43 -18.46
C ASN D 26 -35.94 -39.62 -17.23
N GLY D 27 -34.90 -38.80 -17.06
CA GLY D 27 -34.09 -38.83 -15.85
C GLY D 27 -33.19 -40.04 -15.70
N GLN D 28 -32.18 -40.16 -16.57
CA GLN D 28 -31.19 -41.21 -16.43
C GLN D 28 -29.75 -40.74 -16.66
N PHE D 29 -29.53 -39.47 -17.00
CA PHE D 29 -28.18 -39.03 -17.29
C PHE D 29 -27.73 -37.84 -16.44
N PHE D 30 -28.61 -36.87 -16.18
CA PHE D 30 -28.24 -35.78 -15.29
C PHE D 30 -27.90 -36.23 -13.87
N PRO D 31 -28.52 -37.27 -13.29
CA PRO D 31 -28.09 -37.67 -11.94
C PRO D 31 -26.64 -38.09 -11.88
N PHE D 32 -26.15 -38.83 -12.88
CA PHE D 32 -24.75 -39.26 -12.86
C PHE D 32 -23.82 -38.05 -12.87
N PHE D 33 -24.07 -37.10 -13.76
CA PHE D 33 -23.20 -35.93 -13.88
C PHE D 33 -23.22 -35.10 -12.61
N VAL D 34 -24.42 -34.79 -12.09
CA VAL D 34 -24.51 -33.96 -10.90
C VAL D 34 -23.92 -34.68 -9.70
N LEU D 35 -24.08 -36.00 -9.64
CA LEU D 35 -23.48 -36.77 -8.54
C LEU D 35 -21.97 -36.70 -8.61
N THR D 36 -21.40 -36.92 -9.80
CA THR D 36 -19.94 -36.87 -9.93
C THR D 36 -19.41 -35.49 -9.56
N LEU D 37 -20.07 -34.43 -10.02
CA LEU D 37 -19.57 -33.07 -9.76
C LEU D 37 -19.66 -32.72 -8.28
N THR D 38 -20.86 -32.86 -7.69
CA THR D 38 -21.00 -32.55 -6.28
C THR D 38 -20.17 -33.45 -5.40
N GLY D 39 -19.87 -34.69 -5.86
CA GLY D 39 -18.99 -35.53 -5.09
C GLY D 39 -17.55 -35.06 -5.15
N LEU D 40 -17.08 -34.71 -6.35
CA LEU D 40 -15.73 -34.14 -6.48
C LEU D 40 -15.58 -32.89 -5.64
N VAL D 41 -16.65 -32.12 -5.45
CA VAL D 41 -16.57 -30.94 -4.60
C VAL D 41 -16.59 -31.33 -3.12
N THR D 42 -17.59 -32.12 -2.71
CA THR D 42 -17.83 -32.37 -1.30
C THR D 42 -16.77 -33.26 -0.68
N LEU D 43 -16.19 -34.19 -1.44
CA LEU D 43 -15.13 -35.03 -0.89
C LEU D 43 -13.95 -34.18 -0.42
N PRO D 44 -13.50 -33.26 -1.27
CA PRO D 44 -12.41 -32.36 -0.88
C PRO D 44 -12.86 -31.41 0.22
N LEU D 45 -14.07 -30.85 0.11
CA LEU D 45 -14.54 -29.92 1.12
C LEU D 45 -14.68 -30.56 2.50
N THR D 46 -14.87 -31.88 2.56
CA THR D 46 -14.98 -32.58 3.82
C THR D 46 -13.63 -33.09 4.31
N TYR D 47 -12.76 -33.55 3.41
CA TYR D 47 -11.43 -34.00 3.82
C TYR D 47 -10.57 -32.83 4.28
N SER D 48 -10.84 -31.62 3.78
CA SER D 48 -10.10 -30.44 4.21
C SER D 48 -10.71 -29.77 5.44
N LEU D 49 -11.93 -30.12 5.81
CA LEU D 49 -12.61 -29.53 6.96
C LEU D 49 -13.26 -30.62 7.81
N LEU D 50 -12.52 -31.70 8.05
CA LEU D 50 -13.02 -32.81 8.85
C LEU D 50 -12.82 -32.54 10.34
N ALA D 60 10.19 -18.19 21.38
CA ALA D 60 9.37 -19.37 21.64
C ALA D 60 9.26 -19.73 23.13
N PRO D 61 10.37 -19.79 23.87
CA PRO D 61 10.27 -20.11 25.30
C PRO D 61 9.69 -18.95 26.09
N ARG D 62 9.44 -19.22 27.37
CA ARG D 62 8.91 -18.23 28.30
C ARG D 62 9.86 -18.09 29.48
N ILE D 63 10.02 -16.85 29.96
CA ILE D 63 10.89 -16.61 31.10
C ILE D 63 10.19 -17.07 32.38
N LYS D 64 10.98 -17.51 33.35
CA LYS D 64 10.44 -18.09 34.57
C LYS D 64 10.01 -16.98 35.53
N SER D 65 8.80 -17.09 36.04
CA SER D 65 8.27 -16.13 37.00
C SER D 65 7.33 -16.83 37.95
N ASP D 66 7.54 -16.64 39.25
CA ASP D 66 6.70 -17.21 40.29
C ASP D 66 5.86 -16.13 40.97
N PHE D 67 5.38 -15.18 40.19
CA PHE D 67 4.59 -14.07 40.69
C PHE D 67 3.35 -13.88 39.83
N LYS D 68 2.21 -13.65 40.48
CA LYS D 68 0.94 -13.46 39.80
C LYS D 68 0.36 -12.12 40.25
N PRO D 69 0.11 -11.19 39.36
CA PRO D 69 -0.40 -9.87 39.78
C PRO D 69 -1.85 -9.96 40.24
N GLN D 70 -2.32 -8.84 40.79
CA GLN D 70 -3.71 -8.75 41.20
C GLN D 70 -4.63 -8.82 39.97
N HIS D 71 -5.86 -9.30 40.22
CA HIS D 71 -6.85 -9.47 39.16
C HIS D 71 -6.33 -10.39 38.07
N ASP D 72 -5.93 -11.60 38.48
CA ASP D 72 -5.36 -12.56 37.55
C ASP D 72 -6.42 -13.13 36.62
N ASP D 73 -7.64 -13.35 37.14
CA ASP D 73 -8.70 -13.89 36.32
C ASP D 73 -9.02 -12.99 35.14
N ILE D 74 -9.08 -11.67 35.38
CA ILE D 74 -9.45 -10.74 34.32
C ILE D 74 -8.40 -10.75 33.22
N ILE D 75 -7.13 -10.64 33.58
CA ILE D 75 -6.07 -10.56 32.57
C ILE D 75 -5.95 -11.88 31.83
N GLN D 76 -6.08 -13.01 32.54
CA GLN D 76 -5.98 -14.30 31.86
C GLN D 76 -7.16 -14.52 30.91
N ASN D 77 -8.37 -14.16 31.33
CA ASN D 77 -9.52 -14.29 30.45
C ASN D 77 -9.40 -13.39 29.24
N GLN D 78 -8.85 -12.19 29.43
CA GLN D 78 -8.63 -11.29 28.30
C GLN D 78 -7.60 -11.88 27.33
N LYS D 79 -6.53 -12.48 27.87
CA LYS D 79 -5.53 -13.11 27.02
C LYS D 79 -6.13 -14.25 26.23
N ARG D 80 -6.98 -15.06 26.85
CA ARG D 80 -7.60 -16.17 26.14
C ARG D 80 -8.60 -15.68 25.09
N LYS D 81 -9.32 -14.60 25.40
CA LYS D 81 -10.30 -14.05 24.47
C LYS D 81 -9.63 -13.33 23.29
N ARG D 82 -8.38 -12.89 23.45
CA ARG D 82 -7.70 -12.18 22.38
C ARG D 82 -7.69 -12.99 21.09
N LEU D 83 -7.32 -14.27 21.17
CA LEU D 83 -7.26 -15.14 20.01
C LEU D 83 -8.48 -16.06 20.00
N ARG D 84 -9.09 -16.21 18.82
CA ARG D 84 -10.26 -17.05 18.66
C ARG D 84 -10.52 -17.31 17.18
N LYS D 85 -10.75 -18.58 16.83
CA LYS D 85 -10.99 -18.95 15.43
C LYS D 85 -11.69 -20.30 15.40
N GLU D 86 -12.85 -20.36 14.76
CA GLU D 86 -13.61 -21.60 14.62
C GLU D 86 -13.38 -22.25 13.27
N ARG D 87 -13.65 -21.51 12.19
CA ARG D 87 -13.47 -22.01 10.82
C ARG D 87 -14.26 -23.30 10.59
N ARG D 88 -15.46 -23.37 11.15
CA ARG D 88 -16.31 -24.53 11.02
C ARG D 88 -17.69 -24.22 10.46
N VAL D 89 -18.25 -23.05 10.74
CA VAL D 89 -19.56 -22.71 10.21
C VAL D 89 -19.49 -22.45 8.72
N LYS D 90 -18.33 -22.05 8.21
CA LYS D 90 -18.20 -21.74 6.80
C LYS D 90 -18.32 -22.98 5.93
N ARG D 91 -17.89 -24.14 6.44
CA ARG D 91 -17.87 -25.36 5.64
C ARG D 91 -18.89 -26.40 6.06
N ALA D 92 -19.46 -26.28 7.27
CA ALA D 92 -20.38 -27.30 7.75
C ALA D 92 -21.64 -27.36 6.90
N ILE D 93 -22.25 -26.20 6.62
CA ILE D 93 -23.46 -26.17 5.82
C ILE D 93 -23.19 -26.66 4.41
N ALA D 94 -22.04 -26.28 3.85
CA ALA D 94 -21.69 -26.74 2.50
C ALA D 94 -21.55 -28.26 2.47
N VAL D 95 -20.84 -28.83 3.45
CA VAL D 95 -20.63 -30.27 3.45
C VAL D 95 -21.95 -31.00 3.65
N VAL D 96 -22.83 -30.49 4.51
CA VAL D 96 -24.06 -31.22 4.78
C VAL D 96 -25.00 -31.13 3.59
N VAL D 97 -25.06 -29.97 2.91
CA VAL D 97 -25.93 -29.91 1.74
C VAL D 97 -25.35 -30.74 0.59
N GLY D 98 -24.02 -30.80 0.48
CA GLY D 98 -23.42 -31.66 -0.52
C GLY D 98 -23.73 -33.13 -0.28
N TRP D 99 -23.63 -33.57 0.96
CA TRP D 99 -23.95 -34.97 1.25
C TRP D 99 -25.43 -35.25 1.09
N ALA D 100 -26.29 -34.27 1.40
CA ALA D 100 -27.72 -34.44 1.18
C ALA D 100 -28.04 -34.60 -0.29
N ILE D 101 -27.44 -33.76 -1.15
CA ILE D 101 -27.72 -33.89 -2.57
C ILE D 101 -27.08 -35.16 -3.13
N ILE D 102 -25.97 -35.61 -2.55
CA ILE D 102 -25.38 -36.88 -2.96
C ILE D 102 -26.33 -38.03 -2.65
N GLY D 103 -26.89 -38.02 -1.44
CA GLY D 103 -27.86 -39.05 -1.10
C GLY D 103 -29.09 -39.01 -1.99
N TYR D 104 -29.60 -37.81 -2.28
CA TYR D 104 -30.77 -37.71 -3.15
C TYR D 104 -30.46 -38.24 -4.55
N MET D 105 -29.29 -37.89 -5.09
CA MET D 105 -28.96 -38.34 -6.44
C MET D 105 -28.72 -39.84 -6.49
N VAL D 106 -28.07 -40.40 -5.46
CA VAL D 106 -27.86 -41.85 -5.48
C VAL D 106 -29.18 -42.58 -5.29
N TYR D 107 -30.12 -42.00 -4.54
CA TYR D 107 -31.45 -42.59 -4.43
C TYR D 107 -32.15 -42.59 -5.78
N LEU D 108 -32.12 -41.44 -6.47
CA LEU D 108 -32.72 -41.36 -7.80
C LEU D 108 -32.05 -42.32 -8.78
N ILE D 109 -30.76 -42.59 -8.58
CA ILE D 109 -30.06 -43.54 -9.43
C ILE D 109 -30.55 -44.96 -9.15
N ILE D 110 -30.60 -45.35 -7.88
CA ILE D 110 -31.04 -46.70 -7.52
C ILE D 110 -32.49 -46.91 -7.91
N VAL D 111 -33.28 -45.85 -7.97
CA VAL D 111 -34.67 -45.97 -8.41
C VAL D 111 -34.74 -46.55 -9.81
N THR D 112 -33.90 -46.06 -10.72
CA THR D 112 -33.86 -46.57 -12.09
C THR D 112 -32.46 -47.03 -12.47
N SER D 200 -28.01 -42.41 -37.32
CA SER D 200 -27.77 -42.93 -35.97
C SER D 200 -26.71 -42.10 -35.25
N TYR D 201 -26.97 -40.80 -35.14
CA TYR D 201 -26.02 -39.90 -34.49
C TYR D 201 -26.80 -38.69 -33.96
N SER D 202 -26.95 -38.62 -32.64
CA SER D 202 -27.69 -37.53 -32.01
C SER D 202 -27.00 -37.16 -30.71
N ILE D 203 -27.01 -35.87 -30.40
CA ILE D 203 -26.37 -35.33 -29.21
C ILE D 203 -27.44 -34.89 -28.22
N GLY D 204 -27.16 -35.06 -26.93
CA GLY D 204 -28.06 -34.63 -25.88
C GLY D 204 -27.28 -33.99 -24.74
N ILE D 205 -28.02 -33.50 -23.76
CA ILE D 205 -27.43 -32.87 -22.57
C ILE D 205 -28.01 -33.54 -21.34
N ALA D 206 -27.16 -33.78 -20.35
CA ALA D 206 -27.58 -34.40 -19.08
C ALA D 206 -28.07 -33.31 -18.13
N LEU D 207 -29.25 -32.78 -18.46
CA LEU D 207 -29.91 -31.76 -17.65
C LEU D 207 -31.41 -32.01 -17.68
N PRO D 208 -32.11 -31.72 -16.58
CA PRO D 208 -33.55 -31.98 -16.52
C PRO D 208 -34.32 -31.20 -17.57
N LYS D 209 -35.49 -31.72 -17.91
CA LYS D 209 -36.31 -31.12 -18.97
C LYS D 209 -37.04 -29.87 -18.50
N LEU D 210 -37.43 -29.82 -17.22
CA LEU D 210 -38.23 -28.71 -16.72
C LEU D 210 -37.49 -27.37 -16.80
N ILE D 211 -36.18 -27.39 -17.00
CA ILE D 211 -35.43 -26.14 -17.10
C ILE D 211 -35.78 -25.39 -18.38
N ILE D 212 -36.02 -26.11 -19.47
CA ILE D 212 -36.32 -25.50 -20.76
C ILE D 212 -37.81 -25.49 -21.05
N GLU D 213 -38.63 -26.04 -20.16
CA GLU D 213 -40.08 -26.00 -20.37
C GLU D 213 -40.57 -24.56 -20.42
N GLU D 214 -41.64 -24.36 -21.20
CA GLU D 214 -42.15 -23.01 -21.41
C GLU D 214 -42.67 -22.36 -20.13
N GLY D 215 -42.92 -23.15 -19.09
CA GLY D 215 -43.43 -22.61 -17.85
C GLY D 215 -42.37 -21.88 -17.03
N SER D 216 -41.23 -22.53 -16.81
CA SER D 216 -40.19 -22.01 -15.95
C SER D 216 -39.11 -21.24 -16.70
N GLY D 217 -39.25 -21.09 -18.01
CA GLY D 217 -38.24 -20.42 -18.82
C GLY D 217 -38.00 -18.99 -18.39
N LYS D 218 -39.04 -18.16 -18.43
CA LYS D 218 -38.92 -16.78 -17.99
C LYS D 218 -38.52 -16.69 -16.54
N TYR D 219 -38.95 -17.66 -15.72
CA TYR D 219 -38.58 -17.65 -14.31
C TYR D 219 -37.07 -17.79 -14.13
N VAL D 220 -36.47 -18.81 -14.74
CA VAL D 220 -35.04 -19.00 -14.58
C VAL D 220 -34.27 -17.88 -15.28
N LEU D 221 -34.81 -17.34 -16.37
CA LEU D 221 -34.15 -16.21 -17.04
C LEU D 221 -34.09 -15.00 -16.11
N MET D 222 -35.21 -14.65 -15.49
CA MET D 222 -35.23 -13.52 -14.56
C MET D 222 -34.37 -13.81 -13.34
N LEU D 223 -34.32 -15.07 -12.89
CA LEU D 223 -33.47 -15.41 -11.75
C LEU D 223 -32.01 -15.16 -12.08
N TYR D 224 -31.55 -15.65 -13.23
CA TYR D 224 -30.16 -15.42 -13.63
C TYR D 224 -29.88 -13.94 -13.82
N ALA D 225 -30.82 -13.21 -14.42
CA ALA D 225 -30.63 -11.78 -14.62
C ALA D 225 -30.46 -11.06 -13.30
N SER D 226 -31.36 -11.32 -12.35
CA SER D 226 -31.28 -10.68 -11.04
C SER D 226 -29.99 -11.06 -10.34
N LEU D 227 -29.58 -12.34 -10.43
CA LEU D 227 -28.34 -12.78 -9.80
C LEU D 227 -27.15 -11.99 -10.35
N LEU D 228 -26.95 -12.06 -11.67
CA LEU D 228 -25.79 -11.39 -12.27
C LEU D 228 -25.86 -9.88 -12.14
N GLY D 229 -27.05 -9.31 -11.91
CA GLY D 229 -27.15 -7.87 -11.79
C GLY D 229 -27.03 -7.34 -10.37
N ILE D 230 -27.30 -8.19 -9.38
CA ILE D 230 -27.32 -7.78 -7.98
C ILE D 230 -26.14 -8.38 -7.21
N LEU D 231 -26.02 -9.71 -7.20
CA LEU D 231 -25.07 -10.37 -6.31
C LEU D 231 -23.64 -10.01 -6.66
N LEU D 232 -23.32 -9.92 -7.97
CA LEU D 232 -21.94 -9.61 -8.35
C LEU D 232 -21.55 -8.19 -7.96
N PRO D 233 -22.27 -7.13 -8.38
CA PRO D 233 -21.83 -5.78 -7.99
C PRO D 233 -21.88 -5.54 -6.49
N TYR D 234 -22.88 -6.11 -5.81
CA TYR D 234 -22.98 -5.92 -4.36
C TYR D 234 -21.79 -6.53 -3.65
N ILE D 235 -21.45 -7.78 -3.98
CA ILE D 235 -20.31 -8.41 -3.31
C ILE D 235 -19.00 -7.76 -3.71
N VAL D 236 -18.90 -7.24 -4.94
CA VAL D 236 -17.69 -6.55 -5.34
C VAL D 236 -17.51 -5.26 -4.55
N GLY D 237 -18.58 -4.47 -4.43
CA GLY D 237 -18.50 -3.26 -3.62
C GLY D 237 -18.25 -3.56 -2.15
N ARG D 238 -18.81 -4.65 -1.65
CA ARG D 238 -18.57 -5.03 -0.26
C ARG D 238 -17.10 -5.35 -0.03
N TRP D 239 -16.51 -6.15 -0.91
CA TRP D 239 -15.08 -6.44 -0.79
C TRP D 239 -14.24 -5.19 -0.98
N TRP D 240 -14.68 -4.27 -1.84
CA TRP D 240 -13.91 -3.06 -2.08
C TRP D 240 -13.89 -2.18 -0.84
N TYR D 241 -15.05 -1.90 -0.26
CA TYR D 241 -15.13 -1.10 0.96
C TYR D 241 -14.78 -1.89 2.22
N GLY D 242 -14.44 -3.17 2.08
CA GLY D 242 -14.01 -3.96 3.21
C GLY D 242 -12.51 -4.08 3.31
N SER D 243 -11.82 -3.84 2.20
CA SER D 243 -10.36 -3.89 2.13
C SER D 243 -9.78 -2.52 1.79
N GLN D 244 -10.38 -1.46 2.35
CA GLN D 244 -9.90 -0.10 2.10
C GLN D 244 -9.66 0.62 3.42
N ARG D 245 -10.44 0.27 4.45
CA ARG D 245 -10.33 0.95 5.73
C ARG D 245 -9.13 0.49 6.54
N TYR D 246 -8.70 -0.76 6.36
CA TYR D 246 -7.56 -1.28 7.09
C TYR D 246 -6.27 -0.87 6.42
N THR D 247 -5.34 -0.33 7.20
CA THR D 247 -4.04 0.12 6.70
C THR D 247 -3.03 -1.02 6.82
N ARG D 248 -1.75 -0.70 6.62
CA ARG D 248 -0.71 -1.73 6.66
C ARG D 248 -0.44 -2.18 8.10
N GLU D 249 -0.49 -1.26 9.06
CA GLU D 249 -0.16 -1.55 10.44
C GLU D 249 -1.35 -2.02 11.26
N LYS D 250 -2.38 -2.58 10.61
CA LYS D 250 -3.53 -3.15 11.29
C LYS D 250 -4.27 -2.11 12.14
N VAL D 251 -4.41 -0.90 11.60
CA VAL D 251 -5.17 0.16 12.24
C VAL D 251 -6.06 0.81 11.19
N LEU D 252 -7.23 1.26 11.63
CA LEU D 252 -8.21 1.82 10.71
C LEU D 252 -7.71 3.13 10.11
N ALA D 253 -8.09 3.37 8.86
CA ALA D 253 -7.64 4.58 8.16
C ALA D 253 -8.11 5.84 8.86
N ALA D 254 -9.30 5.81 9.45
CA ALA D 254 -9.78 6.98 10.19
C ALA D 254 -8.88 7.27 11.39
N SER D 255 -8.43 6.23 12.08
CA SER D 255 -7.56 6.43 13.24
C SER D 255 -6.23 7.04 12.84
N ALA D 256 -5.60 6.51 11.78
CA ALA D 256 -4.33 7.06 11.34
C ALA D 256 -4.49 8.48 10.83
N GLY D 257 -5.58 8.76 10.12
CA GLY D 257 -5.82 10.12 9.65
C GLY D 257 -6.03 11.10 10.79
N ASN D 258 -6.76 10.68 11.82
CA ASN D 258 -6.98 11.55 12.96
C ASN D 258 -5.71 11.74 13.77
N MET D 259 -4.83 10.74 13.78
CA MET D 259 -3.60 10.84 14.57
C MET D 259 -2.51 11.61 13.83
N PHE D 260 -2.56 11.63 12.50
CA PHE D 260 -1.53 12.35 11.75
C PHE D 260 -1.60 13.86 12.00
N ARG D 261 -2.82 14.42 11.99
CA ARG D 261 -2.95 15.86 12.18
C ARG D 261 -2.50 16.29 13.57
N GLU D 262 -2.56 15.38 14.55
CA GLU D 262 -2.14 15.70 15.91
C GLU D 262 -0.64 15.67 16.09
N TYR D 263 0.14 15.48 15.02
CA TYR D 263 1.59 15.47 15.14
C TYR D 263 2.10 16.89 15.36
N GLU D 264 2.98 17.05 16.34
CA GLU D 264 3.60 18.33 16.64
C GLU D 264 5.09 18.26 16.32
N GLY D 265 5.75 19.41 16.36
CA GLY D 265 7.16 19.50 16.04
C GLY D 265 8.04 18.68 16.98
N THR D 266 8.09 19.07 18.25
CA THR D 266 8.89 18.39 19.26
C THR D 266 7.99 18.06 20.44
N MET D 267 7.39 16.87 20.42
CA MET D 267 6.58 16.37 21.51
C MET D 267 7.15 15.03 21.97
N ILE D 268 7.42 14.92 23.27
CA ILE D 268 8.01 13.72 23.82
C ILE D 268 7.46 13.50 25.23
N GLY D 269 7.10 12.25 25.52
CA GLY D 269 6.60 11.91 26.83
C GLY D 269 5.10 12.13 26.99
N GLY D 270 4.74 13.25 27.62
CA GLY D 270 3.36 13.54 27.93
C GLY D 270 2.46 13.64 26.72
N PRO D 271 2.67 14.65 25.86
CA PRO D 271 1.74 14.89 24.75
C PRO D 271 1.58 13.71 23.80
N ILE D 272 2.47 12.72 23.85
CA ILE D 272 2.32 11.56 22.97
C ILE D 272 1.07 10.79 23.35
N VAL D 273 0.80 10.65 24.65
CA VAL D 273 -0.40 9.94 25.09
C VAL D 273 -1.66 10.69 24.64
N ASN D 274 -1.64 12.02 24.71
CA ASN D 274 -2.78 12.80 24.25
C ASN D 274 -2.98 12.64 22.75
N ALA D 275 -1.91 12.71 21.97
CA ALA D 275 -2.02 12.53 20.53
C ALA D 275 -2.37 11.11 20.14
N LEU D 276 -2.14 10.15 21.03
CA LEU D 276 -2.45 8.75 20.76
C LEU D 276 -3.85 8.36 21.21
N SER D 277 -4.43 9.09 22.15
CA SER D 277 -5.74 8.74 22.68
C SER D 277 -6.88 9.22 21.78
N THR D 278 -6.62 9.52 20.51
CA THR D 278 -7.65 9.91 19.56
C THR D 278 -7.88 8.81 18.53
N GLY D 279 -7.78 7.56 18.96
CA GLY D 279 -7.95 6.43 18.08
C GLY D 279 -9.41 6.20 17.73
N GLU D 280 -9.64 5.11 16.99
CA GLU D 280 -10.97 4.75 16.54
C GLU D 280 -11.51 3.44 17.12
N GLU D 281 -10.64 2.59 17.66
CA GLU D 281 -11.13 1.35 18.28
C GLU D 281 -11.93 1.64 19.54
N TYR D 282 -11.65 2.76 20.20
CA TYR D 282 -12.40 3.11 21.40
C TYR D 282 -13.86 3.39 21.08
N LYS D 283 -14.16 3.81 19.85
CA LYS D 283 -15.55 3.99 19.45
C LYS D 283 -16.31 2.68 19.50
N GLU D 284 -15.75 1.63 18.89
CA GLU D 284 -16.41 0.34 18.86
C GLU D 284 -16.29 -0.42 20.18
N MET D 285 -15.34 -0.06 21.04
CA MET D 285 -15.17 -0.77 22.29
C MET D 285 -16.28 -0.41 23.28
N LEU D 286 -16.48 0.89 23.51
CA LEU D 286 -17.41 1.37 24.53
C LEU D 286 -18.64 2.06 23.93
N SER D 287 -19.05 1.63 22.74
CA SER D 287 -20.22 2.22 22.11
C SER D 287 -21.47 1.96 22.94
N GLY D 288 -22.43 2.88 22.85
CA GLY D 288 -23.67 2.78 23.59
C GLY D 288 -23.57 3.49 24.93
N PRO D 289 -24.32 3.00 25.91
CA PRO D 289 -24.28 3.60 27.26
C PRO D 289 -23.06 3.25 28.07
N LYS D 290 -22.05 2.62 27.46
CA LYS D 290 -20.84 2.23 28.18
C LYS D 290 -19.89 3.41 28.42
N ALA D 291 -20.15 4.56 27.82
CA ALA D 291 -19.24 5.69 27.96
C ALA D 291 -19.42 6.39 29.30
N GLU D 292 -20.66 6.64 29.70
CA GLU D 292 -20.96 7.41 30.90
C GLU D 292 -21.23 6.51 32.12
N GLU D 293 -20.60 5.34 32.18
CA GLU D 293 -20.83 4.45 33.30
C GLU D 293 -20.02 4.86 34.53
N GLY D 294 -18.71 4.95 34.39
CA GLY D 294 -17.85 5.33 35.49
C GLY D 294 -16.93 6.47 35.13
N LEU D 295 -17.42 7.38 34.30
CA LEU D 295 -16.61 8.51 33.86
C LEU D 295 -16.18 9.38 35.04
N ALA D 296 -17.13 9.76 35.88
CA ALA D 296 -16.80 10.59 37.04
C ALA D 296 -15.81 9.89 37.96
N LYS D 297 -16.04 8.59 38.22
CA LYS D 297 -15.16 7.84 39.10
C LYS D 297 -13.73 7.81 38.57
N VAL D 298 -13.56 7.36 37.32
CA VAL D 298 -12.22 7.23 36.76
C VAL D 298 -11.55 8.58 36.67
N GLU D 299 -12.28 9.61 36.24
CA GLU D 299 -11.69 10.93 36.09
C GLU D 299 -11.24 11.49 37.44
N LYS D 300 -12.08 11.36 38.47
CA LYS D 300 -11.70 11.82 39.79
C LYS D 300 -10.46 11.08 40.29
N LYS D 301 -10.45 9.75 40.16
CA LYS D 301 -9.32 8.97 40.65
C LYS D 301 -8.03 9.39 39.95
N VAL D 302 -8.05 9.47 38.63
CA VAL D 302 -6.84 9.82 37.88
C VAL D 302 -6.38 11.22 38.24
N LEU D 303 -7.30 12.20 38.21
CA LEU D 303 -6.91 13.58 38.44
C LEU D 303 -6.49 13.84 39.87
N ALA D 304 -6.91 13.02 40.82
CA ALA D 304 -6.61 13.26 42.23
C ALA D 304 -5.39 12.49 42.71
N LEU D 305 -5.38 11.17 42.54
CA LEU D 305 -4.36 10.35 43.21
C LEU D 305 -2.97 10.56 42.62
N ASP D 306 -2.87 10.94 41.35
CA ASP D 306 -1.56 11.11 40.73
C ASP D 306 -0.95 12.45 41.12
N GLU D 307 0.35 12.45 41.38
CA GLU D 307 1.05 13.66 41.79
C GLU D 307 1.33 14.55 40.58
N LYS D 308 1.91 15.73 40.85
CA LYS D 308 2.17 16.69 39.79
C LYS D 308 3.37 16.33 38.92
N ILE D 309 4.26 15.46 39.41
CA ILE D 309 5.44 15.08 38.63
C ILE D 309 5.13 14.05 37.55
N LEU D 310 3.89 13.55 37.50
CA LEU D 310 3.47 12.65 36.45
C LEU D 310 2.48 13.27 35.48
N SER D 311 1.97 14.46 35.79
CA SER D 311 1.10 15.19 34.87
C SER D 311 1.05 16.64 35.33
N ALA D 312 1.42 17.58 34.45
CA ALA D 312 1.46 18.99 34.80
C ALA D 312 0.38 19.80 34.09
N LYS D 313 0.36 19.77 32.75
CA LYS D 313 -0.68 20.43 31.97
C LYS D 313 -1.61 19.44 31.28
N ASP D 314 -1.28 18.14 31.30
CA ASP D 314 -2.19 17.15 30.76
C ASP D 314 -3.52 17.17 31.49
N ARG D 315 -3.54 17.64 32.74
CA ARG D 315 -4.82 17.86 33.42
C ARG D 315 -5.68 18.85 32.65
N GLU D 316 -5.08 19.96 32.23
CA GLU D 316 -5.83 20.95 31.45
C GLU D 316 -6.22 20.39 30.09
N VAL D 317 -5.32 19.66 29.44
CA VAL D 317 -5.64 19.10 28.13
C VAL D 317 -6.77 18.09 28.24
N LEU D 318 -6.84 17.36 29.36
CA LEU D 318 -7.92 16.40 29.57
C LEU D 318 -9.24 17.12 29.87
N ARG D 319 -9.20 18.14 30.72
CA ARG D 319 -10.42 18.87 31.06
C ARG D 319 -10.96 19.67 29.88
N LYS D 320 -10.11 20.05 28.93
CA LYS D 320 -10.54 20.96 27.88
C LYS D 320 -11.46 20.26 26.87
N ILE D 321 -11.20 18.99 26.57
CA ILE D 321 -11.98 18.31 25.53
C ILE D 321 -13.39 18.06 26.03
N ASP D 322 -14.34 18.07 25.08
CA ASP D 322 -15.76 17.82 25.37
C ASP D 322 -16.26 16.74 24.42
N ASN D 323 -16.04 15.49 24.82
CA ASN D 323 -16.48 14.32 24.06
C ASN D 323 -16.42 13.12 25.01
N PRO D 324 -17.53 12.40 25.18
CA PRO D 324 -17.51 11.29 26.14
C PRO D 324 -16.53 10.18 25.78
N VAL D 325 -16.53 9.74 24.52
CA VAL D 325 -15.71 8.59 24.14
C VAL D 325 -14.22 8.90 24.30
N ARG D 326 -13.77 10.05 23.79
CA ARG D 326 -12.35 10.35 23.83
C ARG D 326 -11.88 10.62 25.25
N ARG D 327 -12.67 11.36 26.02
CA ARG D 327 -12.28 11.65 27.39
C ARG D 327 -12.23 10.38 28.23
N LYS D 328 -13.22 9.48 28.04
CA LYS D 328 -13.17 8.20 28.74
C LYS D 328 -11.94 7.41 28.32
N ALA D 329 -11.63 7.39 27.03
CA ALA D 329 -10.47 6.64 26.57
C ALA D 329 -9.19 7.18 27.19
N LEU D 330 -9.03 8.50 27.24
CA LEU D 330 -7.82 9.09 27.79
C LEU D 330 -7.71 8.82 29.28
N ALA D 331 -8.80 9.01 30.02
CA ALA D 331 -8.76 8.75 31.46
C ALA D 331 -8.44 7.29 31.74
N LEU D 332 -9.02 6.37 30.97
CA LEU D 332 -8.74 4.95 31.17
C LEU D 332 -7.29 4.63 30.84
N LEU D 333 -6.75 5.22 29.77
CA LEU D 333 -5.36 4.96 29.41
C LEU D 333 -4.41 5.44 30.49
N TRP D 334 -4.68 6.61 31.07
CA TRP D 334 -3.84 7.09 32.17
C TRP D 334 -3.97 6.19 33.39
N ALA D 335 -5.20 5.80 33.73
CA ALA D 335 -5.39 4.91 34.87
C ALA D 335 -4.66 3.59 34.68
N TYR D 336 -4.57 3.10 33.45
CA TYR D 336 -3.80 1.89 33.19
C TYR D 336 -2.31 2.16 33.32
N LEU D 337 -1.81 3.19 32.64
CA LEU D 337 -0.38 3.49 32.64
C LEU D 337 0.13 3.93 34.01
N ASN D 338 -0.74 4.15 34.99
CA ASN D 338 -0.28 4.52 36.33
C ASN D 338 -0.49 3.43 37.38
N ARG D 339 -0.99 2.26 36.99
CA ARG D 339 -1.25 1.16 37.94
C ARG D 339 -2.18 1.64 39.06
N ILE D 340 -3.38 2.06 38.68
CA ILE D 340 -4.22 2.77 39.63
C ILE D 340 -5.11 1.83 40.45
N ASP D 341 -5.46 0.66 39.91
CA ASP D 341 -6.29 -0.33 40.59
C ASP D 341 -7.58 0.29 41.13
N LEU D 342 -8.41 0.73 40.19
CA LEU D 342 -9.73 1.23 40.54
C LEU D 342 -10.63 0.09 40.97
N GLU D 343 -11.54 0.38 41.89
CA GLU D 343 -12.29 -0.67 42.59
C GLU D 343 -13.40 -1.30 41.75
N ASP D 344 -13.81 -0.65 40.67
CA ASP D 344 -14.93 -1.15 39.89
C ASP D 344 -14.56 -2.47 39.21
N PRO D 345 -15.27 -3.58 39.49
CA PRO D 345 -14.91 -4.86 38.87
C PRO D 345 -15.30 -4.98 37.40
N VAL D 346 -15.94 -3.97 36.82
CA VAL D 346 -16.31 -4.04 35.41
C VAL D 346 -15.42 -3.15 34.53
N LEU D 347 -14.74 -2.17 35.11
CA LEU D 347 -13.90 -1.28 34.33
C LEU D 347 -12.50 -1.83 34.07
N ASN D 348 -12.03 -2.77 34.89
CA ASN D 348 -10.72 -3.35 34.64
C ASN D 348 -10.70 -4.16 33.35
N GLU D 349 -11.80 -4.86 33.07
CA GLU D 349 -11.89 -5.68 31.86
C GLU D 349 -11.81 -4.84 30.60
N GLU D 350 -12.17 -3.56 30.67
CA GLU D 350 -11.99 -2.67 29.53
C GLU D 350 -10.71 -1.86 29.61
N LYS D 351 -10.15 -1.67 30.79
CA LYS D 351 -8.86 -0.98 30.90
C LYS D 351 -7.74 -1.82 30.32
N TYR D 352 -7.69 -3.10 30.70
CA TYR D 352 -6.67 -3.99 30.15
C TYR D 352 -6.84 -4.25 28.67
N GLU D 353 -7.95 -3.80 28.07
CA GLU D 353 -8.16 -3.83 26.64
C GLU D 353 -7.79 -2.51 25.98
N ALA D 354 -8.08 -1.39 26.65
CA ALA D 354 -7.60 -0.10 26.17
C ALA D 354 -6.09 -0.10 26.06
N GLY D 355 -5.40 -0.78 26.98
CA GLY D 355 -3.96 -0.91 26.85
C GLY D 355 -3.53 -1.61 25.58
N SER D 356 -4.17 -2.75 25.29
CA SER D 356 -3.85 -3.50 24.08
C SER D 356 -4.14 -2.70 22.82
N ILE D 357 -5.19 -1.89 22.84
CA ILE D 357 -5.48 -1.03 21.70
C ILE D 357 -4.42 0.06 21.57
N ALA D 358 -4.00 0.63 22.70
CA ALA D 358 -2.98 1.67 22.68
C ALA D 358 -1.67 1.14 22.14
N LEU D 359 -1.39 -0.14 22.32
CA LEU D 359 -0.15 -0.70 21.77
C LEU D 359 -0.13 -0.62 20.24
N SER D 360 -1.23 -1.04 19.60
CA SER D 360 -1.30 -0.98 18.14
C SER D 360 -1.32 0.46 17.65
N LEU D 361 -2.02 1.33 18.38
CA LEU D 361 -1.98 2.75 18.02
C LEU D 361 -0.58 3.31 18.15
N THR D 362 0.21 2.78 19.11
CA THR D 362 1.60 3.21 19.23
C THR D 362 2.42 2.75 18.04
N GLU D 363 2.17 1.53 17.55
CA GLU D 363 2.85 1.09 16.34
C GLU D 363 2.54 2.02 15.17
N SER D 364 1.26 2.39 15.02
CA SER D 364 0.89 3.29 13.93
C SER D 364 1.53 4.66 14.09
N PHE D 365 1.58 5.18 15.33
CA PHE D 365 2.18 6.49 15.55
C PHE D 365 3.69 6.45 15.32
N THR D 366 4.34 5.34 15.66
CA THR D 366 5.76 5.19 15.33
C THR D 366 5.95 5.23 13.82
N ALA D 367 5.08 4.55 13.07
CA ALA D 367 5.17 4.62 11.62
C ALA D 367 5.03 6.06 11.12
N ILE D 368 4.07 6.80 11.68
CA ILE D 368 3.84 8.17 11.21
C ILE D 368 5.04 9.07 11.55
N ALA D 369 5.53 8.99 12.79
CA ALA D 369 6.66 9.82 13.18
C ALA D 369 7.92 9.45 12.39
N LEU D 370 8.05 8.18 12.00
CA LEU D 370 9.17 7.79 11.16
C LEU D 370 9.02 8.36 9.75
N ALA D 371 7.78 8.39 9.25
CA ALA D 371 7.52 9.08 7.98
C ALA D 371 7.95 10.54 8.06
N PHE D 372 7.62 11.20 9.16
CA PHE D 372 8.16 12.54 9.39
C PHE D 372 9.67 12.47 9.56
N GLY D 373 10.36 13.49 9.06
CA GLY D 373 11.79 13.55 9.20
C GLY D 373 12.24 14.31 10.43
N ASN D 374 12.01 13.73 11.61
CA ASN D 374 12.40 14.35 12.85
C ASN D 374 12.93 13.29 13.80
N LEU D 375 13.64 13.75 14.85
CA LEU D 375 14.34 12.85 15.75
C LEU D 375 13.64 12.68 17.09
N ILE D 376 13.20 13.77 17.71
CA ILE D 376 12.60 13.68 19.04
C ILE D 376 11.33 12.84 19.05
N PRO D 377 10.38 12.99 18.12
CA PRO D 377 9.21 12.10 18.13
C PRO D 377 9.56 10.63 17.98
N ILE D 378 10.68 10.29 17.34
CA ILE D 378 11.06 8.89 17.21
C ILE D 378 11.37 8.30 18.59
N ILE D 379 12.30 8.92 19.32
CA ILE D 379 12.63 8.47 20.66
C ILE D 379 11.39 8.51 21.55
N GLY D 380 10.54 9.52 21.36
CA GLY D 380 9.33 9.60 22.16
C GLY D 380 8.40 8.43 21.92
N ALA D 381 8.17 8.07 20.66
CA ALA D 381 7.30 6.95 20.35
C ALA D 381 7.90 5.65 20.86
N TYR D 382 9.21 5.49 20.77
CA TYR D 382 9.84 4.28 21.29
C TYR D 382 9.68 4.19 22.81
N ARG D 383 9.83 5.32 23.50
CA ARG D 383 9.68 5.30 24.95
C ARG D 383 8.23 5.03 25.34
N ILE D 384 7.28 5.57 24.59
CA ILE D 384 5.89 5.31 24.93
C ILE D 384 5.50 3.86 24.62
N SER D 385 6.18 3.24 23.65
CA SER D 385 5.97 1.82 23.40
C SER D 385 6.60 0.97 24.49
N GLN D 386 7.74 1.41 25.01
CA GLN D 386 8.34 0.72 26.15
C GLN D 386 7.45 0.84 27.39
N CYS D 387 6.78 1.98 27.55
CA CYS D 387 5.96 2.17 28.75
C CYS D 387 4.61 1.46 28.63
N ILE D 388 4.02 1.44 27.44
CA ILE D 388 2.70 0.84 27.29
C ILE D 388 2.78 -0.68 27.43
N VAL D 389 3.81 -1.30 26.84
CA VAL D 389 3.96 -2.75 26.95
C VAL D 389 4.14 -3.19 28.38
N GLN D 390 4.64 -2.30 29.24
CA GLN D 390 4.74 -2.51 30.67
C GLN D 390 3.62 -1.72 31.35
N ALA D 391 3.68 -1.67 32.68
CA ALA D 391 2.71 -0.91 33.43
C ALA D 391 3.26 0.38 34.02
N ILE D 392 4.53 0.71 33.75
CA ILE D 392 5.12 1.92 34.30
C ILE D 392 4.57 3.15 33.58
N SER D 393 4.81 4.31 34.18
CA SER D 393 4.33 5.58 33.66
C SER D 393 5.45 6.34 32.97
N PRO D 394 5.16 7.04 31.87
CA PRO D 394 6.20 7.79 31.17
C PRO D 394 6.77 8.88 32.07
N GLY D 395 8.05 8.75 32.38
CA GLY D 395 8.74 9.66 33.27
C GLY D 395 8.99 9.12 34.65
N SER D 396 8.40 7.99 35.01
CA SER D 396 8.60 7.39 36.32
C SER D 396 9.85 6.52 36.31
N SER D 397 10.26 6.12 37.50
CA SER D 397 11.49 5.35 37.65
C SER D 397 11.36 4.02 36.91
N PRO D 398 12.33 3.65 36.07
CA PRO D 398 12.23 2.39 35.34
C PRO D 398 12.52 1.18 36.22
N LEU D 399 12.64 1.42 37.53
CA LEU D 399 12.87 0.33 38.47
C LEU D 399 11.62 -0.49 38.73
N LEU D 400 10.46 -0.09 38.21
CA LEU D 400 9.22 -0.81 38.43
C LEU D 400 9.05 -2.02 37.52
N GLN D 401 10.11 -2.44 36.81
CA GLN D 401 10.03 -3.63 35.99
C GLN D 401 10.13 -4.91 36.81
N LEU D 402 10.60 -4.82 38.05
CA LEU D 402 10.68 -5.98 38.92
C LEU D 402 9.27 -6.40 39.35
N PRO D 403 9.09 -7.65 39.77
CA PRO D 403 7.72 -8.14 40.01
C PRO D 403 7.07 -7.56 41.24
N TYR D 404 7.77 -7.48 42.37
CA TYR D 404 7.17 -7.15 43.65
C TYR D 404 7.40 -5.70 44.06
N PHE D 405 7.60 -4.80 43.11
CA PHE D 405 7.94 -3.43 43.41
C PHE D 405 6.74 -2.51 43.28
N THR D 406 6.61 -1.59 44.22
CA THR D 406 5.52 -0.64 44.34
C THR D 406 6.11 0.75 44.45
N PRO D 407 5.33 1.80 44.19
CA PRO D 407 5.85 3.17 44.36
C PRO D 407 6.52 3.43 45.69
N LYS D 408 6.06 2.79 46.77
CA LYS D 408 6.65 3.03 48.08
C LYS D 408 8.10 2.58 48.13
N VAL D 409 8.38 1.34 47.70
CA VAL D 409 9.73 0.83 47.83
C VAL D 409 10.68 1.51 46.85
N VAL D 410 10.19 1.90 45.67
CA VAL D 410 11.07 2.59 44.73
C VAL D 410 11.33 4.02 45.22
N GLU D 411 10.37 4.62 45.94
CA GLU D 411 10.64 5.91 46.56
C GLU D 411 11.59 5.76 47.74
N SER D 412 11.62 4.59 48.37
CA SER D 412 12.48 4.36 49.51
C SER D 412 13.89 3.92 49.14
N VAL D 413 14.11 3.42 47.92
CA VAL D 413 15.41 2.90 47.53
C VAL D 413 16.25 3.93 46.81
N GLU D 414 15.64 4.82 46.03
CA GLU D 414 16.38 5.80 45.24
C GLU D 414 16.47 7.16 45.90
N GLY D 415 16.06 7.29 47.16
CA GLY D 415 16.13 8.54 47.87
C GLY D 415 14.75 9.19 48.01
N ALA D 416 14.67 10.14 48.95
CA ALA D 416 13.39 10.79 49.24
C ALA D 416 12.90 11.57 48.03
N ASP D 417 13.69 12.53 47.55
CA ASP D 417 13.32 13.35 46.40
C ASP D 417 14.55 13.52 45.53
N VAL D 418 14.56 12.85 44.37
CA VAL D 418 15.67 12.90 43.43
C VAL D 418 15.14 13.09 42.03
N LYS D 419 15.92 13.77 41.20
CA LYS D 419 15.55 14.02 39.82
C LYS D 419 16.05 12.93 38.87
N THR D 420 17.04 12.15 39.29
CA THR D 420 17.53 11.02 38.50
C THR D 420 16.99 9.73 39.06
N HIS D 421 16.60 8.81 38.17
CA HIS D 421 15.99 7.56 38.56
C HIS D 421 16.97 6.42 38.35
N LEU D 422 17.25 5.68 39.42
CA LEU D 422 18.22 4.59 39.38
C LEU D 422 17.75 3.48 38.45
N SER D 423 18.49 3.27 37.35
CA SER D 423 18.15 2.21 36.41
C SER D 423 18.44 0.84 37.03
N VAL D 424 18.18 -0.21 36.25
CA VAL D 424 18.33 -1.56 36.77
C VAL D 424 19.79 -1.92 36.93
N GLN D 425 20.64 -1.50 35.99
CA GLN D 425 22.06 -1.81 36.08
C GLN D 425 22.67 -1.23 37.35
N LYS D 426 22.52 0.09 37.54
CA LYS D 426 23.12 0.74 38.70
C LYS D 426 22.50 0.26 40.00
N TYR D 427 21.26 -0.22 39.97
CA TYR D 427 20.66 -0.76 41.17
C TYR D 427 21.25 -2.12 41.52
N LEU D 428 21.39 -3.00 40.53
CA LEU D 428 21.91 -4.34 40.79
C LEU D 428 23.41 -4.32 41.07
N ASP D 429 24.12 -3.31 40.57
CA ASP D 429 25.57 -3.25 40.73
C ASP D 429 26.00 -2.72 42.10
N MET D 430 25.06 -2.40 42.98
CA MET D 430 25.42 -1.96 44.31
C MET D 430 25.85 -3.14 45.17
N PRO D 431 26.64 -2.89 46.22
CA PRO D 431 27.01 -3.98 47.13
C PRO D 431 25.84 -4.41 48.00
N GLU D 432 26.08 -5.33 48.95
CA GLU D 432 25.01 -5.88 49.76
C GLU D 432 24.55 -4.87 50.82
N GLU D 433 24.09 -3.72 50.33
CA GLU D 433 23.43 -2.70 51.13
C GLU D 433 21.94 -2.61 50.83
N ARG D 434 21.55 -2.93 49.60
CA ARG D 434 20.13 -3.01 49.26
C ARG D 434 19.40 -4.01 50.14
N ARG D 435 20.12 -5.02 50.65
CA ARG D 435 19.49 -6.02 51.51
C ARG D 435 18.90 -5.38 52.75
N ARG D 436 19.55 -4.37 53.31
CA ARG D 436 19.04 -3.66 54.46
C ARG D 436 18.31 -2.38 54.10
N SER D 437 18.51 -1.86 52.88
CA SER D 437 17.87 -0.61 52.50
C SER D 437 16.52 -0.80 51.80
N LEU D 438 16.23 -2.00 51.30
CA LEU D 438 15.00 -2.24 50.56
C LEU D 438 14.06 -3.21 51.27
N THR D 439 14.52 -4.41 51.57
CA THR D 439 13.68 -5.42 52.23
C THR D 439 13.91 -5.43 53.73
N VAL D 440 13.64 -4.27 54.34
CA VAL D 440 13.82 -4.14 55.79
C VAL D 440 12.83 -5.04 56.52
N GLY D 441 11.57 -5.02 56.11
CA GLY D 441 10.56 -5.84 56.74
C GLY D 441 9.30 -5.12 57.17
N PRO D 442 9.41 -3.89 57.72
CA PRO D 442 8.20 -3.14 58.07
C PRO D 442 7.44 -2.62 56.87
N GLY D 443 6.68 -3.50 56.21
CA GLY D 443 5.82 -3.10 55.12
C GLY D 443 6.51 -2.85 53.80
N LEU D 444 7.83 -2.96 53.73
CA LEU D 444 8.54 -2.71 52.47
C LEU D 444 8.49 -3.94 51.57
N LEU D 445 9.08 -5.04 52.01
CA LEU D 445 9.10 -6.27 51.23
C LEU D 445 9.43 -7.44 52.16
N THR D 446 9.60 -8.62 51.58
CA THR D 446 9.98 -9.82 52.31
C THR D 446 11.11 -10.51 51.58
N GLU D 447 11.94 -11.23 52.35
CA GLU D 447 13.09 -11.91 51.77
C GLU D 447 12.65 -12.92 50.72
N ASP D 448 11.58 -13.66 50.99
CA ASP D 448 11.08 -14.64 50.02
C ASP D 448 10.64 -13.98 48.72
N GLN D 449 10.23 -12.71 48.77
CA GLN D 449 9.86 -11.99 47.56
C GLN D 449 11.06 -11.31 46.92
N TYR D 450 11.98 -10.80 47.75
CA TYR D 450 13.17 -10.14 47.21
C TYR D 450 14.06 -11.13 46.46
N ASN D 451 14.14 -12.37 46.95
CA ASN D 451 14.93 -13.39 46.26
C ASN D 451 14.35 -13.68 44.89
N SER D 452 13.02 -13.81 44.79
CA SER D 452 12.40 -14.02 43.50
C SER D 452 12.60 -12.82 42.59
N ALA D 453 12.52 -11.60 43.15
CA ALA D 453 12.75 -10.40 42.35
C ALA D 453 14.16 -10.41 41.75
N ILE D 454 15.16 -10.75 42.55
CA ILE D 454 16.53 -10.80 42.04
C ILE D 454 16.68 -11.91 41.01
N ALA D 455 16.11 -13.08 41.29
CA ALA D 455 16.24 -14.23 40.39
C ALA D 455 15.55 -14.00 39.05
N VAL D 456 14.55 -13.12 39.00
CA VAL D 456 13.94 -12.77 37.71
C VAL D 456 14.56 -11.53 37.11
N ALA D 457 15.26 -10.72 37.91
CA ALA D 457 15.98 -9.58 37.34
C ALA D 457 17.28 -10.02 36.69
N LYS D 458 17.84 -11.15 37.11
CA LYS D 458 19.08 -11.64 36.54
C LYS D 458 18.88 -12.38 35.21
N GLN D 459 17.75 -12.21 34.53
CA GLN D 459 17.49 -12.88 33.26
C GLN D 459 16.93 -11.94 32.21
N LEU D 460 17.23 -10.64 32.28
CA LEU D 460 16.67 -9.79 31.24
C LEU D 460 17.70 -9.57 30.13
N PRO D 461 17.26 -9.52 28.87
CA PRO D 461 18.20 -9.28 27.76
C PRO D 461 18.70 -7.84 27.76
N LEU D 462 20.01 -7.68 27.96
CA LEU D 462 20.67 -6.38 27.83
C LEU D 462 21.76 -6.51 26.77
N PHE D 463 21.70 -5.66 25.76
CA PHE D 463 22.64 -5.71 24.64
C PHE D 463 23.74 -4.68 24.87
N ALA D 464 24.97 -5.16 25.00
CA ALA D 464 26.14 -4.30 25.21
C ALA D 464 27.08 -4.46 24.02
N ILE D 465 27.08 -3.47 23.14
CA ILE D 465 27.89 -3.54 21.92
C ILE D 465 29.34 -3.25 22.26
N SER D 466 30.25 -3.84 21.49
CA SER D 466 31.67 -3.69 21.73
C SER D 466 32.43 -3.18 20.51
N LYS D 467 32.07 -3.61 19.31
CA LYS D 467 32.71 -3.16 18.08
C LYS D 467 31.66 -2.84 17.04
N ALA D 468 31.77 -1.68 16.42
CA ALA D 468 30.82 -1.25 15.39
C ALA D 468 31.59 -0.41 14.38
N PHE D 469 31.94 -1.02 13.26
CA PHE D 469 32.77 -0.37 12.25
C PHE D 469 32.17 -0.59 10.87
N PHE D 470 32.33 0.41 10.00
CA PHE D 470 31.87 0.31 8.64
C PHE D 470 32.77 -0.61 7.82
N LYS D 471 32.18 -1.23 6.80
CA LYS D 471 32.94 -2.12 5.91
C LYS D 471 32.16 -2.30 4.63
N VAL D 472 32.80 -2.02 3.51
CA VAL D 472 32.19 -2.21 2.19
C VAL D 472 32.56 -3.59 1.68
N ALA D 473 31.61 -4.24 1.01
CA ALA D 473 31.78 -5.62 0.59
C ALA D 473 32.81 -5.70 -0.54
N GLY D 474 33.97 -6.27 -0.26
CA GLY D 474 34.97 -6.51 -1.27
C GLY D 474 35.82 -5.30 -1.63
N GLU D 475 36.28 -4.57 -0.61
CA GLU D 475 37.13 -3.41 -0.82
C GLU D 475 37.67 -2.96 0.53
N ARG D 476 38.78 -2.22 0.50
CA ARG D 476 39.41 -1.75 1.73
C ARG D 476 38.75 -0.46 2.22
N VAL D 477 38.82 0.60 1.41
CA VAL D 477 38.37 1.93 1.82
C VAL D 477 37.02 2.22 1.18
N VAL D 478 36.11 2.79 1.95
CA VAL D 478 34.77 3.10 1.47
C VAL D 478 34.85 4.22 0.45
N THR D 479 34.36 3.97 -0.76
CA THR D 479 34.22 4.85 -1.89
C THR D 479 32.86 5.55 -1.83
N PRO D 480 32.80 6.84 -2.16
CA PRO D 480 31.52 7.56 -2.07
C PRO D 480 30.45 6.95 -2.97
N SER D 481 29.20 7.12 -2.54
CA SER D 481 28.03 6.62 -3.26
C SER D 481 28.08 5.10 -3.45
N SER D 482 28.67 4.38 -2.50
CA SER D 482 28.74 2.93 -2.54
C SER D 482 27.84 2.32 -1.47
N LEU D 483 27.47 1.06 -1.70
CA LEU D 483 26.64 0.32 -0.75
C LEU D 483 27.53 -0.18 0.37
N VAL D 484 27.50 0.50 1.52
CA VAL D 484 28.33 0.16 2.66
C VAL D 484 27.46 -0.41 3.77
N GLN D 485 27.93 -1.48 4.38
CA GLN D 485 27.22 -2.14 5.48
C GLN D 485 28.06 -2.04 6.75
N LEU D 486 27.38 -1.96 7.88
CA LEU D 486 28.03 -1.89 9.19
C LEU D 486 27.77 -3.18 9.94
N VAL D 487 28.81 -3.72 10.56
CA VAL D 487 28.69 -4.89 11.42
C VAL D 487 28.82 -4.45 12.86
N ILE D 488 27.80 -4.76 13.66
CA ILE D 488 27.76 -4.40 15.07
C ILE D 488 27.64 -5.70 15.86
N LYS D 489 28.71 -6.07 16.57
CA LYS D 489 28.78 -7.34 17.28
C LYS D 489 28.83 -7.08 18.77
N GLY D 490 27.78 -7.51 19.48
CA GLY D 490 27.71 -7.36 20.91
C GLY D 490 27.67 -8.68 21.62
N ARG D 491 27.08 -8.71 22.82
CA ARG D 491 26.98 -9.92 23.61
C ARG D 491 25.88 -9.76 24.63
N ILE D 492 24.85 -10.61 24.57
CA ILE D 492 23.71 -10.50 25.45
C ILE D 492 24.14 -10.89 26.86
N ILE D 493 24.27 -9.91 27.74
CA ILE D 493 24.64 -10.14 29.13
C ILE D 493 23.54 -9.57 30.03
N PRO D 494 22.91 -10.38 30.86
CA PRO D 494 21.91 -9.85 31.80
C PRO D 494 22.60 -9.12 32.94
N PRO D 495 21.95 -8.09 33.51
CA PRO D 495 22.53 -7.32 34.62
C PRO D 495 22.69 -8.13 35.89
N ARG D 542 18.81 -17.52 13.93
CA ARG D 542 17.39 -17.85 13.87
C ARG D 542 16.87 -18.26 15.24
N VAL D 543 17.65 -17.99 16.28
CA VAL D 543 17.27 -18.33 17.65
C VAL D 543 16.35 -17.25 18.20
N GLN D 544 15.28 -17.68 18.88
CA GLN D 544 14.29 -16.79 19.45
C GLN D 544 14.69 -16.38 20.86
N PRO D 545 14.53 -15.11 21.22
CA PRO D 545 14.75 -14.68 22.59
C PRO D 545 13.52 -14.93 23.43
N PRO D 546 13.65 -14.98 24.76
CA PRO D 546 12.47 -15.17 25.60
C PRO D 546 11.51 -14.00 25.45
N LEU D 547 10.22 -14.29 25.62
CA LEU D 547 9.19 -13.29 25.43
C LEU D 547 9.26 -12.22 26.51
N ALA D 548 8.43 -11.19 26.33
CA ALA D 548 8.42 -10.07 27.27
C ALA D 548 8.05 -10.56 28.66
N HIS D 549 8.44 -9.76 29.66
CA HIS D 549 8.17 -10.11 31.05
C HIS D 549 6.98 -9.37 31.63
N ALA D 550 6.48 -8.36 30.94
CA ALA D 550 5.42 -7.53 31.51
C ALA D 550 4.12 -8.32 31.63
N PRO D 551 3.60 -8.52 32.84
CA PRO D 551 2.35 -9.26 33.02
C PRO D 551 1.11 -8.39 33.05
N TYR D 552 1.20 -7.11 32.72
CA TYR D 552 0.08 -6.18 32.80
C TYR D 552 -0.48 -5.83 31.43
N LEU D 553 -0.50 -6.77 30.50
CA LEU D 553 -1.14 -6.59 29.21
C LEU D 553 -1.60 -7.94 28.71
N PRO D 554 -2.70 -8.02 27.96
CA PRO D 554 -3.20 -9.33 27.53
C PRO D 554 -2.25 -10.08 26.62
N ARG D 555 -1.83 -9.49 25.52
CA ARG D 555 -1.01 -10.20 24.54
C ARG D 555 0.42 -10.38 25.06
N ASP D 556 1.11 -11.36 24.47
CA ASP D 556 2.52 -11.61 24.76
C ASP D 556 3.37 -11.04 23.64
N HIS D 557 4.29 -10.16 23.98
CA HIS D 557 5.04 -9.41 23.00
C HIS D 557 6.43 -10.01 22.84
N PRO D 558 6.82 -10.46 21.65
CA PRO D 558 8.21 -10.85 21.43
C PRO D 558 9.12 -9.64 21.39
N PRO D 559 10.09 -9.55 22.30
CA PRO D 559 10.90 -8.33 22.41
C PRO D 559 11.72 -8.10 21.15
N ARG D 560 11.48 -6.96 20.49
CA ARG D 560 12.17 -6.61 19.27
C ARG D 560 13.28 -5.60 19.58
N TRP D 561 14.04 -5.25 18.54
CA TRP D 561 15.11 -4.28 18.65
C TRP D 561 15.13 -3.42 17.40
N HIS D 562 15.33 -2.11 17.58
CA HIS D 562 15.40 -1.18 16.47
C HIS D 562 16.78 -0.53 16.45
N ILE D 563 17.42 -0.55 15.29
CA ILE D 563 18.75 0.03 15.11
C ILE D 563 18.66 1.09 14.03
N PHE D 564 18.95 2.33 14.39
CA PHE D 564 19.03 3.42 13.43
C PHE D 564 20.19 4.33 13.85
N LEU D 565 20.43 5.37 13.04
CA LEU D 565 21.50 6.31 13.33
C LEU D 565 21.16 7.65 12.71
N ALA D 566 21.49 8.72 13.45
CA ALA D 566 21.22 10.07 13.00
C ALA D 566 22.42 10.95 13.30
N ASP D 567 22.41 12.16 12.76
CA ASP D 567 23.50 13.10 12.94
C ASP D 567 23.12 14.17 13.97
N ALA D 568 24.11 14.96 14.37
CA ALA D 568 23.95 15.94 15.42
C ALA D 568 23.90 17.38 14.93
N LYS D 569 24.57 17.69 13.81
CA LYS D 569 24.54 19.05 13.28
C LYS D 569 23.13 19.50 12.95
N GLN D 570 22.26 18.56 12.58
CA GLN D 570 20.85 18.84 12.33
C GLN D 570 20.02 17.79 13.05
N GLY D 571 18.95 18.23 13.71
CA GLY D 571 18.09 17.31 14.42
C GLY D 571 17.20 16.50 13.49
N LYS D 572 17.80 15.64 12.67
CA LYS D 572 17.07 14.85 11.71
C LYS D 572 17.72 13.48 11.60
N ILE D 573 16.92 12.50 11.19
CA ILE D 573 17.39 11.14 11.07
C ILE D 573 18.18 10.98 9.77
N ALA D 574 19.14 10.05 9.76
CA ALA D 574 20.00 9.82 8.61
C ALA D 574 19.52 8.65 7.77
N VAL D 575 19.37 7.47 8.36
CA VAL D 575 18.90 6.30 7.65
C VAL D 575 17.68 5.72 8.37
N PRO D 576 16.78 5.03 7.67
CA PRO D 576 15.66 4.41 8.35
C PRO D 576 16.13 3.25 9.21
N PRO D 577 15.41 2.93 10.29
CA PRO D 577 15.84 1.84 11.17
C PRO D 577 15.60 0.48 10.54
N PHE D 578 16.25 -0.53 11.13
CA PHE D 578 16.18 -1.90 10.65
C PHE D 578 15.80 -2.79 11.84
N THR D 579 14.53 -3.20 11.88
CA THR D 579 14.00 -3.94 13.02
C THR D 579 14.20 -5.44 12.82
N PHE D 580 14.65 -6.11 13.87
CA PHE D 580 14.79 -7.56 13.87
C PHE D 580 14.44 -8.10 15.25
N THR D 581 14.31 -9.43 15.34
CA THR D 581 13.89 -10.05 16.58
C THR D 581 14.62 -11.36 16.90
N THR D 582 15.71 -11.68 16.21
CA THR D 582 16.40 -12.94 16.42
C THR D 582 17.89 -12.73 16.54
N PHE D 583 18.57 -13.73 17.08
CA PHE D 583 20.02 -13.72 17.29
C PHE D 583 20.59 -15.01 16.72
N ASP D 584 21.88 -15.25 16.98
CA ASP D 584 22.56 -16.47 16.57
C ASP D 584 23.24 -17.06 17.81
N LYS D 585 22.49 -17.85 18.58
CA LYS D 585 22.98 -18.39 19.84
C LYS D 585 24.13 -19.36 19.61
N THR D 595 25.85 -17.01 30.85
CA THR D 595 24.77 -17.30 29.92
C THR D 595 24.88 -16.44 28.67
N PHE D 596 26.11 -16.18 28.24
CA PHE D 596 26.36 -15.25 27.15
C PHE D 596 27.31 -15.85 26.12
N ASN D 597 27.18 -15.36 24.88
CA ASN D 597 28.06 -15.75 23.78
C ASN D 597 27.99 -14.64 22.73
N MET D 598 29.04 -14.55 21.94
CA MET D 598 29.15 -13.46 20.97
C MET D 598 28.05 -13.57 19.91
N GLN D 599 27.58 -12.41 19.46
CA GLN D 599 26.55 -12.34 18.44
C GLN D 599 27.04 -11.52 17.26
N THR D 600 26.16 -11.24 16.30
CA THR D 600 26.51 -10.38 15.18
C THR D 600 25.22 -9.88 14.54
N LEU D 601 25.24 -8.63 14.10
CA LEU D 601 24.08 -7.99 13.50
C LEU D 601 24.55 -7.09 12.36
N ARG D 602 23.84 -7.14 11.24
CA ARG D 602 24.26 -6.43 10.04
C ARG D 602 23.14 -5.54 9.53
N MET D 603 23.52 -4.56 8.72
CA MET D 603 22.61 -3.61 8.12
C MET D 603 23.34 -2.87 7.01
N GLN D 604 22.67 -2.72 5.87
CA GLN D 604 23.27 -2.10 4.69
C GLN D 604 22.47 -0.89 4.25
N PHE D 605 23.18 0.10 3.71
CA PHE D 605 22.57 1.33 3.23
C PHE D 605 23.51 1.94 2.19
N GLN D 606 23.19 3.15 1.74
CA GLN D 606 23.93 3.82 0.68
C GLN D 606 24.77 4.95 1.27
N ALA D 607 26.03 5.03 0.85
CA ALA D 607 26.93 6.06 1.34
C ALA D 607 26.56 7.42 0.78
N PRO D 608 27.02 8.50 1.40
CA PRO D 608 26.73 9.83 0.86
C PRO D 608 27.46 10.03 -0.46
N PRO D 609 26.92 10.89 -1.34
CA PRO D 609 27.54 11.04 -2.66
C PRO D 609 28.88 11.77 -2.62
N GLN D 610 28.98 12.85 -1.85
CA GLN D 610 30.18 13.66 -1.85
C GLN D 610 31.27 13.04 -0.98
N VAL D 611 32.39 13.73 -0.88
CA VAL D 611 33.56 13.26 -0.13
C VAL D 611 33.70 14.10 1.13
N GLY D 612 34.22 13.48 2.19
CA GLY D 612 34.40 14.15 3.45
C GLY D 612 33.85 13.34 4.61
N ASN D 613 34.68 13.07 5.61
CA ASN D 613 34.27 12.24 6.72
C ASN D 613 33.13 12.88 7.49
N PHE D 614 32.17 12.06 7.92
CA PHE D 614 31.02 12.50 8.66
C PHE D 614 31.07 11.95 10.09
N SER D 615 30.12 12.41 10.91
CA SER D 615 30.02 11.99 12.29
C SER D 615 28.59 11.54 12.57
N PHE D 616 28.43 10.27 12.92
CA PHE D 616 27.11 9.70 13.20
C PHE D 616 27.07 9.16 14.62
N VAL D 617 25.84 8.91 15.09
CA VAL D 617 25.59 8.23 16.36
C VAL D 617 24.46 7.24 16.14
N LEU D 618 24.69 5.98 16.48
CA LEU D 618 23.65 4.98 16.37
C LEU D 618 22.93 4.82 17.71
N HIS D 619 21.64 4.50 17.63
CA HIS D 619 20.82 4.29 18.80
C HIS D 619 20.39 2.83 18.85
N MET D 620 20.62 2.19 19.99
CA MET D 620 20.19 0.82 20.23
C MET D 620 18.86 0.77 20.96
N ILE D 621 17.98 1.74 20.69
CA ILE D 621 16.71 1.82 21.40
C ILE D 621 15.90 0.56 21.15
N SER D 622 15.40 -0.04 22.23
CA SER D 622 14.66 -1.29 22.16
C SER D 622 13.36 -1.15 22.93
N ASP D 623 12.28 -1.63 22.34
CA ASP D 623 11.01 -1.65 23.04
C ASP D 623 10.93 -2.87 23.96
N SER D 624 9.77 -3.04 24.59
CA SER D 624 9.47 -4.14 25.49
C SER D 624 10.22 -4.03 26.81
N TYR D 625 11.12 -3.07 26.93
CA TYR D 625 11.85 -2.81 28.17
C TYR D 625 12.25 -1.35 28.21
N MET D 626 12.49 -0.84 29.42
CA MET D 626 12.88 0.54 29.62
C MET D 626 14.15 0.59 30.45
N GLY D 627 15.17 1.27 29.93
CA GLY D 627 16.47 1.35 30.58
C GLY D 627 17.58 0.61 29.87
N PHE D 628 17.31 0.05 28.70
CA PHE D 628 18.30 -0.69 27.91
C PHE D 628 18.51 0.09 26.62
N ASP D 629 19.39 1.10 26.68
CA ASP D 629 19.67 1.94 25.52
C ASP D 629 21.17 2.16 25.42
N VAL D 630 21.70 2.00 24.22
CA VAL D 630 23.13 2.18 23.95
C VAL D 630 23.28 3.28 22.92
N LYS D 631 24.04 4.31 23.25
CA LYS D 631 24.23 5.48 22.39
C LYS D 631 25.72 5.70 22.21
N GLN D 632 26.26 5.24 21.09
CA GLN D 632 27.68 5.38 20.78
C GLN D 632 27.86 6.22 19.52
N GLU D 633 28.96 6.94 19.45
CA GLU D 633 29.29 7.78 18.32
C GLU D 633 30.25 7.05 17.38
N ILE D 634 29.91 7.03 16.09
CA ILE D 634 30.74 6.41 15.06
C ILE D 634 31.11 7.46 14.02
N THR D 635 32.38 7.48 13.65
CA THR D 635 32.90 8.36 12.60
C THR D 635 32.95 7.60 11.29
N LEU D 636 32.36 8.17 10.25
CA LEU D 636 32.38 7.57 8.92
C LEU D 636 33.62 8.04 8.16
N GLN D 637 34.11 7.18 7.28
CA GLN D 637 35.27 7.49 6.44
C GLN D 637 34.90 7.33 4.99
N VAL D 638 35.40 8.23 4.15
CA VAL D 638 35.13 8.22 2.72
C VAL D 638 36.25 8.95 2.00
N GLU D 639 36.70 8.39 0.88
CA GLU D 639 37.78 8.98 0.11
C GLU D 639 37.75 8.38 -1.29
N ASP D 640 38.61 8.91 -2.16
CA ASP D 640 38.74 8.40 -3.52
C ASP D 640 40.20 8.40 -3.96
N TRP E 3 -41.22 3.25 -42.49
CA TRP E 3 -39.78 2.94 -42.48
C TRP E 3 -39.33 2.55 -41.08
N LEU E 4 -39.97 1.54 -40.50
CA LEU E 4 -39.58 1.07 -39.18
C LEU E 4 -38.18 0.46 -39.19
N THR E 5 -37.77 -0.11 -40.33
CA THR E 5 -36.42 -0.68 -40.43
C THR E 5 -35.36 0.39 -40.27
N LEU E 6 -35.66 1.62 -40.67
CA LEU E 6 -34.68 2.70 -40.56
C LEU E 6 -34.65 3.30 -39.16
N VAL E 7 -35.77 3.24 -38.43
CA VAL E 7 -35.87 3.92 -37.14
C VAL E 7 -35.60 3.00 -35.95
N VAL E 8 -35.79 1.68 -36.09
CA VAL E 8 -35.61 0.79 -34.95
C VAL E 8 -34.17 0.76 -34.46
N PRO E 9 -33.16 0.51 -35.30
CA PRO E 9 -31.78 0.49 -34.78
C PRO E 9 -31.32 1.85 -34.28
N PHE E 10 -31.71 2.92 -34.98
CA PHE E 10 -31.37 4.26 -34.51
C PHE E 10 -31.99 4.55 -33.15
N ALA E 11 -33.26 4.16 -32.97
CA ALA E 11 -33.90 4.34 -31.66
C ALA E 11 -33.21 3.51 -30.59
N TYR E 12 -32.79 2.29 -30.93
CA TYR E 12 -32.09 1.45 -29.96
C TYR E 12 -30.78 2.09 -29.52
N LEU E 13 -29.96 2.51 -30.48
CA LEU E 13 -28.69 3.12 -30.13
C LEU E 13 -28.89 4.45 -29.41
N GLY E 14 -29.95 5.19 -29.74
CA GLY E 14 -30.24 6.41 -29.02
C GLY E 14 -30.62 6.15 -27.57
N VAL E 15 -31.44 5.12 -27.33
CA VAL E 15 -31.77 4.73 -25.97
C VAL E 15 -30.52 4.35 -25.21
N LEU E 16 -29.63 3.58 -25.84
CA LEU E 16 -28.41 3.15 -25.17
C LEU E 16 -27.54 4.33 -24.79
N ILE E 17 -27.30 5.25 -25.75
CA ILE E 17 -26.42 6.38 -25.46
C ILE E 17 -27.07 7.32 -24.46
N GLY E 18 -28.39 7.43 -24.48
CA GLY E 18 -29.06 8.27 -23.49
C GLY E 18 -28.94 7.71 -22.09
N CYS E 19 -29.12 6.39 -21.94
CA CYS E 19 -28.91 5.77 -20.63
C CYS E 19 -27.47 5.95 -20.16
N LEU E 20 -26.51 5.76 -21.07
CA LEU E 20 -25.10 5.97 -20.71
C LEU E 20 -24.88 7.40 -20.22
N ALA E 21 -25.41 8.39 -20.95
CA ALA E 21 -25.16 9.78 -20.61
C ALA E 21 -25.83 10.15 -19.28
N THR E 22 -27.07 9.69 -19.05
CA THR E 22 -27.73 10.05 -17.81
C THR E 22 -27.07 9.38 -16.62
N PHE E 23 -26.60 8.13 -16.79
CA PHE E 23 -25.88 7.50 -15.68
C PHE E 23 -24.55 8.20 -15.41
N SER E 24 -23.85 8.61 -16.47
CA SER E 24 -22.60 9.35 -16.27
C SER E 24 -22.85 10.65 -15.52
N SER E 25 -23.89 11.39 -15.91
CA SER E 25 -24.19 12.65 -15.24
C SER E 25 -24.56 12.42 -13.78
N LEU E 26 -25.40 11.41 -13.52
CA LEU E 26 -25.82 11.13 -12.15
C LEU E 26 -24.63 10.71 -11.29
N TYR E 27 -23.75 9.87 -11.82
CA TYR E 27 -22.60 9.43 -11.05
C TYR E 27 -21.62 10.58 -10.80
N ARG E 28 -21.43 11.46 -11.79
CA ARG E 28 -20.57 12.62 -11.58
C ARG E 28 -21.14 13.54 -10.51
N ARG E 29 -22.45 13.78 -10.56
CA ARG E 29 -23.08 14.61 -9.54
C ARG E 29 -22.95 14.01 -8.15
N ARG E 30 -23.18 12.70 -8.04
CA ARG E 30 -23.06 12.03 -6.73
C ARG E 30 -21.63 12.09 -6.22
N LYS E 31 -20.65 11.87 -7.10
CA LYS E 31 -19.26 11.90 -6.67
C LYS E 31 -18.86 13.31 -6.23
N ALA E 32 -19.31 14.33 -6.96
CA ALA E 32 -18.99 15.70 -6.56
C ALA E 32 -19.64 16.05 -5.23
N ALA E 33 -20.89 15.63 -5.03
CA ALA E 33 -21.57 15.93 -3.77
C ALA E 33 -20.93 15.18 -2.60
N LYS E 34 -20.40 13.98 -2.85
CA LYS E 34 -19.75 13.24 -1.78
C LYS E 34 -18.36 13.81 -1.48
N ALA E 35 -17.67 14.32 -2.50
CA ALA E 35 -16.35 14.88 -2.29
C ALA E 35 -16.39 16.27 -1.67
N ALA E 36 -17.45 17.03 -1.93
CA ALA E 36 -17.59 18.37 -1.36
C ALA E 36 -18.29 18.35 0.00
N SER E 37 -18.36 17.19 0.65
CA SER E 37 -19.01 17.05 1.94
C SER E 37 -18.06 16.44 2.96
N LEU E 38 -16.78 16.77 2.86
CA LEU E 38 -15.76 16.27 3.77
C LEU E 38 -15.50 17.28 4.87
N GLU E 39 -15.20 16.78 6.06
CA GLU E 39 -14.91 17.65 7.18
C GLU E 39 -13.69 18.52 6.88
N PRO E 40 -13.66 19.77 7.34
CA PRO E 40 -12.51 20.63 7.05
C PRO E 40 -11.25 20.10 7.72
N TRP E 41 -10.10 20.51 7.16
CA TRP E 41 -8.83 20.05 7.69
C TRP E 41 -8.52 20.71 9.03
N PHE E 42 -8.43 22.03 9.04
CA PHE E 42 -8.04 22.77 10.23
C PHE E 42 -9.27 23.37 10.91
N PRO E 43 -9.17 23.66 12.20
CA PRO E 43 -10.32 24.23 12.94
C PRO E 43 -10.77 25.54 12.31
N PRO E 44 -11.99 25.98 12.62
CA PRO E 44 -12.52 27.19 11.97
C PRO E 44 -11.68 28.41 12.29
N HIS E 45 -11.49 29.23 11.26
CA HIS E 45 -10.73 30.46 11.41
C HIS E 45 -11.48 31.44 12.32
N LEU E 46 -10.76 32.05 13.25
CA LEU E 46 -11.36 32.96 14.22
C LEU E 46 -11.06 34.42 13.93
N GLN E 47 -9.82 34.75 13.56
CA GLN E 47 -9.47 36.14 13.31
C GLN E 47 -10.17 36.68 12.08
N ARG E 48 -10.30 35.85 11.03
CA ARG E 48 -11.06 36.28 9.86
C ARG E 48 -12.53 36.52 10.21
N ASP E 49 -13.08 35.68 11.09
CA ASP E 49 -14.45 35.90 11.56
C ASP E 49 -14.57 37.22 12.31
N ILE E 50 -13.60 37.51 13.18
CA ILE E 50 -13.64 38.77 13.92
C ILE E 50 -13.54 39.96 12.97
N TYR E 51 -12.69 39.85 11.94
CA TYR E 51 -12.56 40.93 10.97
C TYR E 51 -13.85 41.14 10.19
N HIS E 52 -14.49 40.06 9.76
CA HIS E 52 -15.75 40.19 9.04
C HIS E 52 -16.84 40.75 9.93
N SER E 53 -16.86 40.37 11.21
CA SER E 53 -17.85 40.93 12.12
C SER E 53 -17.61 42.41 12.37
N LEU E 54 -16.34 42.82 12.44
CA LEU E 54 -16.04 44.25 12.56
C LEU E 54 -16.51 45.02 11.33
N LEU E 55 -16.29 44.44 10.14
CA LEU E 55 -16.78 45.10 8.93
C LEU E 55 -18.29 45.19 8.93
N HIS E 56 -18.98 44.14 9.38
CA HIS E 56 -20.43 44.16 9.44
C HIS E 56 -20.93 45.21 10.43
N LEU E 57 -20.28 45.32 11.59
CA LEU E 57 -20.65 46.34 12.56
C LEU E 57 -20.42 47.74 11.99
N ASP E 58 -19.34 47.91 11.23
CA ASP E 58 -19.10 49.19 10.57
C ASP E 58 -20.20 49.52 9.56
N GLN E 59 -20.63 48.52 8.80
CA GLN E 59 -21.66 48.75 7.80
C GLN E 59 -23.00 49.08 8.46
N GLN E 60 -23.37 48.33 9.50
CA GLN E 60 -24.62 48.57 10.21
C GLN E 60 -24.48 49.66 11.26
N GLN E 61 -23.99 50.82 10.83
CA GLN E 61 -23.80 51.95 11.73
C GLN E 61 -23.65 53.24 10.93
N ARG E 68 -19.84 54.67 15.21
CA ARG E 68 -18.72 54.84 14.29
C ARG E 68 -17.48 54.10 14.78
N VAL E 69 -16.75 53.49 13.86
CA VAL E 69 -15.56 52.72 14.20
C VAL E 69 -14.35 53.32 13.48
N PRO E 70 -13.20 53.45 14.14
CA PRO E 70 -12.00 53.92 13.45
C PRO E 70 -11.46 52.91 12.45
N GLU E 71 -10.36 53.23 11.79
CA GLU E 71 -9.79 52.36 10.76
C GLU E 71 -8.50 51.67 11.20
N THR E 72 -7.85 52.16 12.25
CA THR E 72 -6.61 51.53 12.70
C THR E 72 -6.89 50.15 13.30
N VAL E 73 -8.00 50.02 14.03
CA VAL E 73 -8.37 48.72 14.60
C VAL E 73 -8.62 47.70 13.50
N LEU E 74 -9.17 48.13 12.37
CA LEU E 74 -9.33 47.23 11.24
C LEU E 74 -7.97 46.75 10.73
N LYS E 75 -6.99 47.64 10.68
CA LYS E 75 -5.65 47.25 10.25
C LYS E 75 -5.03 46.28 11.24
N ALA E 76 -5.25 46.48 12.53
CA ALA E 76 -4.74 45.54 13.52
C ALA E 76 -5.38 44.16 13.36
N ALA E 77 -6.70 44.13 13.15
CA ALA E 77 -7.38 42.87 12.93
C ALA E 77 -6.85 42.17 11.69
N LEU E 78 -6.62 42.92 10.62
CA LEU E 78 -6.10 42.31 9.40
C LEU E 78 -4.69 41.78 9.61
N LEU E 79 -3.85 42.51 10.35
CA LEU E 79 -2.52 42.02 10.68
C LEU E 79 -2.59 40.71 11.44
N ARG E 80 -3.48 40.63 12.43
CA ARG E 80 -3.61 39.39 13.19
C ARG E 80 -4.09 38.24 12.31
N ARG E 81 -5.05 38.53 11.42
CA ARG E 81 -5.53 37.51 10.51
C ARG E 81 -4.41 37.02 9.59
N ALA E 82 -3.57 37.94 9.11
CA ALA E 82 -2.46 37.56 8.26
C ALA E 82 -1.44 36.73 9.01
N ALA E 83 -1.20 37.05 10.29
CA ALA E 83 -0.28 36.25 11.09
C ALA E 83 -0.80 34.83 11.26
N GLU E 84 -2.08 34.70 11.61
CA GLU E 84 -2.69 33.37 11.72
C GLU E 84 -2.59 32.62 10.40
N ASP E 85 -2.83 33.32 9.28
CA ASP E 85 -2.81 32.67 7.98
C ASP E 85 -1.41 32.21 7.61
N ILE E 86 -0.38 33.00 7.94
CA ILE E 86 0.97 32.59 7.58
C ILE E 86 1.44 31.45 8.47
N LYS E 87 0.98 31.41 9.73
CA LYS E 87 1.25 30.24 10.56
C LYS E 87 0.62 28.99 9.96
N ARG E 88 -0.62 29.11 9.50
CA ARG E 88 -1.29 28.00 8.83
C ARG E 88 -0.52 27.56 7.59
N VAL E 89 -0.02 28.52 6.81
CA VAL E 89 0.71 28.21 5.60
C VAL E 89 2.00 27.48 5.92
N MET E 90 2.72 27.94 6.94
CA MET E 90 3.93 27.25 7.36
C MET E 90 3.63 25.81 7.78
N ALA E 91 2.54 25.61 8.53
CA ALA E 91 2.18 24.27 8.96
C ALA E 91 1.89 23.37 7.76
N ILE E 92 1.13 23.88 6.79
CA ILE E 92 0.77 23.05 5.65
C ILE E 92 1.99 22.74 4.80
N ARG E 93 2.94 23.70 4.69
CA ARG E 93 4.15 23.44 3.93
C ARG E 93 5.03 22.41 4.63
N GLU E 94 5.04 22.42 5.96
CA GLU E 94 5.78 21.40 6.69
C GLU E 94 5.16 20.03 6.50
N GLN E 95 3.83 19.96 6.50
CA GLN E 95 3.15 18.66 6.43
C GLN E 95 3.11 18.08 5.02
N LYS E 96 3.26 18.90 3.99
CA LYS E 96 3.13 18.42 2.62
C LYS E 96 4.13 17.29 2.32
N GLN E 97 5.40 17.51 2.66
CA GLN E 97 6.42 16.52 2.31
C GLN E 97 6.20 15.20 3.04
N ALA E 98 5.90 15.27 4.34
CA ALA E 98 5.67 14.05 5.11
C ALA E 98 4.46 13.30 4.57
N LEU E 99 3.38 14.01 4.24
CA LEU E 99 2.20 13.34 3.72
C LEU E 99 2.48 12.69 2.37
N ALA E 100 3.21 13.38 1.50
CA ALA E 100 3.52 12.82 0.19
C ALA E 100 4.40 11.58 0.32
N LEU E 101 5.38 11.62 1.22
CA LEU E 101 6.24 10.46 1.41
C LEU E 101 5.49 9.31 2.08
N LEU E 102 4.50 9.61 2.91
CA LEU E 102 3.81 8.56 3.64
C LEU E 102 2.69 7.92 2.82
N LEU E 103 2.16 8.64 1.82
CA LEU E 103 1.03 8.10 1.06
C LEU E 103 1.39 6.81 0.33
N GLN E 104 2.65 6.66 -0.11
CA GLN E 104 3.02 5.48 -0.88
C GLN E 104 3.05 4.22 -0.02
N ARG E 105 3.43 4.35 1.25
CA ARG E 105 3.52 3.16 2.11
C ARG E 105 2.17 2.52 2.36
N GLY E 106 1.08 3.28 2.21
CA GLY E 106 -0.25 2.74 2.38
C GLY E 106 -0.76 2.70 3.80
N SER E 107 0.02 3.19 4.77
CA SER E 107 -0.43 3.22 6.16
C SER E 107 -1.45 4.32 6.41
N VAL E 108 -1.73 5.17 5.42
CA VAL E 108 -2.70 6.24 5.55
C VAL E 108 -3.75 6.06 4.46
N GLY E 109 -5.01 6.32 4.81
CA GLY E 109 -6.10 6.21 3.86
C GLY E 109 -5.99 7.15 2.68
N ASP E 110 -6.99 7.13 1.80
CA ASP E 110 -6.95 7.93 0.59
C ASP E 110 -7.63 9.28 0.76
N GLU E 111 -8.68 9.36 1.57
CA GLU E 111 -9.42 10.61 1.72
C GLU E 111 -8.57 11.71 2.34
N LEU E 112 -7.52 11.35 3.08
CA LEU E 112 -6.68 12.38 3.70
C LEU E 112 -5.96 13.21 2.64
N TRP E 113 -5.51 12.58 1.57
CA TRP E 113 -4.84 13.33 0.51
C TRP E 113 -5.80 14.29 -0.18
N GLN E 114 -7.05 13.88 -0.38
CA GLN E 114 -8.04 14.78 -0.95
C GLN E 114 -8.34 15.94 -0.01
N ARG E 115 -8.47 15.66 1.28
CA ARG E 115 -8.66 16.73 2.25
C ARG E 115 -7.47 17.71 2.22
N PHE E 116 -6.26 17.17 2.08
CA PHE E 116 -5.08 18.02 2.03
C PHE E 116 -5.08 18.91 0.80
N LEU E 117 -5.40 18.35 -0.37
CA LEU E 117 -5.46 19.16 -1.58
C LEU E 117 -6.53 20.23 -1.48
N ARG E 118 -7.69 19.88 -0.92
CA ARG E 118 -8.75 20.85 -0.72
C ARG E 118 -8.30 21.98 0.20
N ALA E 119 -7.62 21.63 1.29
CA ALA E 119 -7.12 22.65 2.21
C ALA E 119 -6.07 23.53 1.54
N GLU E 120 -5.24 22.95 0.69
CA GLU E 120 -4.23 23.74 -0.01
C GLU E 120 -4.88 24.74 -0.96
N LYS E 121 -5.89 24.30 -1.72
CA LYS E 121 -6.59 25.21 -2.61
C LYS E 121 -7.32 26.30 -1.84
N GLU E 122 -7.93 25.93 -0.70
CA GLU E 122 -8.60 26.91 0.14
C GLU E 122 -7.62 27.95 0.67
N MET E 123 -6.42 27.50 1.08
CA MET E 123 -5.42 28.43 1.56
C MET E 123 -4.91 29.34 0.45
N GLU E 124 -4.81 28.81 -0.77
CA GLU E 124 -4.42 29.66 -1.90
C GLU E 124 -5.46 30.75 -2.15
N ASP E 125 -6.74 30.36 -2.20
CA ASP E 125 -7.79 31.36 -2.38
C ASP E 125 -7.78 32.37 -1.24
N GLU E 126 -7.54 31.91 0.00
CA GLU E 126 -7.56 32.80 1.15
C GLU E 126 -6.40 33.78 1.11
N VAL E 127 -5.21 33.32 0.75
CA VAL E 127 -4.05 34.22 0.71
C VAL E 127 -4.22 35.24 -0.41
N ARG E 128 -4.80 34.82 -1.55
CA ARG E 128 -5.09 35.78 -2.60
C ARG E 128 -6.10 36.83 -2.14
N ASP E 129 -7.15 36.38 -1.46
CA ASP E 129 -8.18 37.31 -0.99
C ASP E 129 -7.60 38.30 0.02
N VAL E 130 -6.74 37.83 0.92
CA VAL E 130 -6.23 38.73 1.96
C VAL E 130 -5.20 39.69 1.37
N VAL E 131 -4.41 39.24 0.40
CA VAL E 131 -3.47 40.19 -0.20
C VAL E 131 -4.23 41.23 -1.02
N ALA E 132 -5.34 40.84 -1.65
CA ALA E 132 -6.15 41.82 -2.36
C ALA E 132 -6.76 42.83 -1.40
N GLU E 133 -7.35 42.35 -0.30
CA GLU E 133 -7.95 43.25 0.68
C GLU E 133 -6.90 44.18 1.28
N ALA E 134 -5.67 43.67 1.47
CA ALA E 134 -4.61 44.51 2.00
C ALA E 134 -4.20 45.58 1.01
N ASN E 135 -4.01 45.19 -0.25
CA ASN E 135 -3.66 46.18 -1.28
C ASN E 135 -4.75 47.22 -1.44
N SER E 136 -6.00 46.87 -1.13
CA SER E 136 -7.07 47.84 -1.17
C SER E 136 -6.90 48.93 -0.11
N TYR E 137 -6.46 48.55 1.08
CA TYR E 137 -6.39 49.51 2.18
C TYR E 137 -5.34 50.59 1.92
N ALA E 138 -4.07 50.19 1.82
CA ALA E 138 -2.98 51.15 1.77
C ALA E 138 -2.16 50.99 0.49
N PRO E 139 -1.52 52.07 0.02
CA PRO E 139 -0.73 51.99 -1.21
C PRO E 139 0.47 51.06 -1.03
N ASN E 140 0.52 50.03 -1.88
CA ASN E 140 1.60 49.04 -1.87
C ASN E 140 1.79 48.44 -0.48
N TRP E 141 0.73 47.77 -0.01
CA TRP E 141 0.69 47.22 1.33
C TRP E 141 0.53 45.70 1.27
N GLY E 142 1.07 45.08 0.22
CA GLY E 142 0.87 43.66 0.00
C GLY E 142 1.88 42.75 0.65
N GLN E 143 3.16 42.89 0.30
CA GLN E 143 4.17 41.96 0.79
C GLN E 143 4.64 42.33 2.20
N VAL E 144 4.64 43.62 2.53
CA VAL E 144 5.01 44.04 3.88
C VAL E 144 4.06 43.42 4.91
N ILE E 145 2.80 43.18 4.53
CA ILE E 145 1.87 42.46 5.40
C ILE E 145 2.46 41.10 5.80
N PHE E 146 2.88 40.32 4.81
CA PHE E 146 3.34 38.97 5.16
C PHE E 146 4.69 38.98 5.84
N GLN E 147 5.56 39.93 5.48
CA GLN E 147 6.81 40.07 6.22
C GLN E 147 6.54 40.36 7.69
N SER E 148 5.69 41.35 7.95
CA SER E 148 5.34 41.68 9.33
C SER E 148 4.67 40.51 10.02
N ALA E 149 3.85 39.76 9.29
CA ALA E 149 3.14 38.63 9.89
C ALA E 149 4.09 37.55 10.35
N ARG E 150 5.01 37.13 9.48
CA ARG E 150 5.96 36.08 9.86
C ARG E 150 6.87 36.56 10.98
N GLU E 151 7.32 37.82 10.93
CA GLU E 151 8.18 38.33 11.99
C GLU E 151 7.45 38.35 13.32
N MET E 152 6.21 38.86 13.32
CA MET E 152 5.43 38.91 14.55
C MET E 152 5.17 37.53 15.11
N ASP E 153 4.84 36.57 14.25
CA ASP E 153 4.56 35.22 14.74
C ASP E 153 5.79 34.58 15.34
N ALA E 154 6.94 34.69 14.65
CA ALA E 154 8.17 34.12 15.18
C ALA E 154 8.54 34.76 16.51
N ASN E 155 8.46 36.10 16.59
CA ASN E 155 8.82 36.78 17.82
C ASN E 155 7.88 36.40 18.96
N ALA E 156 6.59 36.23 18.64
CA ALA E 156 5.61 35.91 19.69
C ALA E 156 5.84 34.49 20.22
N THR E 157 6.06 33.52 19.34
CA THR E 157 6.31 32.17 19.82
C THR E 157 7.64 32.08 20.57
N TYR E 158 8.64 32.84 20.14
CA TYR E 158 9.90 32.88 20.86
C TYR E 158 9.71 33.46 22.26
N ARG E 159 8.96 34.55 22.37
CA ARG E 159 8.70 35.15 23.66
C ARG E 159 7.91 34.21 24.56
N ALA E 160 6.97 33.46 23.98
CA ALA E 160 6.20 32.50 24.77
C ALA E 160 7.10 31.40 25.31
N ARG E 161 7.97 30.86 24.45
CA ARG E 161 8.91 29.83 24.91
C ARG E 161 9.82 30.38 26.01
N MET E 162 10.27 31.63 25.85
CA MET E 162 11.17 32.21 26.85
C MET E 162 10.46 32.39 28.19
N GLU E 163 9.22 32.89 28.16
CA GLU E 163 8.47 33.03 29.41
C GLU E 163 8.21 31.67 30.05
N GLU E 164 7.91 30.65 29.24
CA GLU E 164 7.69 29.32 29.78
C GLU E 164 8.94 28.80 30.46
N TYR E 165 10.11 28.96 29.84
CA TYR E 165 11.35 28.49 30.46
C TYR E 165 11.69 29.32 31.69
N GLN E 166 11.32 30.60 31.71
CA GLN E 166 11.61 31.46 32.85
C GLN E 166 10.68 31.20 34.03
N ALA E 167 9.51 30.61 33.79
CA ALA E 167 8.53 30.41 34.85
C ALA E 167 8.79 29.15 35.68
N THR E 168 10.02 28.64 35.72
CA THR E 168 10.35 27.46 36.49
C THR E 168 11.38 27.75 37.58
N VAL E 169 11.87 29.00 37.66
CA VAL E 169 12.90 29.35 38.63
C VAL E 169 12.39 29.19 40.05
N ALA E 170 11.10 29.44 40.28
CA ALA E 170 10.55 29.28 41.62
C ALA E 170 10.63 27.83 42.08
N GLU E 171 10.18 26.91 41.23
CA GLU E 171 10.25 25.49 41.57
C GLU E 171 11.70 25.03 41.74
N GLU E 172 12.60 25.54 40.89
CA GLU E 172 14.00 25.17 41.00
C GLU E 172 14.59 25.63 42.34
N ARG E 173 14.29 26.87 42.74
CA ARG E 173 14.78 27.38 44.01
C ARG E 173 14.20 26.59 45.18
N ALA E 174 12.90 26.27 45.10
CA ALA E 174 12.29 25.47 46.15
C ALA E 174 12.97 24.11 46.28
N TRP E 175 13.23 23.45 45.15
CA TRP E 175 13.87 22.15 45.18
C TRP E 175 15.29 22.24 45.75
N TRP E 176 16.05 23.25 45.33
CA TRP E 176 17.42 23.39 45.83
C TRP E 176 17.43 23.69 47.32
N ASP E 177 16.50 24.53 47.79
CA ASP E 177 16.42 24.81 49.22
C ASP E 177 16.00 23.59 50.00
N LYS E 178 15.14 22.75 49.43
CA LYS E 178 14.74 21.52 50.10
C LYS E 178 15.91 20.55 50.21
N LYS E 179 16.65 20.37 49.12
CA LYS E 179 17.80 19.46 49.16
C LYS E 179 18.95 20.01 50.01
N ARG E 180 19.04 21.33 50.15
CA ARG E 180 20.11 21.94 50.92
C ARG E 180 19.95 21.66 52.41
N THR F 7 -20.65 32.02 5.04
CA THR F 7 -19.20 32.00 5.03
C THR F 7 -18.64 32.19 6.43
N TYR F 8 -18.74 33.41 6.95
CA TYR F 8 -18.24 33.74 8.28
C TYR F 8 -19.37 33.68 9.29
N THR F 9 -18.98 33.58 10.56
CA THR F 9 -19.93 33.59 11.68
C THR F 9 -19.93 34.97 12.31
N HIS F 10 -21.11 35.59 12.36
CA HIS F 10 -21.23 36.95 12.88
C HIS F 10 -21.19 36.93 14.41
N TYR F 11 -20.16 37.57 14.97
CA TYR F 11 -20.06 37.71 16.42
C TYR F 11 -20.56 39.09 16.82
N PRO F 12 -21.56 39.19 17.68
CA PRO F 12 -22.06 40.50 18.08
C PRO F 12 -21.06 41.27 18.94
N LEU F 13 -20.47 42.32 18.38
CA LEU F 13 -19.48 43.12 19.06
C LEU F 13 -20.08 44.47 19.44
N HIS F 14 -19.30 45.26 20.18
CA HIS F 14 -19.75 46.58 20.62
C HIS F 14 -18.53 47.42 20.93
N LEU F 15 -18.31 48.47 20.15
CA LEU F 15 -17.18 49.36 20.38
C LEU F 15 -17.52 50.37 21.48
N ASP F 16 -16.51 50.71 22.28
CA ASP F 16 -16.66 51.67 23.35
C ASP F 16 -15.98 52.97 22.95
N PRO F 17 -16.73 54.07 22.82
CA PRO F 17 -16.11 55.34 22.43
C PRO F 17 -15.12 55.82 23.48
N SER F 18 -14.17 56.64 23.03
CA SER F 18 -13.08 57.23 23.81
C SER F 18 -12.09 56.20 24.30
N SER F 19 -12.32 54.92 24.04
CA SER F 19 -11.39 53.86 24.43
C SER F 19 -10.71 53.20 23.24
N LYS F 20 -11.35 53.18 22.07
CA LYS F 20 -10.80 52.59 20.85
C LYS F 20 -10.43 51.13 21.06
N ALA F 21 -11.18 50.43 21.91
CA ALA F 21 -10.96 49.02 22.21
C ALA F 21 -12.31 48.31 22.16
N VAL F 22 -12.51 47.46 21.15
CA VAL F 22 -13.78 46.77 20.99
C VAL F 22 -13.98 45.77 22.11
N SER F 23 -15.23 45.57 22.51
CA SER F 23 -15.60 44.67 23.60
C SER F 23 -16.73 43.77 23.15
N LEU F 24 -16.60 42.48 23.43
CA LEU F 24 -17.60 41.51 23.02
C LEU F 24 -18.87 41.66 23.86
N ALA F 25 -20.02 41.65 23.18
CA ALA F 25 -21.30 41.64 23.86
C ALA F 25 -21.71 40.19 24.14
N THR F 26 -22.51 40.02 25.19
CA THR F 26 -22.91 38.69 25.61
C THR F 26 -23.82 38.06 24.56
N THR F 27 -23.54 36.80 24.22
CA THR F 27 -24.32 36.08 23.23
C THR F 27 -25.69 35.70 23.77
N GLY F 29 -20.55 32.65 21.95
CA GLY F 29 -21.19 31.75 21.02
C GLY F 29 -21.87 30.58 21.69
N GLN F 30 -22.61 30.87 22.77
CA GLN F 30 -23.34 29.86 23.54
C GLN F 30 -22.42 28.77 24.06
N THR F 31 -21.17 29.13 24.37
CA THR F 31 -20.19 28.17 24.88
C THR F 31 -19.11 28.92 25.66
N PRO F 32 -18.82 28.51 26.90
CA PRO F 32 -17.78 29.22 27.67
C PRO F 32 -16.40 29.13 27.05
N ALA F 33 -16.07 28.01 26.42
CA ALA F 33 -14.76 27.88 25.78
C ALA F 33 -14.60 28.88 24.64
N GLN F 34 -15.60 28.95 23.76
CA GLN F 34 -15.58 29.94 22.69
C GLN F 34 -15.54 31.36 23.26
N THR F 35 -16.26 31.58 24.37
CA THR F 35 -16.29 32.90 24.97
C THR F 35 -14.91 33.32 25.46
N GLU F 36 -14.24 32.46 26.22
CA GLU F 36 -12.91 32.82 26.70
C GLU F 36 -11.90 32.90 25.55
N ALA F 37 -12.07 32.07 24.51
CA ALA F 37 -11.17 32.16 23.36
C ALA F 37 -11.29 33.51 22.67
N VAL F 38 -12.52 33.93 22.37
CA VAL F 38 -12.69 35.21 21.69
C VAL F 38 -12.33 36.36 22.63
N GLU F 39 -12.45 36.16 23.95
CA GLU F 39 -12.03 37.22 24.88
C GLU F 39 -10.52 37.39 24.85
N ALA F 40 -9.77 36.30 24.88
CA ALA F 40 -8.32 36.40 24.79
C ALA F 40 -7.90 36.99 23.44
N GLU F 41 -8.55 36.56 22.36
CA GLU F 41 -8.24 37.13 21.05
C GLU F 41 -8.53 38.63 21.02
N LEU F 42 -9.62 39.04 21.68
CA LEU F 42 -9.98 40.45 21.70
C LEU F 42 -8.98 41.26 22.52
N GLN F 43 -8.48 40.70 23.62
CA GLN F 43 -7.46 41.38 24.40
C GLN F 43 -6.18 41.54 23.59
N GLN F 44 -5.77 40.49 22.88
CA GLN F 44 -4.58 40.61 22.03
C GLN F 44 -4.79 41.62 20.92
N LEU F 45 -6.01 41.69 20.38
CA LEU F 45 -6.31 42.67 19.34
C LEU F 45 -6.23 44.10 19.89
N ASN F 46 -6.75 44.31 21.10
CA ASN F 46 -6.65 45.63 21.72
C ASN F 46 -5.19 46.00 21.97
N ALA F 47 -4.37 45.03 22.38
CA ALA F 47 -2.96 45.29 22.58
C ALA F 47 -2.27 45.69 21.28
N LEU F 48 -2.56 44.95 20.19
CA LEU F 48 -2.00 45.30 18.90
C LEU F 48 -2.47 46.68 18.45
N HIS F 49 -3.72 47.01 18.74
CA HIS F 49 -4.23 48.33 18.38
C HIS F 49 -3.51 49.44 19.14
N ARG F 50 -3.25 49.21 20.43
CA ARG F 50 -2.48 50.19 21.20
C ARG F 50 -1.08 50.35 20.62
N SER F 51 -0.44 49.23 20.27
CA SER F 51 0.89 49.31 19.68
C SER F 51 0.88 50.09 18.38
N LEU F 52 -0.12 49.84 17.53
CA LEU F 52 -0.18 50.51 16.24
C LEU F 52 -0.49 52.00 16.40
N ILE F 53 -1.35 52.36 17.36
CA ILE F 53 -1.65 53.76 17.58
C ILE F 53 -0.48 54.47 18.25
N SER F 54 0.40 53.73 18.92
CA SER F 54 1.62 54.32 19.47
C SER F 54 2.77 54.31 18.48
N LEU F 55 2.64 53.61 17.36
CA LEU F 55 3.71 53.56 16.36
C LEU F 55 4.03 54.95 15.82
N ASP F 56 3.07 55.56 15.14
CA ASP F 56 3.30 56.82 14.44
C ASP F 56 1.97 57.49 14.09
N PRO F 57 1.97 58.69 13.54
CA PRO F 57 0.71 59.28 13.02
C PRO F 57 0.09 58.40 11.95
N PRO F 58 0.90 57.80 11.03
CA PRO F 58 0.32 56.74 10.19
C PRO F 58 0.03 55.48 11.00
N ASN F 59 -0.62 54.50 10.39
CA ASN F 59 -0.99 53.28 11.10
C ASN F 59 -0.29 52.04 10.60
N VAL F 60 0.20 52.03 9.37
CA VAL F 60 0.82 50.83 8.81
C VAL F 60 2.15 50.59 9.49
N PRO F 61 2.56 49.34 9.71
CA PRO F 61 3.87 49.09 10.31
C PRO F 61 4.96 49.19 9.26
N PRO F 62 6.10 49.80 9.60
CA PRO F 62 7.19 49.93 8.62
C PRO F 62 7.78 48.58 8.27
N PRO F 63 8.43 48.46 7.11
CA PRO F 63 8.97 47.17 6.72
C PRO F 63 10.12 46.76 7.64
N PRO F 64 10.39 45.46 7.77
CA PRO F 64 11.45 45.00 8.66
C PRO F 64 12.85 45.09 8.10
N LEU F 65 13.05 45.69 6.93
CA LEU F 65 14.38 45.78 6.35
C LEU F 65 15.23 46.85 7.06
N PRO F 66 14.75 48.09 7.22
CA PRO F 66 15.52 49.04 8.02
C PRO F 66 15.26 48.84 9.51
N ILE F 67 16.25 49.21 10.31
CA ILE F 67 16.20 49.04 11.75
C ILE F 67 16.57 50.36 12.42
N ASN F 68 15.72 50.81 13.34
CA ASN F 68 16.01 52.02 14.09
C ASN F 68 17.11 51.75 15.11
N PRO F 69 18.14 52.59 15.19
CA PRO F 69 19.28 52.32 16.07
C PRO F 69 19.13 52.83 17.49
N LYS F 70 18.03 53.50 17.84
CA LYS F 70 17.89 54.05 19.18
C LYS F 70 17.80 52.94 20.22
N ARG F 71 16.98 51.92 19.96
CA ARG F 71 16.88 50.80 20.87
C ARG F 71 18.22 50.10 21.05
N SER F 72 18.93 49.87 19.95
CA SER F 72 20.24 49.22 20.02
C SER F 72 21.22 50.04 20.84
N ALA F 73 21.27 51.34 20.59
CA ALA F 73 22.17 52.20 21.36
C ALA F 73 21.83 52.16 22.84
N GLN F 74 20.55 52.23 23.17
CA GLN F 74 20.15 52.22 24.58
C GLN F 74 20.50 50.89 25.25
N ILE F 75 20.24 49.77 24.57
CA ILE F 75 20.51 48.47 25.19
C ILE F 75 22.02 48.25 25.33
N THR F 76 22.81 48.73 24.37
CA THR F 76 24.26 48.59 24.50
C THR F 76 24.80 49.46 25.63
N LYS F 77 24.27 50.69 25.78
CA LYS F 77 24.69 51.52 26.90
C LYS F 77 24.33 50.87 28.23
N LEU F 78 23.12 50.32 28.33
CA LEU F 78 22.72 49.66 29.57
C LEU F 78 23.60 48.45 29.86
N LYS F 79 23.88 47.64 28.83
CA LYS F 79 24.74 46.48 29.03
C LYS F 79 26.14 46.91 29.46
N GLU F 80 26.67 47.97 28.86
CA GLU F 80 28.01 48.43 29.19
C GLU F 80 28.08 48.93 30.64
N THR F 81 27.10 49.73 31.06
CA THR F 81 27.13 50.24 32.42
C THR F 81 26.91 49.11 33.43
N ALA F 82 26.05 48.14 33.09
CA ALA F 82 25.85 47.01 33.98
C ALA F 82 27.13 46.19 34.11
N ASN F 83 27.85 45.99 33.01
CA ASN F 83 29.07 45.20 33.05
C ASN F 83 30.16 45.91 33.83
N THR F 84 30.32 47.23 33.62
CA THR F 84 31.36 47.94 34.37
C THR F 84 30.98 48.12 35.83
N ALA F 85 29.68 48.05 36.17
CA ALA F 85 29.30 48.06 37.58
C ALA F 85 29.54 46.69 38.21
N TYR F 86 29.30 45.62 37.46
CA TYR F 86 29.57 44.28 37.99
C TYR F 86 31.08 44.06 38.17
N LYS F 87 31.89 44.63 37.28
CA LYS F 87 33.33 44.50 37.42
C LYS F 87 33.86 45.18 38.67
N ARG F 88 33.07 46.06 39.29
CA ARG F 88 33.50 46.70 40.52
C ARG F 88 33.52 45.72 41.69
N GLY F 89 32.70 44.68 41.62
CA GLY F 89 32.68 43.68 42.68
C GLY F 89 31.29 43.34 43.18
N ASN F 90 30.40 44.33 43.24
CA ASN F 90 29.04 44.08 43.67
C ASN F 90 28.25 43.39 42.56
N HIS F 91 27.17 42.72 42.96
CA HIS F 91 26.36 41.95 42.02
C HIS F 91 24.86 42.21 42.12
N GLY F 92 24.35 42.73 43.24
CA GLY F 92 22.94 43.00 43.36
C GLY F 92 22.45 44.01 42.33
N GLU F 93 23.06 45.19 42.33
CA GLU F 93 22.73 46.18 41.31
C GLU F 93 23.07 45.67 39.91
N ALA F 94 24.07 44.78 39.80
CA ALA F 94 24.43 44.22 38.51
C ALA F 94 23.28 43.39 37.94
N VAL F 95 22.77 42.44 38.72
CA VAL F 95 21.66 41.63 38.23
C VAL F 95 20.39 42.48 38.11
N ARG F 96 20.26 43.53 38.91
CA ARG F 96 19.11 44.42 38.76
C ARG F 96 19.14 45.11 37.40
N LEU F 97 20.28 45.68 37.04
CA LEU F 97 20.41 46.31 35.72
C LEU F 97 20.28 45.28 34.60
N TYR F 98 20.77 44.06 34.81
CA TYR F 98 20.60 43.01 33.82
C TYR F 98 19.13 42.73 33.56
N SER F 99 18.36 42.56 34.64
CA SER F 99 16.93 42.30 34.50
C SER F 99 16.21 43.49 33.86
N TYR F 100 16.63 44.71 34.22
CA TYR F 100 16.02 45.89 33.61
C TYR F 100 16.28 45.94 32.12
N ALA F 101 17.51 45.63 31.69
CA ALA F 101 17.81 45.60 30.27
C ALA F 101 17.07 44.49 29.56
N ILE F 102 16.91 43.34 30.22
CA ILE F 102 16.14 42.24 29.64
C ILE F 102 14.70 42.67 29.40
N GLU F 103 14.10 43.34 30.39
CA GLU F 103 12.74 43.83 30.23
C GLU F 103 12.64 44.86 29.12
N MET F 104 13.61 45.78 29.06
CA MET F 104 13.61 46.79 28.01
C MET F 104 13.70 46.15 26.63
N ALA F 105 14.52 45.10 26.50
CA ALA F 105 14.66 44.44 25.20
C ALA F 105 13.39 43.68 24.84
N ALA F 106 12.83 42.93 25.78
CA ALA F 106 11.67 42.10 25.48
C ALA F 106 10.43 42.95 25.22
N GLY F 107 10.33 44.12 25.85
CA GLY F 107 9.16 44.96 25.68
C GLY F 107 9.02 45.63 24.33
N ARG F 108 9.82 45.24 23.36
CA ARG F 108 9.81 45.86 22.04
C ARG F 108 8.91 45.09 21.09
N PRO F 109 8.41 45.75 20.03
CA PRO F 109 7.45 45.10 19.14
C PRO F 109 8.04 43.87 18.46
N GLY F 110 7.15 43.09 17.85
CA GLY F 110 7.53 41.84 17.23
C GLY F 110 7.63 41.89 15.71
N TRP F 111 7.17 42.98 15.10
CA TRP F 111 7.28 43.10 13.66
C TRP F 111 8.70 43.39 13.20
N GLU F 112 9.60 43.73 14.11
CA GLU F 112 11.00 43.93 13.77
C GLU F 112 11.69 42.58 13.61
N PRO F 113 12.87 42.56 12.97
CA PRO F 113 13.58 41.29 12.79
C PRO F 113 13.81 40.57 14.11
N VAL F 114 13.62 39.26 14.10
CA VAL F 114 13.69 38.47 15.32
C VAL F 114 15.13 38.14 15.70
N ASN F 115 16.06 38.16 14.74
CA ASN F 115 17.44 37.79 15.03
C ASN F 115 18.11 38.79 15.97
N LEU F 116 17.82 40.08 15.78
CA LEU F 116 18.43 41.10 16.64
C LEU F 116 18.01 40.93 18.09
N ALA F 117 16.70 40.86 18.33
CA ALA F 117 16.21 40.68 19.69
C ALA F 117 16.67 39.34 20.26
N ARG F 118 16.75 38.31 19.42
CA ARG F 118 17.19 37.00 19.89
C ARG F 118 18.63 37.05 20.38
N GLU F 119 19.51 37.67 19.59
CA GLU F 119 20.92 37.76 20.00
C GLU F 119 21.09 38.66 21.21
N GLU F 120 20.34 39.76 21.29
CA GLU F 120 20.44 40.63 22.45
C GLU F 120 20.00 39.91 23.72
N LEU F 121 18.89 39.17 23.64
CA LEU F 121 18.45 38.40 24.80
C LEU F 121 19.45 37.31 25.14
N SER F 122 20.08 36.70 24.13
CA SER F 122 21.13 35.72 24.40
C SER F 122 22.26 36.33 25.22
N GLY F 123 22.76 37.48 24.76
CA GLY F 123 23.84 38.14 25.49
C GLY F 123 23.44 38.53 26.90
N LEU F 124 22.25 39.12 27.05
CA LEU F 124 21.82 39.55 28.37
C LEU F 124 21.62 38.37 29.31
N TYR F 125 21.04 37.28 28.81
CA TYR F 125 20.84 36.11 29.65
C TYR F 125 22.17 35.47 30.04
N ALA F 126 23.13 35.44 29.11
CA ALA F 126 24.45 34.92 29.46
C ALA F 126 25.11 35.77 30.53
N ASN F 127 25.04 37.09 30.40
CA ASN F 127 25.63 37.96 31.41
C ASN F 127 24.96 37.78 32.77
N ARG F 128 23.62 37.69 32.78
CA ARG F 128 22.93 37.51 34.06
C ARG F 128 23.23 36.15 34.66
N ALA F 129 23.39 35.13 33.82
CA ALA F 129 23.75 33.81 34.34
C ALA F 129 25.14 33.83 34.96
N GLN F 130 26.09 34.52 34.33
CA GLN F 130 27.42 34.63 34.92
C GLN F 130 27.37 35.42 36.23
N ALA F 131 26.56 36.47 36.27
CA ALA F 131 26.43 37.26 37.50
C ALA F 131 25.84 36.42 38.62
N HIS F 132 24.84 35.59 38.31
CA HIS F 132 24.27 34.71 39.32
C HIS F 132 25.28 33.65 39.75
N MET F 133 26.08 33.16 38.81
CA MET F 133 27.17 32.26 39.16
C MET F 133 28.13 32.93 40.15
N ALA F 134 28.34 34.24 40.00
CA ALA F 134 29.16 34.97 40.95
C ALA F 134 28.48 35.11 42.31
N GLN F 135 27.16 34.89 42.39
CA GLN F 135 26.42 35.02 43.63
C GLN F 135 26.05 33.67 44.24
N GLN F 136 26.63 32.59 43.74
CA GLN F 136 26.41 31.22 44.23
C GLN F 136 24.96 30.76 44.07
N MET F 137 24.12 31.54 43.38
CA MET F 137 22.72 31.17 43.15
C MET F 137 22.68 30.22 41.97
N TRP F 138 22.61 28.93 42.26
CA TRP F 138 22.72 27.89 41.23
C TRP F 138 21.45 27.71 40.40
N PRO F 139 20.25 27.63 41.00
CA PRO F 139 19.06 27.42 40.16
C PRO F 139 18.80 28.56 39.18
N GLU F 140 18.88 29.81 39.66
CA GLU F 140 18.64 30.94 38.78
C GLU F 140 19.68 31.02 37.67
N GLY F 141 20.95 30.78 38.02
CA GLY F 141 21.99 30.77 37.01
C GLY F 141 21.78 29.68 35.96
N TRP F 142 21.39 28.49 36.41
CA TRP F 142 21.17 27.39 35.48
C TRP F 142 20.00 27.69 34.55
N VAL F 143 18.90 28.23 35.10
CA VAL F 143 17.74 28.49 34.25
C VAL F 143 18.03 29.65 33.30
N ASP F 144 18.83 30.63 33.73
CA ASP F 144 19.22 31.71 32.82
C ASP F 144 20.11 31.20 31.70
N ALA F 145 21.05 30.30 32.03
CA ALA F 145 21.88 29.71 31.00
C ALA F 145 21.05 28.89 30.02
N LYS F 146 20.05 28.17 30.54
CA LYS F 146 19.16 27.41 29.67
C LYS F 146 18.38 28.33 28.74
N CYS F 147 17.88 29.44 29.27
CA CYS F 147 17.19 30.41 28.41
C CYS F 147 18.13 30.96 27.33
N SER F 148 19.36 31.30 27.72
CA SER F 148 20.31 31.85 26.76
C SER F 148 20.64 30.86 25.66
N VAL F 149 20.86 29.59 26.02
CA VAL F 149 21.22 28.61 25.01
C VAL F 149 20.01 28.25 24.14
N GLU F 150 18.80 28.30 24.72
CA GLU F 150 17.60 28.09 23.91
C GLU F 150 17.40 29.23 22.90
N SER F 151 17.77 30.45 23.28
CA SER F 151 17.66 31.56 22.35
C SER F 151 18.54 31.35 21.13
N LYS F 152 19.85 31.28 21.32
CA LYS F 152 20.81 31.12 20.23
C LYS F 152 21.72 29.94 20.52
N PRO F 153 21.45 28.76 19.95
CA PRO F 153 22.28 27.59 20.25
C PRO F 153 23.65 27.63 19.59
N VAL F 154 23.71 28.00 18.31
CA VAL F 154 24.97 27.94 17.58
C VAL F 154 25.76 29.21 17.83
N GLY F 155 27.08 29.13 17.66
CA GLY F 155 27.95 30.26 17.91
C GLY F 155 28.10 30.66 19.35
N ASN F 156 27.63 29.83 20.28
CA ASN F 156 27.73 30.11 21.71
C ASN F 156 28.25 28.87 22.42
N ALA F 157 29.24 29.05 23.29
CA ALA F 157 29.80 27.93 24.04
C ALA F 157 29.81 28.25 25.53
N LYS F 158 29.96 29.52 25.87
CA LYS F 158 29.97 29.92 27.28
C LYS F 158 28.65 29.59 27.95
N GLY F 159 27.55 29.63 27.21
CA GLY F 159 26.26 29.24 27.79
C GLY F 159 26.23 27.78 28.20
N TRP F 160 26.60 26.89 27.27
CA TRP F 160 26.69 25.47 27.60
C TRP F 160 27.63 25.24 28.76
N TRP F 161 28.77 25.94 28.76
CA TRP F 161 29.76 25.73 29.82
C TRP F 161 29.21 26.13 31.18
N ARG F 162 28.57 27.30 31.25
CA ARG F 162 28.00 27.75 32.52
C ARG F 162 26.89 26.83 32.98
N GLY F 163 26.06 26.34 32.05
CA GLY F 163 25.02 25.41 32.43
C GLY F 163 25.57 24.12 33.00
N GLY F 164 26.54 23.53 32.30
CA GLY F 164 27.15 22.31 32.80
C GLY F 164 27.84 22.50 34.13
N LYS F 165 28.52 23.65 34.31
CA LYS F 165 29.19 23.91 35.57
C LYS F 165 28.20 24.07 36.71
N CYS F 166 27.11 24.80 36.47
CA CYS F 166 26.08 24.94 37.49
C CYS F 166 25.49 23.58 37.87
N LEU F 167 25.24 22.74 36.87
CA LEU F 167 24.76 21.38 37.14
C LEU F 167 25.73 20.63 38.03
N VAL F 168 26.99 20.51 37.59
CA VAL F 168 27.98 19.77 38.35
C VAL F 168 28.13 20.32 39.76
N GLU F 169 27.97 21.63 39.93
CA GLU F 169 28.02 22.21 41.27
C GLU F 169 26.82 21.80 42.12
N MET F 170 25.63 21.70 41.51
CA MET F 170 24.44 21.36 42.25
C MET F 170 24.09 19.88 42.23
N GLY F 171 24.80 19.08 41.44
CA GLY F 171 24.51 17.66 41.39
C GLY F 171 23.87 17.22 40.09
N ARG F 172 23.05 16.18 40.13
CA ARG F 172 22.34 15.67 38.96
C ARG F 172 23.32 15.36 37.83
N TYR F 173 24.23 14.42 38.11
CA TYR F 173 25.33 14.16 37.19
C TYR F 173 24.86 13.67 35.83
N ASP F 174 23.71 12.97 35.78
CA ASP F 174 23.22 12.47 34.51
C ASP F 174 22.79 13.61 33.59
N GLU F 175 22.10 14.62 34.14
CA GLU F 175 21.70 15.76 33.33
C GLU F 175 22.92 16.55 32.86
N ALA F 176 23.96 16.65 33.70
CA ALA F 176 25.18 17.31 33.28
C ALA F 176 25.86 16.54 32.15
N ARG F 177 25.89 15.21 32.25
CA ARG F 177 26.44 14.38 31.19
C ARG F 177 25.69 14.62 29.88
N ALA F 178 24.37 14.60 29.93
CA ALA F 178 23.58 14.81 28.71
C ALA F 178 23.78 16.20 28.15
N TRP F 179 23.86 17.20 29.03
CA TRP F 179 24.06 18.58 28.60
C TRP F 179 25.39 18.74 27.87
N ILE F 180 26.48 18.26 28.48
CA ILE F 180 27.78 18.38 27.85
C ILE F 180 27.86 17.52 26.61
N GLU F 181 27.14 16.39 26.58
CA GLU F 181 27.12 15.56 25.38
C GLU F 181 26.48 16.29 24.22
N GLN F 182 25.34 16.93 24.46
CA GLN F 182 24.70 17.71 23.40
C GLN F 182 25.56 18.90 23.00
N ALA F 183 26.25 19.52 23.97
CA ALA F 183 27.13 20.64 23.65
C ALA F 183 28.26 20.19 22.73
N LEU F 184 28.90 19.06 23.05
CA LEU F 184 29.97 18.55 22.20
C LEU F 184 29.43 18.11 20.84
N GLY F 185 28.20 17.59 20.79
CA GLY F 185 27.61 17.24 19.52
C GLY F 185 27.34 18.45 18.64
N ILE F 186 27.00 19.58 19.25
CA ILE F 186 26.83 20.82 18.49
C ILE F 186 28.15 21.55 18.31
N GLU F 187 28.91 21.70 19.39
CA GLU F 187 30.20 22.37 19.37
C GLU F 187 30.12 23.78 18.78
N SER F 191 39.84 25.86 18.95
CA SER F 191 38.49 25.98 19.47
C SER F 191 38.47 25.98 21.00
N ASP F 192 38.38 27.18 21.58
CA ASP F 192 38.33 27.30 23.03
C ASP F 192 37.05 26.70 23.60
N GLY F 193 35.95 26.77 22.84
CA GLY F 193 34.70 26.17 23.32
C GLY F 193 34.81 24.67 23.47
N GLY F 194 35.37 24.00 22.46
CA GLY F 194 35.56 22.56 22.55
C GLY F 194 36.49 22.16 23.67
N LYS F 195 37.55 22.95 23.87
CA LYS F 195 38.49 22.66 24.96
C LYS F 195 37.81 22.82 26.31
N GLU F 196 37.02 23.87 26.49
CA GLU F 196 36.30 24.06 27.75
C GLU F 196 35.28 22.95 27.97
N LEU F 197 34.60 22.51 26.90
CA LEU F 197 33.64 21.42 27.03
C LEU F 197 34.32 20.13 27.44
N ALA F 198 35.47 19.83 26.82
CA ALA F 198 36.21 18.62 27.19
C ALA F 198 36.70 18.71 28.63
N ALA F 199 37.17 19.88 29.06
CA ALA F 199 37.65 20.05 30.42
C ALA F 199 36.51 19.86 31.42
N LEU F 200 35.33 20.38 31.10
CA LEU F 200 34.21 20.24 32.02
C LEU F 200 33.68 18.81 32.05
N LEU F 201 33.72 18.12 30.90
CA LEU F 201 33.29 16.74 30.86
C LEU F 201 34.26 15.83 31.63
N GLU F 202 35.55 16.16 31.58
CA GLU F 202 36.52 15.39 32.34
C GLU F 202 36.36 15.55 33.84
N GLU F 203 35.62 16.56 34.28
CA GLU F 203 35.36 16.78 35.71
C GLU F 203 34.25 15.89 36.25
N ILE F 204 33.86 14.86 35.51
CA ILE F 204 32.83 13.94 35.97
C ILE F 204 33.32 13.15 37.18
#